data_6XFL
#
_entry.id   6XFL
#
loop_
_entity.id
_entity.type
_entity.pdbx_description
1 polymer 'Type 3 secretion system pilotin'
2 polymer 'Type 3 secretion system secretin'
#
loop_
_entity_poly.entity_id
_entity_poly.type
_entity_poly.pdbx_seq_one_letter_code
_entity_poly.pdbx_strand_id
1 'polypeptide(L)'
;GSHMDNSASKNSAISSSIFCEKYKQTKEQALTFFQEHPQYMRSKEDEEQLMTEFKKVLLEPGSKNLSIYQTLLAAHERLQ
AL
;
A
2 'polypeptide(L)' GSHMDPLTPDASESVNNILKQSGAWSGDDKLQKWVRVYLDRGQEAIK B
#
# COMPACT_ATOMS: atom_id res chain seq x y z
N MET A 4 -12.27 13.64 11.85
CA MET A 4 -11.38 13.55 13.01
C MET A 4 -10.72 14.89 13.29
N ASP A 5 -11.17 15.57 14.34
CA ASP A 5 -10.62 16.86 14.72
C ASP A 5 -9.10 16.76 14.90
N ASN A 6 -8.42 17.88 14.65
CA ASN A 6 -6.97 17.93 14.78
C ASN A 6 -6.31 16.82 13.95
N SER A 7 -6.71 16.72 12.69
CA SER A 7 -6.17 15.71 11.79
C SER A 7 -4.99 16.28 10.98
N ALA A 8 -4.26 15.38 10.33
CA ALA A 8 -3.10 15.79 9.53
C ALA A 8 -2.99 14.94 8.28
N SER A 9 -2.70 15.58 7.15
CA SER A 9 -2.56 14.87 5.87
C SER A 9 -1.14 14.99 5.34
N LYS A 10 -0.62 16.21 5.32
CA LYS A 10 0.73 16.47 4.83
C LYS A 10 1.76 15.69 5.65
N ASN A 11 2.98 15.62 5.15
CA ASN A 11 4.05 14.91 5.84
C ASN A 11 5.30 15.78 5.94
N SER A 12 5.66 16.43 4.83
CA SER A 12 6.84 17.29 4.80
C SER A 12 6.92 18.03 3.48
N ALA A 13 7.52 19.22 3.50
CA ALA A 13 7.67 20.05 2.31
C ALA A 13 9.07 19.90 1.72
N ILE A 14 9.60 18.68 1.76
CA ILE A 14 10.93 18.41 1.23
C ILE A 14 10.85 17.63 -0.09
N SER A 15 10.53 18.33 -1.17
CA SER A 15 10.42 17.71 -2.48
C SER A 15 11.72 17.87 -3.27
N SER A 16 12.69 16.99 -2.98
CA SER A 16 13.98 17.04 -3.66
C SER A 16 14.15 15.82 -4.56
N SER A 17 13.65 14.68 -4.12
CA SER A 17 13.76 13.44 -4.88
C SER A 17 12.48 13.19 -5.68
N ILE A 18 12.64 12.77 -6.93
CA ILE A 18 11.50 12.50 -7.79
C ILE A 18 10.81 11.20 -7.39
N PHE A 19 11.59 10.24 -6.92
CA PHE A 19 11.05 8.94 -6.50
C PHE A 19 9.93 9.14 -5.49
N CYS A 20 10.06 10.15 -4.64
CA CYS A 20 9.06 10.43 -3.63
C CYS A 20 7.74 10.85 -4.28
N GLU A 21 7.82 11.77 -5.23
CA GLU A 21 6.63 12.24 -5.94
C GLU A 21 5.81 11.08 -6.48
N LYS A 22 6.48 9.98 -6.77
CA LYS A 22 5.81 8.80 -7.30
C LYS A 22 4.61 8.42 -6.43
N TYR A 23 4.68 8.76 -5.15
CA TYR A 23 3.60 8.45 -4.22
C TYR A 23 2.26 8.88 -4.79
N LYS A 24 2.26 9.93 -5.60
CA LYS A 24 1.04 10.44 -6.21
C LYS A 24 0.46 9.42 -7.19
N GLN A 25 1.23 9.10 -8.22
CA GLN A 25 0.80 8.13 -9.23
C GLN A 25 0.43 6.80 -8.57
N THR A 26 1.28 6.32 -7.67
CA THR A 26 1.05 5.07 -6.98
C THR A 26 -0.27 5.09 -6.22
N LYS A 27 -0.42 6.09 -5.34
CA LYS A 27 -1.64 6.22 -4.56
C LYS A 27 -2.87 6.22 -5.45
N GLU A 28 -2.80 6.95 -6.56
CA GLU A 28 -3.91 7.03 -7.50
C GLU A 28 -4.24 5.66 -8.06
N GLN A 29 -3.22 4.92 -8.46
CA GLN A 29 -3.40 3.59 -9.03
C GLN A 29 -4.03 2.65 -8.01
N ALA A 30 -3.69 2.84 -6.74
CA ALA A 30 -4.23 2.01 -5.67
C ALA A 30 -5.71 2.27 -5.47
N LEU A 31 -6.06 3.51 -5.13
CA LEU A 31 -7.45 3.88 -4.92
C LEU A 31 -8.30 3.54 -6.13
N THR A 32 -7.75 3.73 -7.32
CA THR A 32 -8.45 3.43 -8.55
C THR A 32 -8.77 1.95 -8.66
N PHE A 33 -7.78 1.11 -8.40
CA PHE A 33 -7.95 -0.34 -8.47
C PHE A 33 -8.81 -0.83 -7.31
N PHE A 34 -8.78 -0.09 -6.20
CA PHE A 34 -9.55 -0.46 -5.02
C PHE A 34 -11.02 -0.06 -5.17
N GLN A 35 -11.25 1.08 -5.83
CA GLN A 35 -12.59 1.58 -6.05
C GLN A 35 -13.22 0.93 -7.26
N GLU A 36 -12.42 0.73 -8.31
CA GLU A 36 -12.91 0.12 -9.54
C GLU A 36 -13.16 -1.38 -9.34
N HIS A 37 -12.28 -2.02 -8.58
CA HIS A 37 -12.40 -3.45 -8.31
C HIS A 37 -12.19 -3.74 -6.84
N PRO A 38 -13.17 -3.32 -6.01
CA PRO A 38 -13.13 -3.52 -4.56
C PRO A 38 -13.30 -5.00 -4.18
N GLN A 39 -12.26 -5.79 -4.42
CA GLN A 39 -12.31 -7.21 -4.10
C GLN A 39 -12.70 -7.43 -2.64
N TYR A 40 -12.23 -6.55 -1.76
CA TYR A 40 -12.53 -6.65 -0.34
C TYR A 40 -14.04 -6.70 -0.10
N MET A 41 -14.79 -6.00 -0.95
CA MET A 41 -16.24 -5.97 -0.83
C MET A 41 -16.86 -7.24 -1.42
N ARG A 42 -16.13 -7.88 -2.33
CA ARG A 42 -16.61 -9.10 -2.97
C ARG A 42 -16.39 -10.30 -2.06
N SER A 43 -15.19 -10.42 -1.52
CA SER A 43 -14.85 -11.53 -0.63
C SER A 43 -13.69 -11.16 0.29
N LYS A 44 -13.98 -11.12 1.59
CA LYS A 44 -12.97 -10.78 2.58
C LYS A 44 -11.72 -11.65 2.41
N GLU A 45 -11.92 -12.87 1.92
CA GLU A 45 -10.80 -13.79 1.71
C GLU A 45 -10.00 -13.39 0.47
N ASP A 46 -10.70 -12.92 -0.56
CA ASP A 46 -10.04 -12.51 -1.80
C ASP A 46 -9.01 -11.42 -1.53
N GLU A 47 -9.47 -10.30 -0.97
CA GLU A 47 -8.60 -9.19 -0.66
C GLU A 47 -7.39 -9.64 0.15
N GLU A 48 -7.62 -10.55 1.09
CA GLU A 48 -6.56 -11.07 1.93
C GLU A 48 -5.48 -11.76 1.09
N GLN A 49 -5.88 -12.79 0.36
CA GLN A 49 -4.96 -13.54 -0.49
C GLN A 49 -4.20 -12.60 -1.41
N LEU A 50 -4.89 -11.60 -1.96
CA LEU A 50 -4.28 -10.64 -2.86
C LEU A 50 -3.22 -9.81 -2.13
N MET A 51 -3.52 -9.44 -0.89
CA MET A 51 -2.59 -8.65 -0.09
C MET A 51 -1.32 -9.44 0.19
N THR A 52 -1.46 -10.59 0.84
CA THR A 52 -0.31 -11.43 1.17
C THR A 52 0.54 -11.71 -0.07
N GLU A 53 -0.11 -12.08 -1.16
CA GLU A 53 0.58 -12.37 -2.40
C GLU A 53 1.22 -11.11 -2.98
N PHE A 54 0.50 -10.00 -2.88
CA PHE A 54 0.99 -8.71 -3.39
C PHE A 54 2.27 -8.30 -2.69
N LYS A 55 2.41 -8.72 -1.42
CA LYS A 55 3.60 -8.39 -0.64
C LYS A 55 4.73 -9.36 -0.95
N LYS A 56 4.39 -10.62 -1.19
CA LYS A 56 5.37 -11.65 -1.50
C LYS A 56 5.90 -11.49 -2.93
N VAL A 57 5.03 -11.04 -3.82
CA VAL A 57 5.41 -10.85 -5.22
C VAL A 57 6.27 -9.60 -5.38
N LEU A 58 6.29 -8.76 -4.36
CA LEU A 58 7.07 -7.53 -4.39
C LEU A 58 8.51 -7.78 -3.94
N LEU A 59 8.68 -8.72 -3.02
CA LEU A 59 10.00 -9.07 -2.52
C LEU A 59 10.62 -10.19 -3.34
N GLU A 60 9.77 -11.07 -3.86
CA GLU A 60 10.23 -12.19 -4.67
C GLU A 60 11.23 -11.73 -5.73
N PRO A 61 10.77 -10.83 -6.62
CA PRO A 61 11.61 -10.30 -7.70
C PRO A 61 12.70 -9.37 -7.17
N GLY A 62 13.78 -9.26 -7.94
CA GLY A 62 14.89 -8.40 -7.53
C GLY A 62 14.75 -6.99 -8.07
N SER A 63 13.91 -6.82 -9.09
CA SER A 63 13.70 -5.52 -9.70
C SER A 63 12.68 -4.71 -8.90
N LYS A 64 12.90 -4.62 -7.59
CA LYS A 64 11.98 -3.89 -6.72
C LYS A 64 11.82 -2.45 -7.20
N ASN A 65 12.75 -2.00 -8.04
CA ASN A 65 12.70 -0.64 -8.58
C ASN A 65 11.82 -0.57 -9.82
N LEU A 66 10.89 -1.52 -9.92
CA LEU A 66 9.98 -1.57 -11.06
C LEU A 66 8.75 -0.69 -10.82
N SER A 67 8.02 -0.39 -11.89
CA SER A 67 6.83 0.44 -11.79
C SER A 67 5.78 -0.22 -10.91
N ILE A 68 5.10 0.59 -10.10
CA ILE A 68 4.07 0.08 -9.21
C ILE A 68 2.95 -0.60 -10.00
N TYR A 69 2.86 -0.28 -11.28
CA TYR A 69 1.83 -0.86 -12.14
C TYR A 69 2.07 -2.35 -12.33
N GLN A 70 3.34 -2.74 -12.43
CA GLN A 70 3.69 -4.14 -12.61
C GLN A 70 3.47 -4.93 -11.34
N THR A 71 3.87 -4.35 -10.21
CA THR A 71 3.72 -5.01 -8.90
C THR A 71 2.27 -5.44 -8.69
N LEU A 72 1.35 -4.49 -8.78
CA LEU A 72 -0.07 -4.78 -8.59
C LEU A 72 -0.60 -5.67 -9.70
N LEU A 73 -0.26 -5.33 -10.95
CA LEU A 73 -0.70 -6.11 -12.09
C LEU A 73 -0.37 -7.59 -11.92
N ALA A 74 0.89 -7.86 -11.64
CA ALA A 74 1.35 -9.24 -11.45
C ALA A 74 0.67 -9.88 -10.24
N ALA A 75 0.60 -9.12 -9.14
CA ALA A 75 -0.03 -9.61 -7.92
C ALA A 75 -1.49 -9.97 -8.16
N HIS A 76 -2.15 -9.22 -9.05
CA HIS A 76 -3.55 -9.48 -9.37
C HIS A 76 -3.69 -10.73 -10.22
N GLU A 77 -3.12 -10.70 -11.42
CA GLU A 77 -3.19 -11.84 -12.33
C GLU A 77 -2.75 -13.12 -11.63
N ARG A 78 -1.78 -13.00 -10.74
CA ARG A 78 -1.27 -14.15 -10.01
C ARG A 78 -2.31 -14.68 -9.04
N LEU A 79 -3.12 -13.79 -8.49
CA LEU A 79 -4.16 -14.16 -7.54
C LEU A 79 -5.19 -15.07 -8.20
N GLN A 80 -5.46 -14.82 -9.48
CA GLN A 80 -6.43 -15.62 -10.22
C GLN A 80 -5.74 -16.58 -11.17
N ALA A 81 -4.57 -17.07 -10.75
CA ALA A 81 -3.79 -18.00 -11.56
C ALA A 81 -4.13 -19.44 -11.20
N LEU A 82 -4.16 -20.31 -12.21
CA LEU A 82 -4.47 -21.72 -11.99
C LEU A 82 -3.24 -22.47 -11.49
N HIS B 3 18.08 -38.81 51.01
CA HIS B 3 17.15 -38.62 49.90
C HIS B 3 17.38 -37.28 49.20
N MET B 4 16.98 -37.21 47.94
CA MET B 4 17.14 -35.98 47.17
C MET B 4 15.82 -35.57 46.52
N ASP B 5 15.84 -34.46 45.80
CA ASP B 5 14.66 -33.95 45.13
C ASP B 5 14.50 -34.58 43.75
N PRO B 6 13.26 -34.61 43.23
CA PRO B 6 12.95 -35.18 41.93
C PRO B 6 13.51 -34.33 40.78
N LEU B 7 13.27 -33.03 40.84
CA LEU B 7 13.74 -32.12 39.81
C LEU B 7 13.50 -30.67 40.21
N THR B 8 13.93 -29.74 39.35
CA THR B 8 13.76 -28.32 39.62
C THR B 8 12.78 -27.69 38.64
N PRO B 9 11.51 -27.56 39.07
CA PRO B 9 10.46 -26.97 38.25
C PRO B 9 10.64 -25.48 38.04
N ASP B 10 10.15 -24.97 36.91
CA ASP B 10 10.27 -23.56 36.59
C ASP B 10 8.89 -22.91 36.50
N ALA B 11 8.86 -21.59 36.64
CA ALA B 11 7.60 -20.85 36.58
C ALA B 11 7.84 -19.35 36.71
N SER B 12 6.83 -18.56 36.35
CA SER B 12 6.94 -17.10 36.43
C SER B 12 7.39 -16.67 37.82
N GLU B 13 8.01 -15.49 37.89
CA GLU B 13 8.50 -14.96 39.15
C GLU B 13 8.61 -13.44 39.10
N SER B 14 7.78 -12.76 39.89
CA SER B 14 7.79 -11.30 39.93
C SER B 14 7.71 -10.72 38.52
N VAL B 15 7.02 -11.43 37.63
CA VAL B 15 6.87 -10.99 36.25
C VAL B 15 5.65 -10.09 36.09
N ASN B 16 5.80 -9.04 35.29
CA ASN B 16 4.70 -8.10 35.05
C ASN B 16 4.41 -8.00 33.55
N ASN B 17 3.25 -7.42 33.23
CA ASN B 17 2.84 -7.25 31.84
C ASN B 17 1.89 -6.08 31.70
N ILE B 18 1.97 -5.39 30.56
CA ILE B 18 1.12 -4.24 30.30
C ILE B 18 0.29 -4.45 29.03
N LEU B 19 -1.02 -4.36 29.17
CA LEU B 19 -1.93 -4.54 28.04
C LEU B 19 -1.98 -3.28 27.18
N LYS B 20 -1.89 -3.46 25.86
CA LYS B 20 -1.93 -2.34 24.93
C LYS B 20 -2.84 -2.65 23.75
N GLN B 21 -4.15 -2.49 23.95
CA GLN B 21 -5.12 -2.75 22.90
C GLN B 21 -5.70 -1.44 22.36
N SER B 22 -4.97 -0.80 21.46
CA SER B 22 -5.41 0.46 20.87
C SER B 22 -4.54 0.83 19.67
N GLY B 23 -5.06 1.72 18.82
CA GLY B 23 -4.33 2.14 17.65
C GLY B 23 -4.76 1.42 16.39
N ALA B 24 -5.47 2.13 15.52
CA ALA B 24 -5.95 1.55 14.27
C ALA B 24 -6.14 2.62 13.20
N TRP B 25 -6.23 2.19 11.95
CA TRP B 25 -6.40 3.12 10.83
C TRP B 25 -7.66 2.79 10.05
N SER B 26 -7.98 3.63 9.06
CA SER B 26 -9.16 3.43 8.24
C SER B 26 -9.28 4.52 7.18
N GLY B 27 -10.01 4.22 6.11
CA GLY B 27 -10.19 5.18 5.04
C GLY B 27 -9.06 5.12 4.02
N ASP B 28 -7.89 5.65 4.39
CA ASP B 28 -6.75 5.65 3.50
C ASP B 28 -5.92 4.39 3.68
N ASP B 29 -5.91 3.85 4.89
CA ASP B 29 -5.16 2.64 5.19
C ASP B 29 -5.44 1.56 4.16
N LYS B 30 -6.65 1.56 3.62
CA LYS B 30 -7.04 0.58 2.61
C LYS B 30 -6.01 0.49 1.50
N LEU B 31 -5.69 1.64 0.91
CA LEU B 31 -4.70 1.71 -0.16
C LEU B 31 -3.30 1.93 0.38
N GLN B 32 -3.22 2.61 1.52
CA GLN B 32 -1.95 2.89 2.15
C GLN B 32 -1.10 1.63 2.28
N LYS B 33 -1.71 0.56 2.77
CA LYS B 33 -1.02 -0.71 2.94
C LYS B 33 -0.28 -1.11 1.66
N TRP B 34 -1.00 -1.07 0.54
CA TRP B 34 -0.41 -1.42 -0.75
C TRP B 34 0.77 -0.51 -1.08
N VAL B 35 0.49 0.79 -1.18
CA VAL B 35 1.53 1.76 -1.49
C VAL B 35 2.72 1.62 -0.54
N ARG B 36 2.44 1.73 0.75
CA ARG B 36 3.49 1.61 1.76
C ARG B 36 4.40 0.43 1.47
N VAL B 37 3.81 -0.70 1.08
CA VAL B 37 4.57 -1.90 0.77
C VAL B 37 5.40 -1.71 -0.49
N TYR B 38 4.82 -1.03 -1.49
CA TYR B 38 5.51 -0.79 -2.75
C TYR B 38 6.76 0.05 -2.52
N LEU B 39 6.63 1.11 -1.73
CA LEU B 39 7.75 2.00 -1.44
C LEU B 39 8.68 1.36 -0.41
N ASP B 40 8.13 0.51 0.43
CA ASP B 40 8.92 -0.18 1.46
C ASP B 40 9.75 -1.29 0.86
N ARG B 41 9.23 -1.92 -0.19
CA ARG B 41 9.92 -3.01 -0.85
C ARG B 41 10.80 -2.49 -1.99
N GLY B 42 10.35 -1.41 -2.63
CA GLY B 42 11.10 -0.83 -3.72
C GLY B 42 12.52 -0.49 -3.34
N GLN B 43 12.67 0.52 -2.48
CA GLN B 43 14.00 0.94 -2.03
C GLN B 43 13.98 1.28 -0.54
N GLU B 44 13.01 2.09 -0.13
CA GLU B 44 12.90 2.49 1.26
C GLU B 44 11.62 3.32 1.49
N ALA B 45 11.23 3.47 2.75
CA ALA B 45 10.04 4.23 3.10
C ALA B 45 10.14 5.66 2.58
N ILE B 46 9.00 6.34 2.51
CA ILE B 46 8.95 7.71 2.03
C ILE B 46 7.78 8.47 2.64
N LYS B 47 8.05 9.68 3.12
CA LYS B 47 7.02 10.52 3.72
C LYS B 47 7.57 11.89 4.06
N MET A 4 39.53 -15.63 -22.55
CA MET A 4 38.38 -14.81 -22.19
C MET A 4 38.76 -13.33 -22.17
N ASP A 5 37.93 -12.50 -22.79
CA ASP A 5 38.18 -11.07 -22.84
C ASP A 5 37.63 -10.38 -21.59
N ASN A 6 38.10 -9.15 -21.35
CA ASN A 6 37.66 -8.39 -20.18
C ASN A 6 36.92 -7.13 -20.61
N SER A 7 36.48 -6.35 -19.62
CA SER A 7 35.76 -5.11 -19.90
C SER A 7 36.27 -3.97 -19.04
N ALA A 8 36.00 -4.06 -17.73
CA ALA A 8 36.44 -3.03 -16.79
C ALA A 8 35.79 -1.68 -17.10
N SER A 9 34.46 -1.68 -17.14
CA SER A 9 33.72 -0.45 -17.43
C SER A 9 33.61 0.43 -16.19
N LYS A 10 32.86 1.52 -16.30
CA LYS A 10 32.67 2.44 -15.19
C LYS A 10 31.23 2.92 -15.12
N ASN A 11 30.83 3.43 -13.95
CA ASN A 11 29.48 3.93 -13.76
C ASN A 11 29.49 5.29 -13.06
N SER A 12 28.30 5.82 -12.81
CA SER A 12 28.18 7.13 -12.17
C SER A 12 26.78 7.31 -11.58
N ALA A 13 26.53 8.47 -10.99
CA ALA A 13 25.24 8.78 -10.38
C ALA A 13 24.67 10.07 -10.94
N ILE A 14 23.45 10.00 -11.47
CA ILE A 14 22.80 11.17 -12.04
C ILE A 14 21.37 11.30 -11.51
N SER A 15 20.68 10.17 -11.39
CA SER A 15 19.30 10.16 -10.90
C SER A 15 19.20 10.92 -9.57
N SER A 16 17.98 11.32 -9.22
CA SER A 16 17.74 12.04 -7.99
C SER A 16 16.56 11.45 -7.22
N SER A 17 16.14 12.13 -6.16
CA SER A 17 15.03 11.67 -5.34
C SER A 17 13.70 12.03 -5.99
N ILE A 18 13.40 11.39 -7.12
CA ILE A 18 12.15 11.64 -7.83
C ILE A 18 11.06 10.68 -7.37
N PHE A 19 11.46 9.49 -6.95
CA PHE A 19 10.50 8.50 -6.49
C PHE A 19 9.56 9.08 -5.45
N CYS A 20 10.07 10.02 -4.66
CA CYS A 20 9.27 10.67 -3.63
C CYS A 20 7.97 11.22 -4.19
N GLU A 21 7.99 11.56 -5.48
CA GLU A 21 6.81 12.10 -6.15
C GLU A 21 5.93 10.97 -6.67
N LYS A 22 6.54 9.85 -7.02
CA LYS A 22 5.80 8.69 -7.51
C LYS A 22 4.66 8.33 -6.57
N TYR A 23 4.81 8.67 -5.31
CA TYR A 23 3.79 8.37 -4.30
C TYR A 23 2.41 8.80 -4.79
N LYS A 24 2.38 9.85 -5.59
CA LYS A 24 1.13 10.37 -6.13
C LYS A 24 0.51 9.38 -7.11
N GLN A 25 1.22 9.10 -8.19
CA GLN A 25 0.75 8.17 -9.20
C GLN A 25 0.39 6.82 -8.58
N THR A 26 1.23 6.35 -7.67
CA THR A 26 1.00 5.08 -7.00
C THR A 26 -0.31 5.09 -6.22
N LYS A 27 -0.45 6.07 -5.32
CA LYS A 27 -1.66 6.20 -4.52
C LYS A 27 -2.90 6.21 -5.40
N GLU A 28 -2.86 6.99 -6.47
CA GLU A 28 -3.99 7.08 -7.39
C GLU A 28 -4.30 5.72 -8.00
N GLN A 29 -3.26 5.02 -8.44
CA GLN A 29 -3.43 3.70 -9.05
C GLN A 29 -4.03 2.72 -8.06
N ALA A 30 -3.69 2.87 -6.78
CA ALA A 30 -4.21 2.00 -5.73
C ALA A 30 -5.69 2.22 -5.52
N LEU A 31 -6.06 3.44 -5.14
CA LEU A 31 -7.46 3.78 -4.90
C LEU A 31 -8.32 3.46 -6.13
N THR A 32 -7.76 3.70 -7.31
CA THR A 32 -8.48 3.44 -8.56
C THR A 32 -8.77 1.95 -8.72
N PHE A 33 -7.75 1.12 -8.51
CA PHE A 33 -7.90 -0.32 -8.63
C PHE A 33 -8.73 -0.88 -7.47
N PHE A 34 -8.71 -0.17 -6.35
CA PHE A 34 -9.45 -0.60 -5.17
C PHE A 34 -10.92 -0.23 -5.29
N GLN A 35 -11.18 0.93 -5.88
CA GLN A 35 -12.55 1.41 -6.06
C GLN A 35 -13.18 0.80 -7.30
N GLU A 36 -12.38 0.63 -8.34
CA GLU A 36 -12.86 0.05 -9.59
C GLU A 36 -13.08 -1.46 -9.45
N HIS A 37 -12.18 -2.11 -8.73
CA HIS A 37 -12.27 -3.56 -8.52
C HIS A 37 -12.08 -3.90 -7.05
N PRO A 38 -13.04 -3.49 -6.21
CA PRO A 38 -13.00 -3.74 -4.76
C PRO A 38 -13.20 -5.22 -4.43
N GLN A 39 -12.11 -5.89 -4.08
CA GLN A 39 -12.18 -7.32 -3.74
C GLN A 39 -12.56 -7.50 -2.27
N TYR A 40 -12.07 -6.60 -1.42
CA TYR A 40 -12.36 -6.67 0.00
C TYR A 40 -13.86 -6.56 0.26
N MET A 41 -14.54 -5.80 -0.58
CA MET A 41 -15.98 -5.60 -0.44
C MET A 41 -16.74 -6.82 -0.93
N ARG A 42 -16.11 -7.60 -1.81
CA ARG A 42 -16.73 -8.80 -2.36
C ARG A 42 -16.49 -10.00 -1.44
N SER A 43 -15.24 -10.19 -1.04
CA SER A 43 -14.88 -11.30 -0.17
C SER A 43 -13.59 -11.00 0.60
N LYS A 44 -13.65 -11.15 1.91
CA LYS A 44 -12.49 -10.89 2.77
C LYS A 44 -11.33 -11.81 2.41
N GLU A 45 -11.66 -13.04 2.05
CA GLU A 45 -10.65 -14.03 1.68
C GLU A 45 -9.89 -13.59 0.42
N ASP A 46 -10.64 -13.07 -0.55
CA ASP A 46 -10.04 -12.61 -1.80
C ASP A 46 -9.00 -11.52 -1.54
N GLU A 47 -9.43 -10.44 -0.91
CA GLU A 47 -8.54 -9.33 -0.61
C GLU A 47 -7.32 -9.82 0.18
N GLU A 48 -7.57 -10.61 1.22
CA GLU A 48 -6.49 -11.14 2.05
C GLU A 48 -5.43 -11.82 1.20
N GLN A 49 -5.85 -12.85 0.45
CA GLN A 49 -4.92 -13.58 -0.41
C GLN A 49 -4.17 -12.64 -1.34
N LEU A 50 -4.88 -11.66 -1.88
CA LEU A 50 -4.29 -10.69 -2.79
C LEU A 50 -3.23 -9.85 -2.07
N MET A 51 -3.52 -9.50 -0.82
CA MET A 51 -2.60 -8.70 -0.03
C MET A 51 -1.30 -9.46 0.23
N THR A 52 -1.42 -10.62 0.88
CA THR A 52 -0.25 -11.43 1.18
C THR A 52 0.58 -11.69 -0.06
N GLU A 53 -0.08 -12.06 -1.15
CA GLU A 53 0.61 -12.35 -2.40
C GLU A 53 1.20 -11.06 -2.99
N PHE A 54 0.48 -9.97 -2.88
CA PHE A 54 0.93 -8.68 -3.39
C PHE A 54 2.22 -8.24 -2.70
N LYS A 55 2.38 -8.67 -1.46
CA LYS A 55 3.56 -8.32 -0.68
C LYS A 55 4.72 -9.28 -0.99
N LYS A 56 4.38 -10.54 -1.23
CA LYS A 56 5.38 -11.55 -1.53
C LYS A 56 5.90 -11.39 -2.96
N VAL A 57 5.02 -10.96 -3.86
CA VAL A 57 5.37 -10.76 -5.26
C VAL A 57 6.23 -9.52 -5.44
N LEU A 58 6.25 -8.67 -4.41
CA LEU A 58 7.02 -7.44 -4.45
C LEU A 58 8.47 -7.69 -4.03
N LEU A 59 8.66 -8.58 -3.07
CA LEU A 59 9.99 -8.91 -2.58
C LEU A 59 10.56 -10.11 -3.33
N GLU A 60 9.67 -11.00 -3.78
CA GLU A 60 10.08 -12.19 -4.51
C GLU A 60 11.10 -11.83 -5.60
N PRO A 61 10.68 -10.97 -6.53
CA PRO A 61 11.53 -10.53 -7.64
C PRO A 61 12.66 -9.62 -7.17
N GLY A 62 13.71 -9.53 -7.99
CA GLY A 62 14.85 -8.70 -7.64
C GLY A 62 14.70 -7.28 -8.16
N SER A 63 13.83 -7.10 -9.15
CA SER A 63 13.60 -5.77 -9.74
C SER A 63 12.59 -4.99 -8.92
N LYS A 64 12.80 -4.93 -7.61
CA LYS A 64 11.92 -4.20 -6.72
C LYS A 64 11.79 -2.74 -7.14
N ASN A 65 12.73 -2.28 -7.95
CA ASN A 65 12.73 -0.91 -8.42
C ASN A 65 11.88 -0.77 -9.69
N LEU A 66 10.94 -1.69 -9.86
CA LEU A 66 10.06 -1.67 -11.02
C LEU A 66 8.86 -0.76 -10.79
N SER A 67 8.16 -0.42 -11.86
CA SER A 67 6.99 0.46 -11.77
C SER A 67 5.88 -0.20 -10.97
N ILE A 68 5.20 0.59 -10.14
CA ILE A 68 4.10 0.07 -9.33
C ILE A 68 3.05 -0.62 -10.19
N TYR A 69 2.88 -0.14 -11.41
CA TYR A 69 1.91 -0.71 -12.33
C TYR A 69 2.10 -2.22 -12.46
N GLN A 70 3.36 -2.65 -12.44
CA GLN A 70 3.68 -4.06 -12.55
C GLN A 70 3.39 -4.79 -11.24
N THR A 71 3.70 -4.15 -10.13
CA THR A 71 3.48 -4.73 -8.81
C THR A 71 2.03 -5.18 -8.65
N LEU A 72 1.10 -4.28 -8.94
CA LEU A 72 -0.32 -4.58 -8.83
C LEU A 72 -0.77 -5.50 -9.96
N LEU A 73 -0.41 -5.15 -11.19
CA LEU A 73 -0.77 -5.93 -12.36
C LEU A 73 -0.40 -7.40 -12.17
N ALA A 74 0.83 -7.63 -11.71
CA ALA A 74 1.32 -8.98 -11.48
C ALA A 74 0.60 -9.63 -10.30
N ALA A 75 0.65 -8.96 -9.15
CA ALA A 75 0.00 -9.47 -7.94
C ALA A 75 -1.45 -9.85 -8.22
N HIS A 76 -2.10 -9.08 -9.07
CA HIS A 76 -3.50 -9.33 -9.41
C HIS A 76 -3.62 -10.58 -10.30
N GLU A 77 -2.96 -10.55 -11.45
CA GLU A 77 -3.00 -11.67 -12.38
C GLU A 77 -2.58 -12.96 -11.70
N ARG A 78 -1.63 -12.84 -10.77
CA ARG A 78 -1.13 -14.00 -10.04
C ARG A 78 -2.20 -14.56 -9.10
N LEU A 79 -3.03 -13.66 -8.56
CA LEU A 79 -4.08 -14.05 -7.65
C LEU A 79 -5.09 -14.97 -8.34
N GLN A 80 -5.32 -14.73 -9.63
CA GLN A 80 -6.26 -15.53 -10.41
C GLN A 80 -5.51 -16.47 -11.35
N ALA A 81 -4.36 -16.95 -10.91
CA ALA A 81 -3.55 -17.86 -11.71
C ALA A 81 -3.52 -19.26 -11.09
N LEU A 82 -3.30 -20.26 -11.93
CA LEU A 82 -3.24 -21.65 -11.47
C LEU A 82 -1.80 -22.09 -11.28
N HIS B 3 29.94 -6.98 60.99
CA HIS B 3 28.52 -6.63 61.04
C HIS B 3 27.76 -7.25 59.87
N MET B 4 26.48 -6.92 59.77
CA MET B 4 25.64 -7.45 58.70
C MET B 4 24.83 -6.33 58.04
N ASP B 5 23.95 -6.71 57.12
CA ASP B 5 23.11 -5.74 56.42
C ASP B 5 22.31 -4.90 57.41
N PRO B 6 21.84 -3.74 56.94
CA PRO B 6 21.04 -2.82 57.76
C PRO B 6 19.65 -3.37 58.08
N LEU B 7 18.97 -3.86 57.05
CA LEU B 7 17.62 -4.42 57.22
C LEU B 7 17.13 -5.04 55.91
N THR B 8 15.85 -5.37 55.88
CA THR B 8 15.24 -5.96 54.69
C THR B 8 14.40 -4.95 53.93
N PRO B 9 14.99 -4.35 52.89
CA PRO B 9 14.30 -3.36 52.06
C PRO B 9 13.19 -3.97 51.21
N ASP B 10 12.11 -3.23 51.03
CA ASP B 10 10.97 -3.70 50.24
C ASP B 10 9.92 -2.62 50.09
N ALA B 11 9.05 -2.77 49.10
CA ALA B 11 7.98 -1.80 48.85
C ALA B 11 7.09 -2.26 47.71
N SER B 12 6.08 -1.44 47.40
CA SER B 12 5.14 -1.76 46.33
C SER B 12 5.82 -1.67 44.97
N GLU B 13 5.39 -2.51 44.04
CA GLU B 13 5.95 -2.53 42.69
C GLU B 13 4.86 -2.60 41.64
N SER B 14 4.24 -3.78 41.52
CA SER B 14 3.17 -3.98 40.55
C SER B 14 1.83 -4.18 41.25
N VAL B 15 1.24 -3.10 41.72
CA VAL B 15 -0.04 -3.15 42.40
C VAL B 15 -1.12 -2.41 41.61
N ASN B 16 -0.73 -1.32 40.97
CA ASN B 16 -1.67 -0.52 40.18
C ASN B 16 -1.89 -1.16 38.81
N ASN B 17 -2.98 -0.76 38.15
CA ASN B 17 -3.31 -1.28 36.84
C ASN B 17 -4.57 -0.61 36.28
N ILE B 18 -4.62 -0.48 34.96
CA ILE B 18 -5.76 0.14 34.31
C ILE B 18 -5.97 -0.41 32.90
N LEU B 19 -7.22 -0.47 32.46
CA LEU B 19 -7.55 -0.98 31.13
C LEU B 19 -7.35 0.10 30.08
N LYS B 20 -7.09 -0.33 28.85
CA LYS B 20 -6.87 0.60 27.74
C LYS B 20 -7.42 0.01 26.44
N GLN B 21 -8.44 0.67 25.88
CA GLN B 21 -9.04 0.22 24.64
C GLN B 21 -9.62 1.40 23.86
N SER B 22 -8.97 1.73 22.74
CA SER B 22 -9.42 2.83 21.90
C SER B 22 -8.52 2.99 20.68
N GLY B 23 -9.11 3.41 19.56
CA GLY B 23 -8.35 3.59 18.34
C GLY B 23 -8.72 2.56 17.28
N ALA B 24 -8.57 2.96 16.01
CA ALA B 24 -8.89 2.07 14.91
C ALA B 24 -8.40 2.66 13.58
N TRP B 25 -8.34 1.82 12.55
CA TRP B 25 -7.89 2.25 11.24
C TRP B 25 -8.97 1.99 10.18
N SER B 26 -9.21 2.99 9.34
CA SER B 26 -10.21 2.88 8.29
C SER B 26 -10.26 4.14 7.44
N GLY B 27 -10.27 3.96 6.12
CA GLY B 27 -10.32 5.10 5.22
C GLY B 27 -9.21 5.06 4.19
N ASP B 28 -8.05 5.60 4.55
CA ASP B 28 -6.90 5.62 3.64
C ASP B 28 -6.06 4.37 3.80
N ASP B 29 -6.03 3.83 5.02
CA ASP B 29 -5.25 2.62 5.30
C ASP B 29 -5.54 1.54 4.26
N LYS B 30 -6.76 1.52 3.75
CA LYS B 30 -7.15 0.54 2.74
C LYS B 30 -6.14 0.48 1.61
N LEU B 31 -5.84 1.64 1.03
CA LEU B 31 -4.87 1.72 -0.07
C LEU B 31 -3.46 1.96 0.46
N GLN B 32 -3.38 2.63 1.60
CA GLN B 32 -2.09 2.93 2.22
C GLN B 32 -1.23 1.67 2.33
N LYS B 33 -1.84 0.59 2.83
CA LYS B 33 -1.13 -0.67 2.99
C LYS B 33 -0.41 -1.07 1.70
N TRP B 34 -1.13 -1.04 0.59
CA TRP B 34 -0.56 -1.39 -0.70
C TRP B 34 0.61 -0.47 -1.04
N VAL B 35 0.32 0.83 -1.14
CA VAL B 35 1.35 1.81 -1.47
C VAL B 35 2.55 1.68 -0.53
N ARG B 36 2.29 1.76 0.77
CA ARG B 36 3.34 1.66 1.77
C ARG B 36 4.27 0.49 1.46
N VAL B 37 3.69 -0.63 1.04
CA VAL B 37 4.46 -1.81 0.70
C VAL B 37 5.27 -1.61 -0.57
N TYR B 38 4.66 -0.94 -1.54
CA TYR B 38 5.32 -0.67 -2.81
C TYR B 38 6.62 0.10 -2.61
N LEU B 39 6.56 1.12 -1.76
CA LEU B 39 7.73 1.95 -1.47
C LEU B 39 8.63 1.27 -0.44
N ASP B 40 8.03 0.45 0.43
CA ASP B 40 8.77 -0.25 1.45
C ASP B 40 9.61 -1.37 0.85
N ARG B 41 9.10 -1.97 -0.23
CA ARG B 41 9.80 -3.06 -0.90
C ARG B 41 10.75 -2.51 -1.97
N GLY B 42 10.35 -1.41 -2.59
CA GLY B 42 11.17 -0.80 -3.63
C GLY B 42 12.57 -0.49 -3.15
N GLN B 43 12.70 0.50 -2.28
CA GLN B 43 14.00 0.89 -1.75
C GLN B 43 13.90 1.20 -0.25
N GLU B 44 12.93 2.03 0.11
CA GLU B 44 12.74 2.40 1.51
C GLU B 44 11.49 3.26 1.68
N ALA B 45 11.17 3.59 2.92
CA ALA B 45 10.00 4.41 3.22
C ALA B 45 10.14 5.81 2.63
N ILE B 46 9.02 6.48 2.41
CA ILE B 46 9.02 7.82 1.86
C ILE B 46 7.80 8.62 2.33
N LYS B 47 8.04 9.84 2.80
CA LYS B 47 6.97 10.69 3.28
C LYS B 47 7.50 12.07 3.66
N MET A 4 -23.84 25.32 -31.39
CA MET A 4 -22.71 25.80 -32.18
C MET A 4 -21.44 25.05 -31.83
N ASP A 5 -20.33 25.46 -32.43
CA ASP A 5 -19.04 24.82 -32.17
C ASP A 5 -18.48 25.24 -30.82
N ASN A 6 -17.74 24.34 -30.18
CA ASN A 6 -17.14 24.62 -28.89
C ASN A 6 -16.07 23.59 -28.54
N SER A 7 -15.06 24.01 -27.79
CA SER A 7 -13.98 23.13 -27.38
C SER A 7 -12.99 23.85 -26.47
N ALA A 8 -12.24 23.08 -25.69
CA ALA A 8 -11.27 23.65 -24.76
C ALA A 8 -10.48 22.54 -24.07
N SER A 9 -9.30 22.90 -23.57
CA SER A 9 -8.43 21.95 -22.88
C SER A 9 -7.19 22.63 -22.34
N LYS A 10 -6.56 22.00 -21.35
CA LYS A 10 -5.36 22.54 -20.74
C LYS A 10 -4.79 21.59 -19.69
N ASN A 11 -3.56 21.85 -19.25
CA ASN A 11 -2.91 21.00 -18.25
C ASN A 11 -1.74 21.74 -17.62
N SER A 12 -1.01 21.03 -16.75
CA SER A 12 0.14 21.62 -16.06
C SER A 12 1.25 20.59 -15.89
N ALA A 13 2.32 20.98 -15.20
CA ALA A 13 3.45 20.09 -14.97
C ALA A 13 4.40 20.68 -13.94
N ILE A 14 4.70 19.90 -12.91
CA ILE A 14 5.60 20.35 -11.85
C ILE A 14 6.74 19.35 -11.64
N SER A 15 7.92 19.68 -12.15
CA SER A 15 9.07 18.82 -12.02
C SER A 15 9.84 19.12 -10.73
N SER A 16 9.81 18.18 -9.79
CA SER A 16 10.49 18.34 -8.51
C SER A 16 10.32 17.11 -7.64
N SER A 17 11.42 16.47 -7.29
CA SER A 17 11.40 15.28 -6.46
C SER A 17 10.48 14.22 -7.06
N ILE A 18 10.77 13.83 -8.30
CA ILE A 18 9.97 12.82 -8.99
C ILE A 18 9.92 11.52 -8.20
N PHE A 19 11.05 11.15 -7.62
CA PHE A 19 11.14 9.93 -6.82
C PHE A 19 10.03 9.88 -5.77
N CYS A 20 10.01 10.87 -4.89
CA CYS A 20 9.00 10.94 -3.85
C CYS A 20 7.63 11.24 -4.42
N GLU A 21 7.60 12.06 -5.47
CA GLU A 21 6.34 12.43 -6.12
C GLU A 21 5.57 11.17 -6.55
N LYS A 22 6.30 10.09 -6.78
CA LYS A 22 5.69 8.83 -7.20
C LYS A 22 4.51 8.48 -6.29
N TYR A 23 4.57 8.91 -5.04
CA TYR A 23 3.51 8.63 -4.08
C TYR A 23 2.15 8.99 -4.66
N LYS A 24 2.12 10.00 -5.52
CA LYS A 24 0.89 10.43 -6.16
C LYS A 24 0.38 9.40 -7.15
N GLN A 25 1.19 9.12 -8.18
CA GLN A 25 0.83 8.15 -9.20
C GLN A 25 0.47 6.81 -8.56
N THR A 26 1.29 6.37 -7.62
CA THR A 26 1.06 5.10 -6.94
C THR A 26 -0.26 5.11 -6.18
N LYS A 27 -0.42 6.09 -5.29
CA LYS A 27 -1.63 6.21 -4.51
C LYS A 27 -2.86 6.21 -5.40
N GLU A 28 -2.82 6.98 -6.48
CA GLU A 28 -3.93 7.06 -7.42
C GLU A 28 -4.23 5.69 -8.02
N GLN A 29 -3.18 4.99 -8.44
CA GLN A 29 -3.32 3.67 -9.04
C GLN A 29 -3.96 2.69 -8.06
N ALA A 30 -3.64 2.85 -6.77
CA ALA A 30 -4.16 1.99 -5.73
C ALA A 30 -5.66 2.23 -5.53
N LEU A 31 -6.02 3.45 -5.17
CA LEU A 31 -7.42 3.79 -4.95
C LEU A 31 -8.27 3.47 -6.18
N THR A 32 -7.69 3.68 -7.36
CA THR A 32 -8.38 3.40 -8.61
C THR A 32 -8.67 1.91 -8.76
N PHE A 33 -7.66 1.09 -8.52
CA PHE A 33 -7.81 -0.36 -8.63
C PHE A 33 -8.66 -0.90 -7.48
N PHE A 34 -8.66 -0.19 -6.36
CA PHE A 34 -9.43 -0.61 -5.19
C PHE A 34 -10.89 -0.20 -5.34
N GLN A 35 -11.13 0.95 -5.96
CA GLN A 35 -12.48 1.45 -6.16
C GLN A 35 -13.11 0.83 -7.40
N GLU A 36 -12.31 0.63 -8.43
CA GLU A 36 -12.78 0.04 -9.67
C GLU A 36 -13.04 -1.45 -9.51
N HIS A 37 -12.13 -2.12 -8.79
CA HIS A 37 -12.25 -3.55 -8.56
C HIS A 37 -12.11 -3.88 -7.07
N PRO A 38 -13.09 -3.44 -6.28
CA PRO A 38 -13.09 -3.67 -4.83
C PRO A 38 -13.34 -5.13 -4.47
N GLN A 39 -12.28 -5.94 -4.54
CA GLN A 39 -12.38 -7.35 -4.22
C GLN A 39 -12.78 -7.56 -2.76
N TYR A 40 -12.27 -6.70 -1.89
CA TYR A 40 -12.56 -6.79 -0.46
C TYR A 40 -14.07 -6.71 -0.21
N MET A 41 -14.76 -5.93 -1.04
CA MET A 41 -16.21 -5.78 -0.92
C MET A 41 -16.94 -7.02 -1.40
N ARG A 42 -16.28 -7.78 -2.27
CA ARG A 42 -16.87 -9.00 -2.81
C ARG A 42 -16.60 -10.19 -1.90
N SER A 43 -15.37 -10.27 -1.39
CA SER A 43 -14.98 -11.36 -0.51
C SER A 43 -13.82 -10.96 0.38
N LYS A 44 -14.08 -10.82 1.68
CA LYS A 44 -13.05 -10.43 2.63
C LYS A 44 -11.82 -11.33 2.50
N GLU A 45 -12.07 -12.62 2.28
CA GLU A 45 -10.98 -13.59 2.14
C GLU A 45 -10.16 -13.30 0.89
N ASP A 46 -10.82 -12.85 -0.17
CA ASP A 46 -10.15 -12.54 -1.41
C ASP A 46 -9.10 -11.45 -1.21
N GLU A 47 -9.52 -10.31 -0.68
CA GLU A 47 -8.61 -9.20 -0.42
C GLU A 47 -7.39 -9.66 0.36
N GLU A 48 -7.61 -10.55 1.32
CA GLU A 48 -6.52 -11.07 2.15
C GLU A 48 -5.48 -11.79 1.29
N GLN A 49 -5.93 -12.81 0.56
CA GLN A 49 -5.04 -13.58 -0.30
C GLN A 49 -4.26 -12.66 -1.23
N LEU A 50 -4.95 -11.67 -1.80
CA LEU A 50 -4.32 -10.74 -2.72
C LEU A 50 -3.27 -9.90 -2.00
N MET A 51 -3.55 -9.53 -0.75
CA MET A 51 -2.63 -8.73 0.05
C MET A 51 -1.34 -9.50 0.32
N THR A 52 -1.47 -10.66 0.96
CA THR A 52 -0.32 -11.49 1.27
C THR A 52 0.53 -11.76 0.03
N GLU A 53 -0.14 -12.13 -1.06
CA GLU A 53 0.54 -12.42 -2.31
C GLU A 53 1.16 -11.16 -2.90
N PHE A 54 0.43 -10.05 -2.80
CA PHE A 54 0.89 -8.78 -3.33
C PHE A 54 2.19 -8.35 -2.65
N LYS A 55 2.36 -8.76 -1.40
CA LYS A 55 3.55 -8.43 -0.63
C LYS A 55 4.69 -9.40 -0.93
N LYS A 56 4.33 -10.66 -1.16
CA LYS A 56 5.31 -11.69 -1.46
C LYS A 56 5.82 -11.55 -2.90
N VAL A 57 4.95 -11.11 -3.79
CA VAL A 57 5.31 -10.92 -5.19
C VAL A 57 6.17 -9.67 -5.38
N LEU A 58 6.17 -8.81 -4.37
CA LEU A 58 6.94 -7.57 -4.42
C LEU A 58 8.39 -7.82 -4.02
N LEU A 59 8.58 -8.70 -3.03
CA LEU A 59 9.91 -9.02 -2.55
C LEU A 59 10.48 -10.23 -3.28
N GLU A 60 9.64 -10.87 -4.09
CA GLU A 60 10.06 -12.05 -4.85
C GLU A 60 11.08 -11.67 -5.91
N PRO A 61 10.69 -10.78 -6.83
CA PRO A 61 11.57 -10.32 -7.91
C PRO A 61 12.70 -9.43 -7.40
N GLY A 62 13.76 -9.32 -8.19
CA GLY A 62 14.89 -8.51 -7.80
C GLY A 62 14.77 -7.07 -8.29
N SER A 63 13.89 -6.86 -9.26
CA SER A 63 13.68 -5.53 -9.81
C SER A 63 12.69 -4.73 -8.97
N LYS A 64 12.92 -4.70 -7.66
CA LYS A 64 12.04 -3.98 -6.75
C LYS A 64 11.88 -2.53 -7.19
N ASN A 65 12.80 -2.05 -8.01
CA ASN A 65 12.75 -0.68 -8.50
C ASN A 65 11.87 -0.59 -9.75
N LEU A 66 10.95 -1.54 -9.89
CA LEU A 66 10.05 -1.57 -11.04
C LEU A 66 8.84 -0.67 -10.79
N SER A 67 8.11 -0.37 -11.87
CA SER A 67 6.93 0.49 -11.77
C SER A 67 5.83 -0.20 -10.97
N ILE A 68 5.14 0.58 -10.13
CA ILE A 68 4.06 0.05 -9.31
C ILE A 68 3.02 -0.67 -10.16
N TYR A 69 2.81 -0.18 -11.37
CA TYR A 69 1.84 -0.78 -12.28
C TYR A 69 2.07 -2.28 -12.41
N GLN A 70 3.34 -2.68 -12.39
CA GLN A 70 3.70 -4.09 -12.51
C GLN A 70 3.42 -4.83 -11.20
N THR A 71 3.72 -4.18 -10.08
CA THR A 71 3.50 -4.78 -8.77
C THR A 71 2.06 -5.24 -8.60
N LEU A 72 1.12 -4.34 -8.88
CA LEU A 72 -0.30 -4.64 -8.76
C LEU A 72 -0.74 -5.58 -9.88
N LEU A 73 -0.41 -5.22 -11.12
CA LEU A 73 -0.77 -6.04 -12.27
C LEU A 73 -0.34 -7.49 -12.08
N ALA A 74 0.88 -7.68 -11.59
CA ALA A 74 1.41 -9.01 -11.36
C ALA A 74 0.67 -9.70 -10.21
N ALA A 75 0.65 -9.06 -9.06
CA ALA A 75 -0.02 -9.61 -7.88
C ALA A 75 -1.46 -10.00 -8.22
N HIS A 76 -2.14 -9.16 -8.99
CA HIS A 76 -3.51 -9.41 -9.38
C HIS A 76 -3.61 -10.64 -10.28
N GLU A 77 -3.01 -10.55 -11.46
CA GLU A 77 -3.03 -11.65 -12.41
C GLU A 77 -2.54 -12.94 -11.76
N ARG A 78 -1.64 -12.80 -10.78
CA ARG A 78 -1.10 -13.96 -10.08
C ARG A 78 -2.10 -14.50 -9.06
N LEU A 79 -2.91 -13.61 -8.50
CA LEU A 79 -3.91 -14.00 -7.52
C LEU A 79 -4.77 -15.14 -8.04
N GLN A 80 -5.05 -15.12 -9.34
CA GLN A 80 -5.86 -16.16 -9.96
C GLN A 80 -4.98 -17.23 -10.60
N ALA A 81 -4.07 -16.80 -11.47
CA ALA A 81 -3.18 -17.73 -12.15
C ALA A 81 -3.94 -18.90 -12.77
N LEU A 82 -5.18 -18.63 -13.18
CA LEU A 82 -6.01 -19.65 -13.79
C LEU A 82 -5.45 -20.10 -15.13
N HIS B 3 33.52 -2.59 41.49
CA HIS B 3 33.32 -2.95 40.10
C HIS B 3 31.84 -3.13 39.79
N MET B 4 31.17 -2.05 39.42
CA MET B 4 29.74 -2.09 39.11
C MET B 4 29.49 -1.58 37.70
N ASP B 5 28.22 -1.53 37.31
CA ASP B 5 27.84 -1.05 35.99
C ASP B 5 28.44 0.32 35.71
N PRO B 6 28.52 0.68 34.42
CA PRO B 6 29.07 1.98 33.99
C PRO B 6 28.16 3.15 34.36
N LEU B 7 26.88 3.01 34.06
CA LEU B 7 25.91 4.06 34.36
C LEU B 7 24.48 3.58 34.06
N THR B 8 23.54 4.52 34.09
CA THR B 8 22.15 4.20 33.82
C THR B 8 21.73 4.66 32.42
N PRO B 9 21.75 3.73 31.46
CA PRO B 9 21.38 4.01 30.08
C PRO B 9 19.89 4.29 29.92
N ASP B 10 19.56 5.38 29.24
CA ASP B 10 18.16 5.76 29.02
C ASP B 10 17.95 6.25 27.59
N ALA B 11 16.72 6.61 27.27
CA ALA B 11 16.39 7.10 25.94
C ALA B 11 14.94 7.60 25.88
N SER B 12 14.59 8.22 24.76
CA SER B 12 13.24 8.76 24.58
C SER B 12 12.19 7.69 24.86
N GLU B 13 11.21 8.03 25.70
CA GLU B 13 10.15 7.11 26.06
C GLU B 13 8.90 7.36 25.22
N SER B 14 8.19 8.45 25.52
CA SER B 14 6.98 8.80 24.80
C SER B 14 6.96 10.28 24.46
N VAL B 15 8.14 10.82 24.14
CA VAL B 15 8.26 12.23 23.79
C VAL B 15 7.84 12.47 22.35
N ASN B 16 7.11 13.56 22.13
CA ASN B 16 6.64 13.91 20.79
C ASN B 16 6.43 15.42 20.67
N ASN B 17 6.08 15.86 19.46
CA ASN B 17 5.85 17.27 19.21
C ASN B 17 5.08 17.48 17.91
N ILE B 18 4.00 18.25 17.98
CA ILE B 18 3.18 18.52 16.80
C ILE B 18 2.49 19.88 16.92
N LEU B 19 2.22 20.49 15.77
CA LEU B 19 1.56 21.80 15.74
C LEU B 19 0.06 21.65 15.93
N LYS B 20 -0.60 22.76 16.26
CA LYS B 20 -2.04 22.76 16.47
C LYS B 20 -2.79 22.57 15.15
N GLN B 21 -2.92 21.32 14.72
CA GLN B 21 -3.61 21.01 13.48
C GLN B 21 -4.98 20.38 13.75
N SER B 22 -5.69 20.03 12.68
CA SER B 22 -7.00 19.42 12.80
C SER B 22 -6.95 17.94 12.42
N GLY B 23 -6.80 17.68 11.12
CA GLY B 23 -6.74 16.31 10.65
C GLY B 23 -8.10 15.65 10.61
N ALA B 24 -8.20 14.54 9.88
CA ALA B 24 -9.46 13.82 9.77
C ALA B 24 -9.23 12.40 9.25
N TRP B 25 -10.24 11.55 9.40
CA TRP B 25 -10.15 10.16 8.95
C TRP B 25 -11.26 9.84 7.95
N SER B 26 -10.97 8.92 7.04
CA SER B 26 -11.95 8.52 6.03
C SER B 26 -11.75 7.07 5.62
N GLY B 27 -10.48 6.68 5.44
CA GLY B 27 -10.18 5.32 5.05
C GLY B 27 -9.04 5.25 4.04
N ASP B 28 -7.88 5.77 4.42
CA ASP B 28 -6.72 5.76 3.53
C ASP B 28 -5.91 4.49 3.71
N ASP B 29 -5.89 3.97 4.93
CA ASP B 29 -5.15 2.75 5.24
C ASP B 29 -5.45 1.66 4.22
N LYS B 30 -6.67 1.65 3.69
CA LYS B 30 -7.08 0.67 2.70
C LYS B 30 -6.05 0.57 1.58
N LEU B 31 -5.72 1.71 0.99
CA LEU B 31 -4.75 1.74 -0.11
C LEU B 31 -3.34 1.98 0.43
N GLN B 32 -3.25 2.65 1.57
CA GLN B 32 -1.96 2.94 2.18
C GLN B 32 -1.13 1.67 2.31
N LYS B 33 -1.75 0.61 2.82
CA LYS B 33 -1.07 -0.66 3.00
C LYS B 33 -0.34 -1.08 1.72
N TRP B 34 -1.06 -1.06 0.59
CA TRP B 34 -0.49 -1.43 -0.69
C TRP B 34 0.69 -0.53 -1.04
N VAL B 35 0.42 0.77 -1.16
CA VAL B 35 1.46 1.74 -1.49
C VAL B 35 2.65 1.61 -0.55
N ARG B 36 2.39 1.72 0.75
CA ARG B 36 3.45 1.61 1.75
C ARG B 36 4.36 0.42 1.45
N VAL B 37 3.75 -0.70 1.06
CA VAL B 37 4.51 -1.90 0.74
C VAL B 37 5.34 -1.72 -0.53
N TYR B 38 4.74 -1.06 -1.52
CA TYR B 38 5.42 -0.82 -2.79
C TYR B 38 6.71 -0.02 -2.58
N LEU B 39 6.61 1.02 -1.76
CA LEU B 39 7.77 1.87 -1.48
C LEU B 39 8.68 1.21 -0.45
N ASP B 40 8.10 0.39 0.40
CA ASP B 40 8.86 -0.31 1.43
C ASP B 40 9.68 -1.44 0.83
N ARG B 41 9.16 -2.06 -0.21
CA ARG B 41 9.83 -3.16 -0.88
C ARG B 41 10.75 -2.65 -1.99
N GLY B 42 10.34 -1.56 -2.62
CA GLY B 42 11.13 -0.97 -3.70
C GLY B 42 12.56 -0.68 -3.27
N GLN B 43 12.73 0.35 -2.45
CA GLN B 43 14.05 0.73 -1.98
C GLN B 43 14.01 1.09 -0.50
N GLU B 44 13.06 1.94 -0.12
CA GLU B 44 12.91 2.36 1.27
C GLU B 44 11.67 3.23 1.44
N ALA B 45 11.34 3.53 2.70
CA ALA B 45 10.18 4.35 3.01
C ALA B 45 10.30 5.74 2.38
N ILE B 46 9.16 6.42 2.23
CA ILE B 46 9.14 7.74 1.64
C ILE B 46 8.07 8.61 2.28
N LYS B 47 8.45 9.83 2.66
CA LYS B 47 7.52 10.75 3.29
C LYS B 47 7.32 12.00 2.43
N MET A 4 13.94 5.12 14.57
CA MET A 4 14.42 6.48 14.43
C MET A 4 13.52 7.30 13.52
N ASP A 5 12.46 7.85 14.10
CA ASP A 5 11.51 8.66 13.35
C ASP A 5 12.11 10.01 12.99
N ASN A 6 11.69 10.56 11.85
CA ASN A 6 12.19 11.86 11.39
C ASN A 6 11.12 12.61 10.62
N SER A 7 10.67 13.74 11.17
CA SER A 7 9.65 14.56 10.55
C SER A 7 10.18 15.94 10.21
N ALA A 8 9.79 16.46 9.06
CA ALA A 8 10.23 17.79 8.62
C ALA A 8 9.53 18.19 7.33
N SER A 9 9.55 19.49 7.04
CA SER A 9 8.92 20.01 5.84
C SER A 9 9.38 21.44 5.56
N LYS A 10 9.58 21.77 4.29
CA LYS A 10 10.01 23.10 3.89
C LYS A 10 9.75 23.33 2.41
N ASN A 11 10.19 24.48 1.91
CA ASN A 11 10.01 24.83 0.51
C ASN A 11 11.33 25.28 -0.12
N SER A 12 11.76 24.55 -1.14
CA SER A 12 13.01 24.87 -1.83
C SER A 12 13.22 23.96 -3.03
N ALA A 13 14.14 24.34 -3.90
CA ALA A 13 14.43 23.57 -5.10
C ALA A 13 15.63 22.63 -4.86
N ILE A 14 15.73 22.11 -3.65
CA ILE A 14 16.82 21.21 -3.30
C ILE A 14 16.29 19.86 -2.81
N SER A 15 15.16 19.90 -2.10
CA SER A 15 14.54 18.69 -1.58
C SER A 15 13.40 18.22 -2.47
N SER A 16 13.73 17.87 -3.71
CA SER A 16 12.74 17.41 -4.67
C SER A 16 13.32 16.33 -5.58
N SER A 17 12.63 15.20 -5.64
CA SER A 17 13.07 14.08 -6.47
C SER A 17 11.89 13.45 -7.21
N ILE A 18 12.20 12.64 -8.22
CA ILE A 18 11.17 11.98 -9.01
C ILE A 18 10.81 10.62 -8.41
N PHE A 19 11.80 9.94 -7.86
CA PHE A 19 11.59 8.63 -7.26
C PHE A 19 10.46 8.68 -6.24
N CYS A 20 10.41 9.76 -5.47
CA CYS A 20 9.37 9.92 -4.45
C CYS A 20 8.07 10.39 -5.08
N GLU A 21 8.18 11.22 -6.13
CA GLU A 21 7.01 11.75 -6.81
C GLU A 21 6.08 10.62 -7.23
N LYS A 22 6.65 9.44 -7.46
CA LYS A 22 5.86 8.28 -7.87
C LYS A 22 4.71 8.03 -6.90
N TYR A 23 4.88 8.49 -5.66
CA TYR A 23 3.85 8.32 -4.65
C TYR A 23 2.48 8.74 -5.18
N LYS A 24 2.47 9.72 -6.07
CA LYS A 24 1.24 10.22 -6.66
C LYS A 24 0.59 9.15 -7.53
N GLN A 25 1.30 8.73 -8.57
CA GLN A 25 0.79 7.71 -9.49
C GLN A 25 0.44 6.43 -8.74
N THR A 26 1.25 6.10 -7.74
CA THR A 26 1.03 4.89 -6.95
C THR A 26 -0.26 4.99 -6.15
N LYS A 27 -0.41 6.08 -5.39
CA LYS A 27 -1.61 6.29 -4.59
C LYS A 27 -2.87 6.22 -5.46
N GLU A 28 -2.86 6.97 -6.55
CA GLU A 28 -4.00 6.99 -7.46
C GLU A 28 -4.29 5.59 -8.00
N GLN A 29 -3.25 4.90 -8.44
CA GLN A 29 -3.40 3.55 -8.98
C GLN A 29 -4.02 2.61 -7.95
N ALA A 30 -3.67 2.82 -6.69
CA ALA A 30 -4.20 2.00 -5.61
C ALA A 30 -5.70 2.25 -5.41
N LEU A 31 -6.06 3.48 -5.08
CA LEU A 31 -7.45 3.85 -4.86
C LEU A 31 -8.30 3.48 -6.07
N THR A 32 -7.74 3.68 -7.26
CA THR A 32 -8.45 3.37 -8.49
C THR A 32 -8.76 1.89 -8.60
N PHE A 33 -7.75 1.06 -8.33
CA PHE A 33 -7.92 -0.39 -8.39
C PHE A 33 -8.78 -0.89 -7.22
N PHE A 34 -8.75 -0.15 -6.13
CA PHE A 34 -9.51 -0.51 -4.94
C PHE A 34 -10.98 -0.13 -5.10
N GLN A 35 -11.23 0.99 -5.77
CA GLN A 35 -12.58 1.47 -5.99
C GLN A 35 -13.20 0.81 -7.22
N GLU A 36 -12.41 0.66 -8.27
CA GLU A 36 -12.88 0.05 -9.50
C GLU A 36 -13.12 -1.45 -9.31
N HIS A 37 -12.23 -2.09 -8.56
CA HIS A 37 -12.35 -3.52 -8.30
C HIS A 37 -12.13 -3.81 -6.81
N PRO A 38 -13.13 -3.46 -5.99
CA PRO A 38 -13.07 -3.67 -4.54
C PRO A 38 -13.16 -5.16 -4.17
N GLN A 39 -12.08 -5.88 -4.41
CA GLN A 39 -12.05 -7.31 -4.10
C GLN A 39 -12.44 -7.57 -2.65
N TYR A 40 -12.09 -6.63 -1.77
CA TYR A 40 -12.40 -6.76 -0.35
C TYR A 40 -13.91 -6.69 -0.12
N MET A 41 -14.60 -5.89 -0.92
CA MET A 41 -16.04 -5.75 -0.81
C MET A 41 -16.76 -6.97 -1.37
N ARG A 42 -16.08 -7.69 -2.26
CA ARG A 42 -16.66 -8.88 -2.87
C ARG A 42 -16.41 -10.11 -2.00
N SER A 43 -15.18 -10.25 -1.53
CA SER A 43 -14.81 -11.38 -0.67
C SER A 43 -13.60 -11.04 0.20
N LYS A 44 -13.81 -11.05 1.51
CA LYS A 44 -12.75 -10.74 2.45
C LYS A 44 -11.52 -11.60 2.18
N GLU A 45 -11.76 -12.85 1.78
CA GLU A 45 -10.67 -13.77 1.49
C GLU A 45 -9.87 -13.32 0.26
N ASP A 46 -10.58 -12.76 -0.71
CA ASP A 46 -9.95 -12.28 -1.93
C ASP A 46 -8.89 -11.23 -1.62
N GLU A 47 -9.30 -10.18 -0.94
CA GLU A 47 -8.39 -9.10 -0.58
C GLU A 47 -7.22 -9.62 0.23
N GLU A 48 -7.50 -10.55 1.14
CA GLU A 48 -6.47 -11.14 1.99
C GLU A 48 -5.40 -11.83 1.14
N GLN A 49 -5.82 -12.82 0.37
CA GLN A 49 -4.90 -13.56 -0.48
C GLN A 49 -4.13 -12.62 -1.41
N LEU A 50 -4.84 -11.63 -1.94
CA LEU A 50 -4.22 -10.66 -2.84
C LEU A 50 -3.17 -9.82 -2.11
N MET A 51 -3.47 -9.47 -0.87
CA MET A 51 -2.56 -8.67 -0.06
C MET A 51 -1.27 -9.44 0.21
N THR A 52 -1.40 -10.60 0.84
CA THR A 52 -0.24 -11.43 1.16
C THR A 52 0.61 -11.70 -0.07
N GLU A 53 -0.05 -12.06 -1.17
CA GLU A 53 0.65 -12.34 -2.42
C GLU A 53 1.26 -11.06 -3.00
N PHE A 54 0.53 -9.96 -2.88
CA PHE A 54 1.00 -8.68 -3.40
C PHE A 54 2.29 -8.25 -2.69
N LYS A 55 2.44 -8.66 -1.44
CA LYS A 55 3.62 -8.33 -0.66
C LYS A 55 4.77 -9.29 -0.96
N LYS A 56 4.43 -10.55 -1.20
CA LYS A 56 5.43 -11.57 -1.51
C LYS A 56 5.95 -11.40 -2.94
N VAL A 57 5.07 -10.96 -3.83
CA VAL A 57 5.44 -10.76 -5.22
C VAL A 57 6.29 -9.49 -5.39
N LEU A 58 6.29 -8.66 -4.37
CA LEU A 58 7.05 -7.41 -4.40
C LEU A 58 8.50 -7.64 -3.97
N LEU A 59 8.68 -8.54 -3.00
CA LEU A 59 10.02 -8.85 -2.49
C LEU A 59 10.62 -10.02 -3.26
N GLU A 60 9.76 -10.93 -3.75
CA GLU A 60 10.22 -12.09 -4.49
C GLU A 60 11.23 -11.69 -5.57
N PRO A 61 10.78 -10.83 -6.50
CA PRO A 61 11.62 -10.33 -7.60
C PRO A 61 12.73 -9.40 -7.11
N GLY A 62 13.79 -9.29 -7.91
CA GLY A 62 14.90 -8.43 -7.54
C GLY A 62 14.74 -7.03 -8.09
N SER A 63 13.90 -6.88 -9.11
CA SER A 63 13.67 -5.58 -9.72
C SER A 63 12.64 -4.78 -8.94
N LYS A 64 12.84 -4.68 -7.63
CA LYS A 64 11.92 -3.95 -6.77
C LYS A 64 11.78 -2.51 -7.24
N ASN A 65 12.70 -2.06 -8.08
CA ASN A 65 12.67 -0.71 -8.60
C ASN A 65 11.79 -0.62 -9.84
N LEU A 66 10.85 -1.55 -9.96
CA LEU A 66 9.94 -1.58 -11.09
C LEU A 66 8.72 -0.69 -10.85
N SER A 67 7.99 -0.37 -11.91
CA SER A 67 6.81 0.48 -11.80
C SER A 67 5.74 -0.19 -10.93
N ILE A 68 5.06 0.60 -10.12
CA ILE A 68 4.03 0.09 -9.23
C ILE A 68 2.91 -0.58 -10.04
N TYR A 69 2.83 -0.25 -11.32
CA TYR A 69 1.81 -0.81 -12.20
C TYR A 69 2.03 -2.32 -12.39
N GLN A 70 3.30 -2.71 -12.44
CA GLN A 70 3.64 -4.11 -12.62
C GLN A 70 3.42 -4.90 -11.34
N THR A 71 3.81 -4.31 -10.21
CA THR A 71 3.65 -4.96 -8.91
C THR A 71 2.21 -5.40 -8.69
N LEU A 72 1.28 -4.45 -8.83
CA LEU A 72 -0.14 -4.74 -8.65
C LEU A 72 -0.67 -5.64 -9.76
N LEU A 73 -0.35 -5.28 -11.00
CA LEU A 73 -0.79 -6.05 -12.16
C LEU A 73 -0.44 -7.52 -11.99
N ALA A 74 0.81 -7.78 -11.61
CA ALA A 74 1.28 -9.15 -11.41
C ALA A 74 0.56 -9.81 -10.23
N ALA A 75 0.58 -9.14 -9.09
CA ALA A 75 -0.07 -9.68 -7.90
C ALA A 75 -1.52 -10.03 -8.17
N HIS A 76 -2.20 -9.18 -8.93
CA HIS A 76 -3.60 -9.42 -9.28
C HIS A 76 -3.74 -10.64 -10.18
N GLU A 77 -3.14 -10.57 -11.36
CA GLU A 77 -3.21 -11.67 -12.31
C GLU A 77 -2.79 -12.99 -11.66
N ARG A 78 -1.79 -12.91 -10.77
CA ARG A 78 -1.31 -14.09 -10.07
C ARG A 78 -2.37 -14.65 -9.12
N LEU A 79 -3.17 -13.75 -8.56
CA LEU A 79 -4.23 -14.15 -7.63
C LEU A 79 -5.27 -15.01 -8.34
N GLN A 80 -5.53 -14.71 -9.60
CA GLN A 80 -6.50 -15.46 -10.38
C GLN A 80 -5.81 -16.39 -11.37
N ALA A 81 -4.65 -16.91 -10.99
CA ALA A 81 -3.89 -17.80 -11.85
C ALA A 81 -4.19 -19.27 -11.52
N LEU A 82 -4.00 -19.64 -10.26
CA LEU A 82 -4.25 -21.01 -9.83
C LEU A 82 -5.69 -21.17 -9.36
N HIS B 3 4.35 -63.70 6.96
CA HIS B 3 5.14 -62.76 7.74
C HIS B 3 4.28 -61.61 8.24
N MET B 4 4.91 -60.67 8.95
CA MET B 4 4.20 -59.52 9.48
C MET B 4 5.12 -58.30 9.55
N ASP B 5 4.51 -57.12 9.64
CA ASP B 5 5.27 -55.87 9.70
C ASP B 5 6.23 -55.89 10.90
N PRO B 6 7.25 -55.02 10.83
CA PRO B 6 8.26 -54.91 11.90
C PRO B 6 7.69 -54.31 13.18
N LEU B 7 6.97 -53.21 13.04
CA LEU B 7 6.37 -52.53 14.19
C LEU B 7 5.44 -51.41 13.74
N THR B 8 4.82 -50.74 14.70
CA THR B 8 3.92 -49.65 14.40
C THR B 8 4.46 -48.31 14.92
N PRO B 9 5.11 -47.55 14.03
CA PRO B 9 5.70 -46.26 14.37
C PRO B 9 4.63 -45.19 14.66
N ASP B 10 5.05 -44.08 15.24
CA ASP B 10 4.14 -42.99 15.56
C ASP B 10 4.87 -41.65 15.56
N ALA B 11 4.14 -40.59 15.23
CA ALA B 11 4.72 -39.25 15.19
C ALA B 11 3.64 -38.20 14.95
N SER B 12 4.00 -36.93 15.15
CA SER B 12 3.07 -35.83 14.96
C SER B 12 3.20 -35.25 13.56
N GLU B 13 2.13 -34.61 13.09
CA GLU B 13 2.13 -34.01 11.76
C GLU B 13 1.02 -32.95 11.65
N SER B 14 1.44 -31.70 11.51
CA SER B 14 0.49 -30.59 11.39
C SER B 14 -0.54 -30.64 12.51
N VAL B 15 -0.12 -31.12 13.68
CA VAL B 15 -1.00 -31.23 14.84
C VAL B 15 -1.00 -29.94 15.65
N ASN B 16 0.13 -29.26 15.67
CA ASN B 16 0.27 -28.01 16.41
C ASN B 16 -0.46 -26.87 15.69
N ASN B 17 -0.71 -25.79 16.43
CA ASN B 17 -1.39 -24.63 15.87
C ASN B 17 -1.16 -23.39 16.72
N ILE B 18 -1.47 -22.23 16.17
CA ILE B 18 -1.29 -20.97 16.88
C ILE B 18 -2.41 -19.98 16.53
N LEU B 19 -2.69 -19.07 17.46
CA LEU B 19 -3.73 -18.08 17.26
C LEU B 19 -3.27 -16.99 16.30
N LYS B 20 -4.20 -16.11 15.92
CA LYS B 20 -3.88 -15.02 15.00
C LYS B 20 -4.61 -13.74 15.41
N GLN B 21 -3.85 -12.75 15.86
CA GLN B 21 -4.42 -11.47 16.27
C GLN B 21 -4.12 -10.38 15.25
N SER B 22 -5.17 -9.78 14.70
CA SER B 22 -5.00 -8.73 13.71
C SER B 22 -6.30 -7.93 13.55
N GLY B 23 -6.17 -6.61 13.36
CA GLY B 23 -7.33 -5.77 13.20
C GLY B 23 -6.97 -4.29 13.12
N ALA B 24 -7.75 -3.54 12.36
CA ALA B 24 -7.51 -2.11 12.20
C ALA B 24 -8.72 -1.41 11.59
N TRP B 25 -8.72 -0.09 11.64
CA TRP B 25 -9.82 0.70 11.10
C TRP B 25 -9.31 2.01 10.51
N SER B 26 -9.63 2.25 9.24
CA SER B 26 -9.20 3.47 8.57
C SER B 26 -9.73 3.52 7.14
N GLY B 27 -9.86 4.73 6.59
CA GLY B 27 -10.35 4.88 5.24
C GLY B 27 -9.24 4.88 4.21
N ASP B 28 -8.08 5.41 4.59
CA ASP B 28 -6.93 5.46 3.69
C ASP B 28 -6.07 4.22 3.84
N ASP B 29 -6.05 3.66 5.04
CA ASP B 29 -5.26 2.46 5.31
C ASP B 29 -5.52 1.40 4.25
N LYS B 30 -6.74 1.36 3.74
CA LYS B 30 -7.12 0.40 2.72
C LYS B 30 -6.09 0.37 1.58
N LEU B 31 -5.80 1.54 1.03
CA LEU B 31 -4.84 1.64 -0.06
C LEU B 31 -3.43 1.90 0.48
N GLN B 32 -3.36 2.55 1.63
CA GLN B 32 -2.07 2.85 2.26
C GLN B 32 -1.21 1.60 2.36
N LYS B 33 -1.81 0.51 2.83
CA LYS B 33 -1.09 -0.75 2.97
C LYS B 33 -0.36 -1.12 1.69
N TRP B 34 -1.08 -1.07 0.57
CA TRP B 34 -0.49 -1.39 -0.73
C TRP B 34 0.67 -0.46 -1.05
N VAL B 35 0.37 0.83 -1.15
CA VAL B 35 1.39 1.82 -1.44
C VAL B 35 2.58 1.70 -0.51
N ARG B 36 2.30 1.76 0.79
CA ARG B 36 3.35 1.67 1.81
C ARG B 36 4.29 0.50 1.49
N VAL B 37 3.72 -0.62 1.08
CA VAL B 37 4.50 -1.80 0.75
C VAL B 37 5.31 -1.60 -0.53
N TYR B 38 4.71 -0.90 -1.49
CA TYR B 38 5.37 -0.63 -2.76
C TYR B 38 6.67 0.13 -2.55
N LEU B 39 6.62 1.15 -1.69
CA LEU B 39 7.80 1.96 -1.40
C LEU B 39 8.68 1.27 -0.35
N ASP B 40 8.06 0.47 0.50
CA ASP B 40 8.78 -0.24 1.55
C ASP B 40 9.61 -1.38 0.96
N ARG B 41 9.11 -1.98 -0.12
CA ARG B 41 9.80 -3.08 -0.78
C ARG B 41 10.78 -2.55 -1.82
N GLY B 42 10.42 -1.44 -2.45
CA GLY B 42 11.27 -0.86 -3.48
C GLY B 42 12.63 -0.46 -2.95
N GLN B 43 12.68 0.66 -2.24
CA GLN B 43 13.93 1.14 -1.67
C GLN B 43 13.78 1.46 -0.19
N GLU B 44 13.12 2.58 0.10
CA GLU B 44 12.90 3.00 1.48
C GLU B 44 11.57 3.73 1.62
N ALA B 45 11.30 4.25 2.82
CA ALA B 45 10.07 4.99 3.08
C ALA B 45 10.06 6.33 2.37
N ILE B 46 8.88 6.87 2.16
CA ILE B 46 8.73 8.16 1.49
C ILE B 46 7.46 8.88 1.94
N LYS B 47 7.60 10.15 2.29
CA LYS B 47 6.46 10.95 2.74
C LYS B 47 5.84 11.72 1.57
N MET A 4 2.47 11.17 -41.89
CA MET A 4 3.10 10.74 -40.65
C MET A 4 2.72 11.67 -39.49
N ASP A 5 1.43 11.86 -39.29
CA ASP A 5 0.93 12.72 -38.23
C ASP A 5 0.96 12.00 -36.88
N ASN A 6 0.92 12.76 -35.80
CA ASN A 6 0.94 12.19 -34.46
C ASN A 6 2.23 11.41 -34.22
N SER A 7 3.36 12.08 -34.39
CA SER A 7 4.66 11.44 -34.19
C SER A 7 5.22 11.76 -32.81
N ALA A 8 5.47 13.04 -32.56
CA ALA A 8 6.01 13.47 -31.28
C ALA A 8 4.92 13.49 -30.21
N SER A 9 4.51 12.30 -29.77
CA SER A 9 3.46 12.18 -28.76
C SER A 9 4.08 12.05 -27.36
N LYS A 10 5.14 11.26 -27.27
CA LYS A 10 5.82 11.05 -26.00
C LYS A 10 6.76 12.21 -25.70
N ASN A 11 6.72 12.69 -24.44
CA ASN A 11 7.58 13.79 -24.03
C ASN A 11 8.63 13.33 -23.02
N SER A 12 9.40 14.26 -22.50
CA SER A 12 10.44 13.95 -21.53
C SER A 12 9.99 14.26 -20.11
N ALA A 13 10.64 13.65 -19.13
CA ALA A 13 10.30 13.87 -17.73
C ALA A 13 11.56 13.98 -16.87
N ILE A 14 12.12 15.19 -16.81
CA ILE A 14 13.32 15.42 -16.02
C ILE A 14 13.21 16.72 -15.23
N SER A 15 11.99 17.07 -14.84
CA SER A 15 11.75 18.30 -14.08
C SER A 15 12.37 18.20 -12.70
N SER A 16 11.75 17.43 -11.82
CA SER A 16 12.24 17.26 -10.45
C SER A 16 12.25 15.78 -10.06
N SER A 17 12.48 15.51 -8.78
CA SER A 17 12.53 14.15 -8.28
C SER A 17 11.25 13.39 -8.64
N ILE A 18 11.37 12.45 -9.57
CA ILE A 18 10.24 11.65 -10.02
C ILE A 18 10.09 10.40 -9.17
N PHE A 19 11.22 9.83 -8.76
CA PHE A 19 11.21 8.61 -7.95
C PHE A 19 10.28 8.78 -6.75
N CYS A 20 10.40 9.91 -6.06
CA CYS A 20 9.58 10.19 -4.89
C CYS A 20 8.17 10.59 -5.30
N GLU A 21 8.07 11.38 -6.35
CA GLU A 21 6.77 11.83 -6.85
C GLU A 21 5.87 10.65 -7.18
N LYS A 22 6.49 9.51 -7.45
CA LYS A 22 5.74 8.30 -7.78
C LYS A 22 4.63 8.04 -6.78
N TYR A 23 4.85 8.48 -5.54
CA TYR A 23 3.86 8.29 -4.48
C TYR A 23 2.48 8.75 -4.94
N LYS A 24 2.45 9.77 -5.80
CA LYS A 24 1.20 10.30 -6.32
C LYS A 24 0.53 9.30 -7.26
N GLN A 25 1.23 8.95 -8.35
CA GLN A 25 0.69 8.02 -9.33
C GLN A 25 0.34 6.69 -8.67
N THR A 26 1.14 6.29 -7.68
CA THR A 26 0.92 5.04 -6.96
C THR A 26 -0.40 5.09 -6.17
N LYS A 27 -0.51 6.06 -5.28
CA LYS A 27 -1.70 6.22 -4.46
C LYS A 27 -2.95 6.26 -5.32
N GLU A 28 -2.91 7.06 -6.39
CA GLU A 28 -4.03 7.17 -7.30
C GLU A 28 -4.37 5.83 -7.94
N GLN A 29 -3.33 5.12 -8.40
CA GLN A 29 -3.52 3.82 -9.03
C GLN A 29 -4.14 2.83 -8.05
N ALA A 30 -3.77 2.95 -6.78
CA ALA A 30 -4.30 2.05 -5.75
C ALA A 30 -5.78 2.29 -5.52
N LEU A 31 -6.13 3.51 -5.12
CA LEU A 31 -7.53 3.86 -4.86
C LEU A 31 -8.39 3.57 -6.08
N THR A 32 -7.84 3.82 -7.27
CA THR A 32 -8.56 3.58 -8.51
C THR A 32 -8.86 2.10 -8.69
N PHE A 33 -7.86 1.26 -8.49
CA PHE A 33 -8.02 -0.18 -8.64
C PHE A 33 -8.84 -0.76 -7.49
N PHE A 34 -8.83 -0.06 -6.35
CA PHE A 34 -9.58 -0.50 -5.18
C PHE A 34 -11.05 -0.09 -5.30
N GLN A 35 -11.28 1.08 -5.87
CA GLN A 35 -12.65 1.58 -6.03
C GLN A 35 -13.30 1.01 -7.28
N GLU A 36 -12.50 0.84 -8.33
CA GLU A 36 -13.00 0.30 -9.60
C GLU A 36 -13.24 -1.21 -9.47
N HIS A 37 -12.34 -1.90 -8.79
CA HIS A 37 -12.46 -3.34 -8.60
C HIS A 37 -12.24 -3.72 -7.15
N PRO A 38 -13.17 -3.31 -6.27
CA PRO A 38 -13.10 -3.59 -4.84
C PRO A 38 -13.33 -5.08 -4.54
N GLN A 39 -12.29 -5.88 -4.75
CA GLN A 39 -12.37 -7.32 -4.49
C GLN A 39 -12.74 -7.58 -3.04
N TYR A 40 -12.26 -6.74 -2.14
CA TYR A 40 -12.53 -6.89 -0.72
C TYR A 40 -14.03 -6.83 -0.44
N MET A 41 -14.74 -6.03 -1.24
CA MET A 41 -16.18 -5.88 -1.08
C MET A 41 -16.91 -7.11 -1.60
N ARG A 42 -16.27 -7.84 -2.50
CA ARG A 42 -16.85 -9.04 -3.08
C ARG A 42 -16.51 -10.27 -2.25
N SER A 43 -15.29 -10.30 -1.73
CA SER A 43 -14.84 -11.43 -0.92
C SER A 43 -13.71 -11.00 0.01
N LYS A 44 -14.02 -10.88 1.30
CA LYS A 44 -13.03 -10.48 2.29
C LYS A 44 -11.78 -11.35 2.19
N GLU A 45 -11.97 -12.63 1.85
CA GLU A 45 -10.85 -13.56 1.72
C GLU A 45 -9.99 -13.20 0.51
N ASP A 46 -10.63 -12.88 -0.61
CA ASP A 46 -9.92 -12.53 -1.83
C ASP A 46 -8.90 -11.43 -1.55
N GLU A 47 -9.31 -10.39 -0.83
CA GLU A 47 -8.43 -9.28 -0.51
C GLU A 47 -7.24 -9.76 0.32
N GLU A 48 -7.49 -10.73 1.19
CA GLU A 48 -6.44 -11.28 2.05
C GLU A 48 -5.36 -11.97 1.22
N GLN A 49 -5.77 -12.99 0.46
CA GLN A 49 -4.84 -13.73 -0.38
C GLN A 49 -4.08 -12.80 -1.31
N LEU A 50 -4.79 -11.83 -1.88
CA LEU A 50 -4.17 -10.87 -2.78
C LEU A 50 -3.15 -9.99 -2.06
N MET A 51 -3.46 -9.64 -0.82
CA MET A 51 -2.58 -8.82 -0.01
C MET A 51 -1.27 -9.55 0.28
N THR A 52 -1.37 -10.72 0.92
CA THR A 52 -0.21 -11.51 1.25
C THR A 52 0.66 -11.77 0.02
N GLU A 53 0.02 -12.15 -1.08
CA GLU A 53 0.72 -12.42 -2.32
C GLU A 53 1.31 -11.15 -2.90
N PHE A 54 0.57 -10.05 -2.79
CA PHE A 54 1.02 -8.77 -3.31
C PHE A 54 2.30 -8.32 -2.62
N LYS A 55 2.46 -8.72 -1.36
CA LYS A 55 3.64 -8.36 -0.59
C LYS A 55 4.80 -9.32 -0.89
N LYS A 56 4.46 -10.59 -1.10
CA LYS A 56 5.48 -11.60 -1.40
C LYS A 56 6.00 -11.45 -2.82
N VAL A 57 5.12 -11.03 -3.73
CA VAL A 57 5.50 -10.84 -5.12
C VAL A 57 6.33 -9.58 -5.30
N LEU A 58 6.34 -8.73 -4.28
CA LEU A 58 7.10 -7.49 -4.33
C LEU A 58 8.54 -7.71 -3.87
N LEU A 59 8.71 -8.62 -2.91
CA LEU A 59 10.03 -8.93 -2.38
C LEU A 59 10.67 -10.09 -3.13
N GLU A 60 9.83 -11.00 -3.61
CA GLU A 60 10.30 -12.17 -4.36
C GLU A 60 11.31 -11.74 -5.43
N PRO A 61 10.85 -10.89 -6.37
CA PRO A 61 11.70 -10.40 -7.45
C PRO A 61 12.77 -9.44 -6.97
N GLY A 62 13.87 -9.37 -7.71
CA GLY A 62 14.96 -8.48 -7.34
C GLY A 62 14.82 -7.10 -7.95
N SER A 63 14.00 -6.99 -8.99
CA SER A 63 13.79 -5.71 -9.67
C SER A 63 12.69 -4.92 -8.98
N LYS A 64 12.80 -4.80 -7.65
CA LYS A 64 11.82 -4.05 -6.87
C LYS A 64 11.71 -2.61 -7.35
N ASN A 65 12.71 -2.18 -8.12
CA ASN A 65 12.73 -0.81 -8.65
C ASN A 65 11.74 -0.67 -9.79
N LEU A 66 11.06 -1.75 -10.13
CA LEU A 66 10.08 -1.74 -11.21
C LEU A 66 8.92 -0.81 -10.88
N SER A 67 8.13 -0.48 -11.90
CA SER A 67 6.98 0.41 -11.72
C SER A 67 5.89 -0.28 -10.92
N ILE A 68 5.20 0.49 -10.08
CA ILE A 68 4.12 -0.04 -9.25
C ILE A 68 3.06 -0.72 -10.12
N TYR A 69 2.85 -0.20 -11.32
CA TYR A 69 1.86 -0.75 -12.23
C TYR A 69 2.07 -2.25 -12.39
N GLN A 70 3.32 -2.69 -12.39
CA GLN A 70 3.65 -4.10 -12.54
C GLN A 70 3.39 -4.86 -11.24
N THR A 71 3.69 -4.22 -10.12
CA THR A 71 3.49 -4.83 -8.81
C THR A 71 2.04 -5.26 -8.62
N LEU A 72 1.11 -4.35 -8.90
CA LEU A 72 -0.30 -4.64 -8.76
C LEU A 72 -0.80 -5.54 -9.88
N LEU A 73 -0.44 -5.18 -11.11
CA LEU A 73 -0.84 -5.96 -12.29
C LEU A 73 -0.42 -7.42 -12.14
N ALA A 74 0.81 -7.62 -11.66
CA ALA A 74 1.33 -8.97 -11.47
C ALA A 74 0.64 -9.67 -10.30
N ALA A 75 0.69 -9.04 -9.13
CA ALA A 75 0.06 -9.60 -7.93
C ALA A 75 -1.40 -9.95 -8.18
N HIS A 76 -2.06 -9.12 -9.00
CA HIS A 76 -3.47 -9.34 -9.31
C HIS A 76 -3.63 -10.53 -10.26
N GLU A 77 -3.09 -10.40 -11.46
CA GLU A 77 -3.18 -11.46 -12.46
C GLU A 77 -2.71 -12.80 -11.88
N ARG A 78 -1.70 -12.74 -11.02
CA ARG A 78 -1.16 -13.93 -10.40
C ARG A 78 -2.17 -14.57 -9.46
N LEU A 79 -2.98 -13.73 -8.81
CA LEU A 79 -3.99 -14.20 -7.88
C LEU A 79 -5.05 -15.02 -8.61
N GLN A 80 -5.36 -14.63 -9.84
CA GLN A 80 -6.35 -15.33 -10.65
C GLN A 80 -5.68 -16.18 -11.71
N ALA A 81 -4.52 -16.73 -11.39
CA ALA A 81 -3.78 -17.57 -12.32
C ALA A 81 -4.26 -19.01 -12.26
N LEU A 82 -4.41 -19.54 -11.05
CA LEU A 82 -4.87 -20.90 -10.86
C LEU A 82 -3.98 -21.89 -11.62
N HIS B 3 -1.10 -15.78 3.84
CA HIS B 3 -1.69 -16.69 4.82
C HIS B 3 -3.11 -16.25 5.19
N MET B 4 -3.80 -17.08 5.96
CA MET B 4 -5.16 -16.77 6.39
C MET B 4 -5.16 -16.02 7.71
N ASP B 5 -6.32 -15.53 8.11
CA ASP B 5 -6.47 -14.80 9.36
C ASP B 5 -6.73 -15.74 10.52
N PRO B 6 -6.39 -15.29 11.75
CA PRO B 6 -6.58 -16.08 12.96
C PRO B 6 -8.05 -16.26 13.32
N LEU B 7 -8.80 -15.16 13.26
CA LEU B 7 -10.22 -15.19 13.57
C LEU B 7 -10.87 -13.83 13.30
N THR B 8 -12.20 -13.80 13.34
CA THR B 8 -12.94 -12.56 13.10
C THR B 8 -13.79 -12.18 14.30
N PRO B 9 -13.26 -11.28 15.15
CA PRO B 9 -13.95 -10.81 16.35
C PRO B 9 -15.15 -9.94 16.03
N ASP B 10 -16.26 -10.20 16.71
CA ASP B 10 -17.48 -9.44 16.49
C ASP B 10 -17.95 -8.78 17.79
N ALA B 11 -17.22 -7.77 18.24
CA ALA B 11 -17.56 -7.06 19.47
C ALA B 11 -17.13 -5.59 19.38
N SER B 12 -17.33 -4.87 20.47
CA SER B 12 -16.99 -3.46 20.53
C SER B 12 -16.15 -3.15 21.76
N GLU B 13 -14.86 -2.90 21.56
CA GLU B 13 -13.96 -2.59 22.66
C GLU B 13 -13.08 -1.39 22.32
N SER B 14 -12.51 -0.76 23.35
CA SER B 14 -11.65 0.39 23.18
C SER B 14 -12.34 1.44 22.30
N VAL B 15 -13.66 1.49 22.37
CA VAL B 15 -14.43 2.45 21.59
C VAL B 15 -14.68 3.73 22.38
N ASN B 16 -14.72 4.85 21.66
CA ASN B 16 -14.94 6.15 22.29
C ASN B 16 -16.29 6.73 21.87
N ASN B 17 -16.94 7.44 22.80
CA ASN B 17 -18.24 8.03 22.53
C ASN B 17 -18.17 9.56 22.73
N ILE B 18 -18.80 10.28 21.81
CA ILE B 18 -18.82 11.73 21.87
C ILE B 18 -20.16 12.29 21.41
N LEU B 19 -20.27 13.62 21.37
CA LEU B 19 -21.51 14.26 20.94
C LEU B 19 -21.94 13.75 19.57
N LYS B 20 -23.14 14.17 19.15
CA LYS B 20 -23.67 13.75 17.86
C LYS B 20 -23.01 14.51 16.72
N GLN B 21 -21.81 14.05 16.33
CA GLN B 21 -21.07 14.69 15.25
C GLN B 21 -21.09 13.83 13.99
N SER B 22 -22.27 13.68 13.40
CA SER B 22 -22.43 12.88 12.19
C SER B 22 -21.56 13.43 11.06
N GLY B 23 -20.67 12.58 10.55
CA GLY B 23 -19.79 13.01 9.47
C GLY B 23 -19.70 11.97 8.37
N ALA B 24 -18.49 11.49 8.11
CA ALA B 24 -18.28 10.49 7.06
C ALA B 24 -16.96 9.76 7.27
N TRP B 25 -16.76 8.68 6.52
CA TRP B 25 -15.53 7.89 6.63
C TRP B 25 -15.14 7.32 5.27
N SER B 26 -13.84 7.12 5.07
CA SER B 26 -13.34 6.57 3.80
C SER B 26 -12.26 5.53 4.07
N GLY B 27 -11.37 5.82 5.02
CA GLY B 27 -10.30 4.91 5.34
C GLY B 27 -9.21 4.89 4.29
N ASP B 28 -8.05 5.42 4.64
CA ASP B 28 -6.92 5.46 3.71
C ASP B 28 -6.07 4.21 3.83
N ASP B 29 -6.02 3.65 5.03
CA ASP B 29 -5.24 2.44 5.29
C ASP B 29 -5.51 1.39 4.23
N LYS B 30 -6.74 1.37 3.72
CA LYS B 30 -7.13 0.41 2.70
C LYS B 30 -6.12 0.38 1.55
N LEU B 31 -5.83 1.54 1.00
CA LEU B 31 -4.88 1.65 -0.10
C LEU B 31 -3.46 1.89 0.43
N GLN B 32 -3.38 2.55 1.59
CA GLN B 32 -2.09 2.85 2.19
C GLN B 32 -1.23 1.60 2.30
N LYS B 33 -1.83 0.52 2.79
CA LYS B 33 -1.13 -0.76 2.96
C LYS B 33 -0.40 -1.13 1.68
N TRP B 34 -1.12 -1.11 0.55
CA TRP B 34 -0.53 -1.45 -0.74
C TRP B 34 0.63 -0.52 -1.07
N VAL B 35 0.33 0.78 -1.17
CA VAL B 35 1.34 1.77 -1.48
C VAL B 35 2.54 1.64 -0.55
N ARG B 36 2.28 1.73 0.75
CA ARG B 36 3.34 1.63 1.75
C ARG B 36 4.28 0.48 1.43
N VAL B 37 3.71 -0.65 1.03
CA VAL B 37 4.49 -1.84 0.69
C VAL B 37 5.29 -1.61 -0.59
N TYR B 38 4.67 -0.94 -1.56
CA TYR B 38 5.32 -0.67 -2.84
C TYR B 38 6.61 0.12 -2.63
N LEU B 39 6.54 1.16 -1.79
CA LEU B 39 7.70 2.00 -1.52
C LEU B 39 8.61 1.33 -0.49
N ASP B 40 8.03 0.49 0.37
CA ASP B 40 8.79 -0.21 1.39
C ASP B 40 9.64 -1.31 0.78
N ARG B 41 9.14 -1.91 -0.30
CA ARG B 41 9.86 -2.98 -0.98
C ARG B 41 10.76 -2.43 -2.07
N GLY B 42 10.33 -1.33 -2.69
CA GLY B 42 11.10 -0.71 -3.76
C GLY B 42 12.42 -0.18 -3.26
N GLN B 43 12.38 0.90 -2.49
CA GLN B 43 13.59 1.51 -1.95
C GLN B 43 13.45 1.79 -0.46
N GLU B 44 12.67 2.81 -0.13
CA GLU B 44 12.46 3.17 1.27
C GLU B 44 11.20 4.03 1.43
N ALA B 45 10.97 4.52 2.64
CA ALA B 45 9.81 5.36 2.91
C ALA B 45 9.80 6.60 2.03
N ILE B 46 8.62 7.18 1.84
CA ILE B 46 8.48 8.38 1.02
C ILE B 46 7.28 9.20 1.46
N LYS B 47 7.47 10.51 1.56
CA LYS B 47 6.40 11.42 1.96
C LYS B 47 6.34 12.64 1.05
N MET A 4 -12.98 44.92 -16.22
CA MET A 4 -14.10 44.67 -17.13
C MET A 4 -13.84 43.42 -17.96
N ASP A 5 -12.61 43.29 -18.46
CA ASP A 5 -12.24 42.13 -19.27
C ASP A 5 -12.02 40.91 -18.41
N ASN A 6 -12.22 39.73 -18.99
CA ASN A 6 -12.03 38.47 -18.27
C ASN A 6 -11.43 37.40 -19.18
N SER A 7 -10.70 36.47 -18.58
CA SER A 7 -10.05 35.40 -19.33
C SER A 7 -9.58 34.29 -18.39
N ALA A 8 -9.26 33.13 -18.97
CA ALA A 8 -8.80 31.99 -18.20
C ALA A 8 -7.68 31.25 -18.93
N SER A 9 -6.75 30.67 -18.17
CA SER A 9 -5.63 29.94 -18.75
C SER A 9 -5.29 28.72 -17.90
N LYS A 10 -5.16 27.57 -18.56
CA LYS A 10 -4.83 26.33 -17.87
C LYS A 10 -3.32 26.17 -17.74
N ASN A 11 -2.88 25.56 -16.64
CA ASN A 11 -1.46 25.33 -16.39
C ASN A 11 -1.26 24.33 -15.27
N SER A 12 -0.08 23.71 -15.24
CA SER A 12 0.25 22.73 -14.22
C SER A 12 1.70 22.85 -13.79
N ALA A 13 1.91 23.28 -12.54
CA ALA A 13 3.26 23.43 -12.00
C ALA A 13 3.68 22.21 -11.20
N ILE A 14 4.58 21.42 -11.75
CA ILE A 14 5.06 20.22 -11.08
C ILE A 14 6.59 20.22 -10.97
N SER A 15 7.09 20.83 -9.90
CA SER A 15 8.53 20.91 -9.68
C SER A 15 8.90 20.33 -8.32
N SER A 16 9.31 19.06 -8.32
CA SER A 16 9.69 18.39 -7.08
C SER A 16 10.34 17.04 -7.37
N SER A 17 10.95 16.44 -6.35
CA SER A 17 11.61 15.15 -6.50
C SER A 17 10.65 14.11 -7.06
N ILE A 18 10.92 13.66 -8.28
CA ILE A 18 10.08 12.65 -8.93
C ILE A 18 10.05 11.35 -8.13
N PHE A 19 11.16 11.04 -7.48
CA PHE A 19 11.27 9.83 -6.68
C PHE A 19 10.12 9.74 -5.69
N CYS A 20 10.01 10.73 -4.81
CA CYS A 20 8.95 10.77 -3.82
C CYS A 20 7.61 11.12 -4.45
N GLU A 21 7.64 11.97 -5.47
CA GLU A 21 6.43 12.38 -6.16
C GLU A 21 5.61 11.17 -6.60
N LYS A 22 6.31 10.06 -6.85
CA LYS A 22 5.65 8.83 -7.28
C LYS A 22 4.47 8.50 -6.36
N TYR A 23 4.55 8.93 -5.11
CA TYR A 23 3.50 8.67 -4.15
C TYR A 23 2.13 9.03 -4.72
N LYS A 24 2.12 10.05 -5.59
CA LYS A 24 0.87 10.49 -6.21
C LYS A 24 0.35 9.45 -7.20
N GLN A 25 1.16 9.15 -8.21
CA GLN A 25 0.78 8.17 -9.21
C GLN A 25 0.43 6.83 -8.57
N THR A 26 1.29 6.38 -7.67
CA THR A 26 1.06 5.11 -6.97
C THR A 26 -0.26 5.13 -6.20
N LYS A 27 -0.41 6.12 -5.34
CA LYS A 27 -1.63 6.25 -4.53
C LYS A 27 -2.87 6.18 -5.42
N GLU A 28 -2.85 6.94 -6.51
CA GLU A 28 -3.98 6.98 -7.43
C GLU A 28 -4.25 5.58 -7.99
N GLN A 29 -3.20 4.91 -8.44
CA GLN A 29 -3.33 3.57 -9.00
C GLN A 29 -3.97 2.62 -8.00
N ALA A 30 -3.64 2.81 -6.73
CA ALA A 30 -4.19 1.97 -5.67
C ALA A 30 -5.68 2.20 -5.48
N LEU A 31 -6.05 3.44 -5.15
CA LEU A 31 -7.44 3.80 -4.95
C LEU A 31 -8.28 3.45 -6.18
N THR A 32 -7.69 3.67 -7.35
CA THR A 32 -8.38 3.39 -8.61
C THR A 32 -8.70 1.91 -8.74
N PHE A 33 -7.69 1.06 -8.49
CA PHE A 33 -7.87 -0.38 -8.58
C PHE A 33 -8.73 -0.89 -7.43
N PHE A 34 -8.70 -0.19 -6.31
CA PHE A 34 -9.47 -0.58 -5.14
C PHE A 34 -10.94 -0.20 -5.30
N GLN A 35 -11.18 0.95 -5.91
CA GLN A 35 -12.54 1.43 -6.13
C GLN A 35 -13.15 0.79 -7.37
N GLU A 36 -12.34 0.64 -8.41
CA GLU A 36 -12.80 0.04 -9.66
C GLU A 36 -13.02 -1.46 -9.49
N HIS A 37 -12.15 -2.09 -8.71
CA HIS A 37 -12.25 -3.53 -8.46
C HIS A 37 -12.05 -3.84 -6.98
N PRO A 38 -13.05 -3.48 -6.16
CA PRO A 38 -13.02 -3.71 -4.72
C PRO A 38 -13.14 -5.18 -4.36
N GLN A 39 -12.02 -5.90 -4.45
CA GLN A 39 -12.01 -7.32 -4.15
C GLN A 39 -12.52 -7.59 -2.74
N TYR A 40 -12.21 -6.68 -1.82
CA TYR A 40 -12.63 -6.80 -0.44
C TYR A 40 -14.16 -6.85 -0.34
N MET A 41 -14.83 -6.11 -1.23
CA MET A 41 -16.29 -6.07 -1.24
C MET A 41 -16.85 -7.35 -1.81
N ARG A 42 -16.05 -8.05 -2.61
CA ARG A 42 -16.49 -9.31 -3.23
C ARG A 42 -16.30 -10.48 -2.27
N SER A 43 -15.11 -10.55 -1.67
CA SER A 43 -14.81 -11.63 -0.73
C SER A 43 -13.70 -11.21 0.23
N LYS A 44 -14.02 -11.20 1.52
CA LYS A 44 -13.04 -10.82 2.54
C LYS A 44 -11.76 -11.61 2.39
N GLU A 45 -11.89 -12.87 2.00
CA GLU A 45 -10.73 -13.74 1.82
C GLU A 45 -9.94 -13.34 0.57
N ASP A 46 -10.66 -12.98 -0.49
CA ASP A 46 -10.02 -12.57 -1.73
C ASP A 46 -9.00 -11.47 -1.49
N GLU A 47 -9.46 -10.35 -0.94
CA GLU A 47 -8.59 -9.22 -0.66
C GLU A 47 -7.37 -9.66 0.14
N GLU A 48 -7.60 -10.50 1.15
CA GLU A 48 -6.51 -11.00 1.98
C GLU A 48 -5.46 -11.73 1.15
N GLN A 49 -5.89 -12.77 0.45
CA GLN A 49 -4.99 -13.55 -0.39
C GLN A 49 -4.20 -12.64 -1.33
N LEU A 50 -4.88 -11.67 -1.92
CA LEU A 50 -4.25 -10.73 -2.84
C LEU A 50 -3.20 -9.89 -2.11
N MET A 51 -3.49 -9.52 -0.87
CA MET A 51 -2.57 -8.72 -0.07
C MET A 51 -1.29 -9.49 0.22
N THR A 52 -1.43 -10.64 0.87
CA THR A 52 -0.28 -11.47 1.21
C THR A 52 0.58 -11.75 -0.01
N GLU A 53 -0.06 -12.13 -1.11
CA GLU A 53 0.65 -12.42 -2.35
C GLU A 53 1.26 -11.15 -2.94
N PHE A 54 0.54 -10.04 -2.82
CA PHE A 54 1.00 -8.77 -3.35
C PHE A 54 2.30 -8.33 -2.65
N LYS A 55 2.44 -8.74 -1.39
CA LYS A 55 3.63 -8.39 -0.62
C LYS A 55 4.77 -9.36 -0.92
N LYS A 56 4.43 -10.62 -1.16
CA LYS A 56 5.43 -11.63 -1.46
C LYS A 56 5.95 -11.48 -2.89
N VAL A 57 5.07 -11.04 -3.79
CA VAL A 57 5.44 -10.86 -5.19
C VAL A 57 6.27 -9.59 -5.36
N LEU A 58 6.28 -8.74 -4.34
CA LEU A 58 7.05 -7.50 -4.39
C LEU A 58 8.50 -7.73 -3.96
N LEU A 59 8.68 -8.61 -2.97
CA LEU A 59 10.01 -8.92 -2.48
C LEU A 59 10.61 -10.11 -3.22
N GLU A 60 9.75 -11.00 -3.70
CA GLU A 60 10.19 -12.18 -4.43
C GLU A 60 11.19 -11.80 -5.52
N PRO A 61 10.76 -10.95 -6.46
CA PRO A 61 11.59 -10.49 -7.57
C PRO A 61 12.71 -9.55 -7.11
N GLY A 62 13.76 -9.47 -7.90
CA GLY A 62 14.89 -8.61 -7.55
C GLY A 62 14.73 -7.21 -8.12
N SER A 63 13.87 -7.07 -9.12
CA SER A 63 13.64 -5.78 -9.75
C SER A 63 12.64 -4.95 -8.96
N LYS A 64 12.88 -4.83 -7.66
CA LYS A 64 11.99 -4.07 -6.78
C LYS A 64 11.87 -2.63 -7.26
N ASN A 65 12.79 -2.22 -8.13
CA ASN A 65 12.78 -0.86 -8.65
C ASN A 65 11.89 -0.75 -9.88
N LEU A 66 10.92 -1.65 -9.98
CA LEU A 66 9.99 -1.66 -11.11
C LEU A 66 8.79 -0.76 -10.82
N SER A 67 8.06 -0.42 -11.87
CA SER A 67 6.89 0.44 -11.74
C SER A 67 5.82 -0.22 -10.87
N ILE A 68 5.18 0.59 -10.04
CA ILE A 68 4.15 0.09 -9.14
C ILE A 68 3.01 -0.56 -9.92
N TYR A 69 2.90 -0.21 -11.20
CA TYR A 69 1.86 -0.75 -12.06
C TYR A 69 2.06 -2.24 -12.28
N GLN A 70 3.32 -2.66 -12.38
CA GLN A 70 3.65 -4.07 -12.60
C GLN A 70 3.42 -4.88 -11.32
N THR A 71 3.83 -4.31 -10.19
CA THR A 71 3.68 -4.99 -8.91
C THR A 71 2.23 -5.40 -8.67
N LEU A 72 1.33 -4.42 -8.77
CA LEU A 72 -0.10 -4.68 -8.57
C LEU A 72 -0.66 -5.56 -9.69
N LEU A 73 -0.34 -5.19 -10.93
CA LEU A 73 -0.81 -5.94 -12.09
C LEU A 73 -0.46 -7.41 -11.96
N ALA A 74 0.78 -7.70 -11.57
CA ALA A 74 1.24 -9.07 -11.40
C ALA A 74 0.52 -9.76 -10.25
N ALA A 75 0.53 -9.12 -9.09
CA ALA A 75 -0.11 -9.67 -7.90
C ALA A 75 -1.59 -9.95 -8.16
N HIS A 76 -2.21 -9.11 -8.99
CA HIS A 76 -3.62 -9.28 -9.33
C HIS A 76 -3.82 -10.48 -10.24
N GLU A 77 -3.23 -10.41 -11.43
CA GLU A 77 -3.35 -11.50 -12.40
C GLU A 77 -2.93 -12.83 -11.78
N ARG A 78 -1.88 -12.79 -10.96
CA ARG A 78 -1.37 -13.98 -10.30
C ARG A 78 -2.42 -14.57 -9.36
N LEU A 79 -3.21 -13.70 -8.74
CA LEU A 79 -4.24 -14.12 -7.81
C LEU A 79 -5.31 -14.94 -8.53
N GLN A 80 -5.58 -14.58 -9.77
CA GLN A 80 -6.58 -15.28 -10.56
C GLN A 80 -5.93 -16.16 -11.62
N ALA A 81 -4.78 -16.72 -11.28
CA ALA A 81 -4.04 -17.59 -12.21
C ALA A 81 -4.24 -19.06 -11.85
N LEU A 82 -4.66 -19.85 -12.83
CA LEU A 82 -4.89 -21.27 -12.61
C LEU A 82 -3.57 -22.03 -12.55
N HIS B 3 -12.40 50.16 50.58
CA HIS B 3 -13.74 50.07 49.99
C HIS B 3 -13.67 49.99 48.48
N MET B 4 -14.32 48.97 47.91
CA MET B 4 -14.33 48.78 46.47
C MET B 4 -15.53 47.95 46.04
N ASP B 5 -15.76 47.88 44.73
CA ASP B 5 -16.88 47.11 44.20
C ASP B 5 -16.77 45.64 44.59
N PRO B 6 -17.90 44.92 44.52
CA PRO B 6 -17.95 43.50 44.87
C PRO B 6 -17.22 42.63 43.86
N LEU B 7 -17.45 42.90 42.58
CA LEU B 7 -16.82 42.13 41.51
C LEU B 7 -16.63 42.99 40.27
N THR B 8 -16.03 42.41 39.23
CA THR B 8 -15.79 43.12 37.98
C THR B 8 -16.45 42.40 36.80
N PRO B 9 -17.65 42.87 36.42
CA PRO B 9 -18.40 42.28 35.31
C PRO B 9 -17.75 42.57 33.96
N ASP B 10 -17.71 41.56 33.10
CA ASP B 10 -17.12 41.70 31.78
C ASP B 10 -17.36 40.45 30.93
N ALA B 11 -16.78 40.42 29.74
CA ALA B 11 -16.93 39.28 28.84
C ALA B 11 -15.83 39.27 27.79
N SER B 12 -15.67 38.14 27.11
CA SER B 12 -14.65 37.99 26.09
C SER B 12 -15.22 38.33 24.72
N GLU B 13 -14.36 38.87 23.85
CA GLU B 13 -14.77 39.26 22.50
C GLU B 13 -13.85 38.64 21.46
N SER B 14 -12.61 39.13 21.41
CA SER B 14 -11.63 38.63 20.45
C SER B 14 -10.46 37.96 21.17
N VAL B 15 -10.77 36.93 21.96
CA VAL B 15 -9.75 36.21 22.71
C VAL B 15 -9.51 34.83 22.10
N ASN B 16 -10.59 34.08 21.89
CA ASN B 16 -10.49 32.75 21.31
C ASN B 16 -10.99 32.74 19.87
N ASN B 17 -10.91 31.58 19.22
CA ASN B 17 -11.36 31.43 17.85
C ASN B 17 -11.45 29.97 17.45
N ILE B 18 -12.24 29.68 16.42
CA ILE B 18 -12.41 28.32 15.95
C ILE B 18 -12.32 28.25 14.43
N LEU B 19 -11.47 27.36 13.93
CA LEU B 19 -11.28 27.20 12.49
C LEU B 19 -12.40 26.34 11.90
N LYS B 20 -12.55 26.41 10.58
CA LYS B 20 -13.57 25.65 9.88
C LYS B 20 -12.96 24.86 8.73
N GLN B 21 -13.27 23.55 8.68
CA GLN B 21 -12.76 22.69 7.64
C GLN B 21 -13.88 22.24 6.69
N SER B 22 -13.54 22.03 5.44
CA SER B 22 -14.52 21.61 4.44
C SER B 22 -14.21 20.20 3.94
N GLY B 23 -15.03 19.24 4.35
CA GLY B 23 -14.83 17.86 3.94
C GLY B 23 -14.22 17.02 5.03
N ALA B 24 -13.92 15.76 4.70
CA ALA B 24 -13.32 14.85 5.67
C ALA B 24 -12.28 13.94 5.00
N TRP B 25 -11.53 13.22 5.82
CA TRP B 25 -10.50 12.31 5.31
C TRP B 25 -10.40 11.06 6.18
N SER B 26 -10.50 9.90 5.54
CA SER B 26 -10.43 8.62 6.25
C SER B 26 -10.49 7.46 5.28
N GLY B 27 -10.26 6.25 5.80
CA GLY B 27 -10.30 5.07 4.96
C GLY B 27 -9.16 5.02 3.95
N ASP B 28 -8.01 5.56 4.34
CA ASP B 28 -6.84 5.58 3.47
C ASP B 28 -6.01 4.32 3.65
N ASP B 29 -6.00 3.78 4.86
CA ASP B 29 -5.23 2.58 5.17
C ASP B 29 -5.50 1.49 4.13
N LYS B 30 -6.72 1.47 3.60
CA LYS B 30 -7.10 0.49 2.60
C LYS B 30 -6.06 0.41 1.48
N LEU B 31 -5.74 1.56 0.90
CA LEU B 31 -4.76 1.63 -0.17
C LEU B 31 -3.36 1.87 0.38
N GLN B 32 -3.30 2.55 1.52
CA GLN B 32 -2.01 2.85 2.15
C GLN B 32 -1.16 1.59 2.28
N LYS B 33 -1.77 0.52 2.75
CA LYS B 33 -1.07 -0.75 2.92
C LYS B 33 -0.34 -1.14 1.65
N TRP B 34 -1.05 -1.10 0.53
CA TRP B 34 -0.45 -1.44 -0.76
C TRP B 34 0.72 -0.53 -1.10
N VAL B 35 0.43 0.76 -1.20
CA VAL B 35 1.47 1.75 -1.51
C VAL B 35 2.65 1.63 -0.56
N ARG B 36 2.38 1.72 0.74
CA ARG B 36 3.42 1.61 1.75
C ARG B 36 4.35 0.44 1.46
N VAL B 37 3.76 -0.69 1.07
CA VAL B 37 4.53 -1.88 0.76
C VAL B 37 5.35 -1.70 -0.51
N TYR B 38 4.77 -1.01 -1.50
CA TYR B 38 5.44 -0.76 -2.76
C TYR B 38 6.72 0.05 -2.54
N LEU B 39 6.61 1.10 -1.72
CA LEU B 39 7.76 1.95 -1.43
C LEU B 39 8.67 1.31 -0.39
N ASP B 40 8.09 0.47 0.45
CA ASP B 40 8.85 -0.22 1.49
C ASP B 40 9.69 -1.35 0.91
N ARG B 41 9.15 -1.99 -0.14
CA ARG B 41 9.85 -3.09 -0.80
C ARG B 41 10.78 -2.57 -1.88
N GLY B 42 10.38 -1.48 -2.53
CA GLY B 42 11.19 -0.90 -3.59
C GLY B 42 12.61 -0.58 -3.13
N GLN B 43 12.75 0.49 -2.35
CA GLN B 43 14.05 0.90 -1.85
C GLN B 43 13.98 1.26 -0.37
N GLU B 44 13.02 2.11 -0.02
CA GLU B 44 12.84 2.54 1.36
C GLU B 44 11.59 3.40 1.51
N ALA B 45 11.25 3.72 2.75
CA ALA B 45 10.07 4.55 3.04
C ALA B 45 10.18 5.90 2.34
N ILE B 46 9.04 6.58 2.22
CA ILE B 46 9.01 7.89 1.58
C ILE B 46 7.87 8.75 2.13
N LYS B 47 8.16 10.02 2.40
CA LYS B 47 7.17 10.93 2.93
C LYS B 47 6.71 11.91 1.86
N MET A 4 -10.10 7.07 13.91
CA MET A 4 -10.47 7.46 12.55
C MET A 4 -10.84 8.94 12.50
N ASP A 5 -10.07 9.77 13.21
CA ASP A 5 -10.32 11.20 13.24
C ASP A 5 -10.07 11.83 11.87
N ASN A 6 -10.81 12.88 11.57
CA ASN A 6 -10.67 13.57 10.28
C ASN A 6 -9.42 14.43 10.27
N SER A 7 -8.44 14.02 9.47
CA SER A 7 -7.18 14.75 9.36
C SER A 7 -7.36 16.04 8.56
N ALA A 8 -7.64 15.89 7.27
CA ALA A 8 -7.84 17.04 6.40
C ALA A 8 -6.67 18.00 6.48
N SER A 9 -5.46 17.47 6.33
CA SER A 9 -4.25 18.27 6.40
C SER A 9 -3.34 17.98 5.21
N LYS A 10 -3.48 18.75 4.14
CA LYS A 10 -2.67 18.57 2.94
C LYS A 10 -1.19 18.66 3.28
N ASN A 11 -0.35 18.41 2.27
CA ASN A 11 1.10 18.46 2.46
C ASN A 11 1.74 19.45 1.49
N SER A 12 2.54 20.36 2.02
CA SER A 12 3.20 21.36 1.20
C SER A 12 4.05 20.70 0.12
N ALA A 13 3.99 21.25 -1.09
CA ALA A 13 4.74 20.71 -2.21
C ALA A 13 6.09 21.41 -2.36
N ILE A 14 6.76 21.64 -1.23
CA ILE A 14 8.06 22.30 -1.23
C ILE A 14 9.18 21.31 -0.99
N SER A 15 9.71 20.73 -2.07
CA SER A 15 10.79 19.77 -1.97
C SER A 15 11.28 19.35 -3.35
N SER A 16 12.50 18.84 -3.42
CA SER A 16 13.08 18.41 -4.68
C SER A 16 13.33 16.90 -4.68
N SER A 17 12.25 16.13 -4.79
CA SER A 17 12.34 14.68 -4.79
C SER A 17 11.40 14.07 -5.83
N ILE A 18 11.97 13.43 -6.85
CA ILE A 18 11.19 12.81 -7.90
C ILE A 18 10.73 11.41 -7.51
N PHE A 19 11.65 10.64 -6.94
CA PHE A 19 11.35 9.27 -6.51
C PHE A 19 10.19 9.27 -5.51
N CYS A 20 10.14 10.29 -4.66
CA CYS A 20 9.10 10.40 -3.65
C CYS A 20 7.78 10.86 -4.29
N GLU A 21 7.88 11.74 -5.27
CA GLU A 21 6.69 12.25 -5.95
C GLU A 21 5.82 11.11 -6.45
N LYS A 22 6.44 9.98 -6.74
CA LYS A 22 5.71 8.81 -7.23
C LYS A 22 4.53 8.49 -6.31
N TYR A 23 4.65 8.87 -5.04
CA TYR A 23 3.60 8.62 -4.06
C TYR A 23 2.24 9.06 -4.61
N LYS A 24 2.25 10.10 -5.44
CA LYS A 24 1.02 10.61 -6.04
C LYS A 24 0.44 9.62 -7.03
N GLN A 25 1.19 9.31 -8.07
CA GLN A 25 0.74 8.37 -9.10
C GLN A 25 0.41 7.02 -8.48
N THR A 26 1.22 6.60 -7.51
CA THR A 26 1.01 5.32 -6.84
C THR A 26 -0.31 5.30 -6.08
N LYS A 27 -0.51 6.31 -5.24
CA LYS A 27 -1.74 6.41 -4.46
C LYS A 27 -2.96 6.39 -5.35
N GLU A 28 -2.93 7.20 -6.41
CA GLU A 28 -4.04 7.28 -7.35
C GLU A 28 -4.30 5.92 -7.99
N GLN A 29 -3.24 5.26 -8.42
CA GLN A 29 -3.35 3.95 -9.05
C GLN A 29 -3.96 2.93 -8.09
N ALA A 30 -3.64 3.07 -6.80
CA ALA A 30 -4.16 2.17 -5.79
C ALA A 30 -5.66 2.36 -5.60
N LEU A 31 -6.06 3.55 -5.21
CA LEU A 31 -7.47 3.87 -4.99
C LEU A 31 -8.29 3.55 -6.24
N THR A 32 -7.72 3.81 -7.41
CA THR A 32 -8.40 3.56 -8.67
C THR A 32 -8.66 2.07 -8.86
N PHE A 33 -7.63 1.26 -8.64
CA PHE A 33 -7.74 -0.19 -8.79
C PHE A 33 -8.56 -0.78 -7.66
N PHE A 34 -8.61 -0.09 -6.52
CA PHE A 34 -9.37 -0.54 -5.36
C PHE A 34 -10.85 -0.19 -5.51
N GLN A 35 -11.12 0.96 -6.11
CA GLN A 35 -12.49 1.41 -6.31
C GLN A 35 -13.09 0.82 -7.58
N GLU A 36 -12.25 0.68 -8.61
CA GLU A 36 -12.70 0.12 -9.88
C GLU A 36 -12.91 -1.39 -9.77
N HIS A 37 -12.00 -2.05 -9.05
CA HIS A 37 -12.08 -3.50 -8.87
C HIS A 37 -11.89 -3.87 -7.41
N PRO A 38 -12.86 -3.49 -6.57
CA PRO A 38 -12.83 -3.77 -5.13
C PRO A 38 -13.00 -5.26 -4.83
N GLN A 39 -11.98 -6.05 -5.10
CA GLN A 39 -12.03 -7.49 -4.87
C GLN A 39 -12.47 -7.78 -3.43
N TYR A 40 -12.03 -6.93 -2.50
CA TYR A 40 -12.37 -7.11 -1.10
C TYR A 40 -13.89 -7.10 -0.90
N MET A 41 -14.58 -6.31 -1.71
CA MET A 41 -16.04 -6.22 -1.62
C MET A 41 -16.70 -7.46 -2.21
N ARG A 42 -15.98 -8.15 -3.09
CA ARG A 42 -16.49 -9.35 -3.73
C ARG A 42 -16.20 -10.58 -2.88
N SER A 43 -15.05 -10.58 -2.22
CA SER A 43 -14.64 -11.71 -1.37
C SER A 43 -13.67 -11.25 -0.29
N LYS A 44 -14.09 -11.36 0.96
CA LYS A 44 -13.24 -10.97 2.08
C LYS A 44 -11.92 -11.73 2.08
N GLU A 45 -12.00 -13.03 1.79
CA GLU A 45 -10.81 -13.87 1.75
C GLU A 45 -9.91 -13.49 0.58
N ASP A 46 -10.53 -13.14 -0.54
CA ASP A 46 -9.78 -12.75 -1.73
C ASP A 46 -8.81 -11.61 -1.43
N GLU A 47 -9.32 -10.57 -0.77
CA GLU A 47 -8.49 -9.42 -0.42
C GLU A 47 -7.25 -9.86 0.34
N GLU A 48 -7.45 -10.62 1.41
CA GLU A 48 -6.35 -11.10 2.23
C GLU A 48 -5.30 -11.80 1.37
N GLN A 49 -5.72 -12.85 0.67
CA GLN A 49 -4.83 -13.61 -0.20
C GLN A 49 -4.08 -12.68 -1.15
N LEU A 50 -4.80 -11.72 -1.71
CA LEU A 50 -4.21 -10.77 -2.65
C LEU A 50 -3.16 -9.90 -1.96
N MET A 51 -3.44 -9.52 -0.72
CA MET A 51 -2.52 -8.71 0.06
C MET A 51 -1.21 -9.44 0.32
N THR A 52 -1.31 -10.60 0.97
CA THR A 52 -0.13 -11.40 1.28
C THR A 52 0.69 -11.69 0.03
N GLU A 53 0.00 -12.09 -1.04
CA GLU A 53 0.66 -12.39 -2.30
C GLU A 53 1.27 -11.14 -2.92
N PHE A 54 0.54 -10.04 -2.84
CA PHE A 54 1.01 -8.77 -3.39
C PHE A 54 2.28 -8.30 -2.68
N LYS A 55 2.44 -8.71 -1.43
CA LYS A 55 3.61 -8.35 -0.64
C LYS A 55 4.78 -9.29 -0.93
N LYS A 56 4.46 -10.54 -1.24
CA LYS A 56 5.48 -11.54 -1.54
C LYS A 56 5.97 -11.38 -2.97
N VAL A 57 5.07 -10.98 -3.86
CA VAL A 57 5.42 -10.79 -5.27
C VAL A 57 6.27 -9.54 -5.46
N LEU A 58 6.34 -8.70 -4.44
CA LEU A 58 7.12 -7.48 -4.49
C LEU A 58 8.57 -7.74 -4.14
N LEU A 59 8.79 -8.63 -3.17
CA LEU A 59 10.14 -8.97 -2.74
C LEU A 59 10.66 -10.20 -3.49
N GLU A 60 9.74 -11.08 -3.89
CA GLU A 60 10.11 -12.28 -4.61
C GLU A 60 11.08 -11.96 -5.74
N PRO A 61 10.65 -11.12 -6.68
CA PRO A 61 11.47 -10.71 -7.82
C PRO A 61 12.63 -9.81 -7.42
N GLY A 62 13.65 -9.75 -8.28
CA GLY A 62 14.81 -8.92 -7.99
C GLY A 62 14.66 -7.51 -8.50
N SER A 63 13.75 -7.33 -9.47
CA SER A 63 13.52 -6.01 -10.06
C SER A 63 12.55 -5.20 -9.22
N LYS A 64 12.83 -5.13 -7.92
CA LYS A 64 11.98 -4.39 -6.99
C LYS A 64 11.88 -2.92 -7.41
N ASN A 65 12.79 -2.49 -8.28
CA ASN A 65 12.81 -1.12 -8.76
C ASN A 65 11.90 -0.96 -9.98
N LEU A 66 10.93 -1.85 -10.11
CA LEU A 66 10.00 -1.81 -11.23
C LEU A 66 8.82 -0.88 -10.93
N SER A 67 8.10 -0.51 -11.97
CA SER A 67 6.95 0.38 -11.83
C SER A 67 5.88 -0.26 -10.94
N ILE A 68 5.25 0.56 -10.11
CA ILE A 68 4.20 0.07 -9.21
C ILE A 68 3.06 -0.57 -9.99
N TYR A 69 2.96 -0.23 -11.28
CA TYR A 69 1.91 -0.77 -12.13
C TYR A 69 2.09 -2.27 -12.34
N GLN A 70 3.35 -2.70 -12.44
CA GLN A 70 3.66 -4.10 -12.64
C GLN A 70 3.43 -4.90 -11.36
N THR A 71 3.86 -4.34 -10.23
CA THR A 71 3.69 -4.99 -8.94
C THR A 71 2.24 -5.39 -8.70
N LEU A 72 1.33 -4.42 -8.85
CA LEU A 72 -0.09 -4.68 -8.66
C LEU A 72 -0.64 -5.58 -9.75
N LEU A 73 -0.36 -5.22 -11.00
CA LEU A 73 -0.82 -6.00 -12.15
C LEU A 73 -0.47 -7.47 -11.99
N ALA A 74 0.78 -7.73 -11.61
CA ALA A 74 1.25 -9.10 -11.42
C ALA A 74 0.56 -9.76 -10.23
N ALA A 75 0.55 -9.06 -9.10
CA ALA A 75 -0.09 -9.58 -7.90
C ALA A 75 -1.56 -9.92 -8.15
N HIS A 76 -2.20 -9.14 -8.99
CA HIS A 76 -3.60 -9.36 -9.32
C HIS A 76 -3.77 -10.60 -10.20
N GLU A 77 -3.14 -10.59 -11.37
CA GLU A 77 -3.21 -11.71 -12.30
C GLU A 77 -2.76 -13.00 -11.62
N ARG A 78 -1.74 -12.89 -10.77
CA ARG A 78 -1.21 -14.05 -10.06
C ARG A 78 -2.24 -14.62 -9.09
N LEU A 79 -3.06 -13.74 -8.52
CA LEU A 79 -4.09 -14.15 -7.58
C LEU A 79 -5.12 -15.05 -8.25
N GLN A 80 -5.41 -14.76 -9.52
CA GLN A 80 -6.37 -15.54 -10.28
C GLN A 80 -5.67 -16.47 -11.27
N ALA A 81 -4.51 -16.97 -10.87
CA ALA A 81 -3.73 -17.87 -11.71
C ALA A 81 -3.88 -19.32 -11.25
N LEU A 82 -4.29 -20.19 -12.18
CA LEU A 82 -4.46 -21.59 -11.88
C LEU A 82 -3.22 -22.40 -12.24
N HIS B 3 -29.26 -27.34 32.61
CA HIS B 3 -28.88 -28.72 32.34
C HIS B 3 -27.39 -28.81 32.01
N MET B 4 -26.56 -28.18 32.84
CA MET B 4 -25.12 -28.19 32.64
C MET B 4 -24.39 -27.76 33.90
N ASP B 5 -23.06 -27.85 33.88
CA ASP B 5 -22.25 -27.47 35.03
C ASP B 5 -22.62 -26.07 35.52
N PRO B 6 -22.29 -25.78 36.79
CA PRO B 6 -22.58 -24.48 37.40
C PRO B 6 -21.72 -23.36 36.81
N LEU B 7 -20.43 -23.63 36.68
CA LEU B 7 -19.49 -22.64 36.15
C LEU B 7 -18.34 -23.32 35.42
N THR B 8 -17.42 -22.52 34.90
CA THR B 8 -16.26 -23.05 34.18
C THR B 8 -14.96 -22.54 34.80
N PRO B 9 -14.36 -23.36 35.67
CA PRO B 9 -13.10 -23.02 36.34
C PRO B 9 -11.91 -23.00 35.38
N ASP B 10 -10.98 -22.09 35.62
CA ASP B 10 -9.80 -21.96 34.78
C ASP B 10 -8.64 -21.32 35.54
N ALA B 11 -7.45 -21.38 34.96
CA ALA B 11 -6.26 -20.80 35.59
C ALA B 11 -5.26 -20.32 34.54
N SER B 12 -4.40 -19.40 34.94
CA SER B 12 -3.40 -18.85 34.03
C SER B 12 -2.09 -18.59 34.77
N GLU B 13 -1.05 -19.33 34.39
CA GLU B 13 0.26 -19.19 35.02
C GLU B 13 0.90 -17.85 34.64
N SER B 14 2.20 -17.73 34.91
CA SER B 14 2.92 -16.50 34.59
C SER B 14 3.04 -16.32 33.08
N VAL B 15 2.01 -15.70 32.50
CA VAL B 15 2.00 -15.45 31.06
C VAL B 15 1.85 -13.96 30.76
N ASN B 16 2.62 -13.49 29.78
CA ASN B 16 2.58 -12.09 29.39
C ASN B 16 2.00 -11.92 27.99
N ASN B 17 1.80 -10.67 27.59
CA ASN B 17 1.24 -10.37 26.27
C ASN B 17 1.58 -8.95 25.85
N ILE B 18 1.75 -8.75 24.55
CA ILE B 18 2.07 -7.42 24.02
C ILE B 18 1.01 -6.97 23.02
N LEU B 19 0.46 -5.78 23.26
CA LEU B 19 -0.57 -5.23 22.38
C LEU B 19 0.06 -4.62 21.13
N LYS B 20 -0.63 -4.76 20.00
CA LYS B 20 -0.14 -4.22 18.74
C LYS B 20 -1.15 -3.24 18.14
N GLN B 21 -0.70 -2.00 17.92
CA GLN B 21 -1.56 -0.97 17.36
C GLN B 21 -0.76 0.03 16.55
N SER B 22 -1.20 0.30 15.33
CA SER B 22 -0.51 1.24 14.45
C SER B 22 -1.29 1.44 13.15
N GLY B 23 -1.21 2.65 12.60
CA GLY B 23 -1.90 2.94 11.36
C GLY B 23 -3.40 2.98 11.54
N ALA B 24 -4.10 3.59 10.58
CA ALA B 24 -5.55 3.70 10.64
C ALA B 24 -6.20 2.35 10.37
N TRP B 25 -7.52 2.28 10.56
CA TRP B 25 -8.27 1.06 10.35
C TRP B 25 -8.99 1.09 9.01
N SER B 26 -9.63 2.22 8.71
CA SER B 26 -10.37 2.38 7.47
C SER B 26 -10.10 3.75 6.85
N GLY B 27 -10.60 3.95 5.63
CA GLY B 27 -10.41 5.21 4.96
C GLY B 27 -9.26 5.18 3.96
N ASP B 28 -8.10 5.68 4.38
CA ASP B 28 -6.93 5.69 3.52
C ASP B 28 -6.11 4.42 3.69
N ASP B 29 -6.12 3.88 4.91
CA ASP B 29 -5.38 2.65 5.20
C ASP B 29 -5.66 1.58 4.15
N LYS B 30 -6.87 1.60 3.61
CA LYS B 30 -7.25 0.62 2.59
C LYS B 30 -6.21 0.55 1.48
N LEU B 31 -5.88 1.70 0.92
CA LEU B 31 -4.89 1.76 -0.16
C LEU B 31 -3.50 1.99 0.40
N GLN B 32 -3.42 2.64 1.55
CA GLN B 32 -2.13 2.90 2.21
C GLN B 32 -1.30 1.63 2.32
N LYS B 33 -1.94 0.56 2.79
CA LYS B 33 -1.25 -0.72 2.95
C LYS B 33 -0.52 -1.11 1.68
N TRP B 34 -1.23 -1.08 0.56
CA TRP B 34 -0.64 -1.43 -0.73
C TRP B 34 0.54 -0.52 -1.05
N VAL B 35 0.26 0.78 -1.18
CA VAL B 35 1.30 1.75 -1.48
C VAL B 35 2.48 1.62 -0.53
N ARG B 36 2.21 1.70 0.76
CA ARG B 36 3.26 1.58 1.77
C ARG B 36 4.19 0.42 1.46
N VAL B 37 3.61 -0.71 1.05
CA VAL B 37 4.39 -1.89 0.72
C VAL B 37 5.22 -1.67 -0.54
N TYR B 38 4.62 -1.00 -1.52
CA TYR B 38 5.30 -0.72 -2.79
C TYR B 38 6.58 0.09 -2.54
N LEU B 39 6.46 1.11 -1.69
CA LEU B 39 7.61 1.97 -1.39
C LEU B 39 8.50 1.32 -0.34
N ASP B 40 7.91 0.46 0.49
CA ASP B 40 8.66 -0.23 1.53
C ASP B 40 9.55 -1.32 0.94
N ARG B 41 9.08 -1.94 -0.15
CA ARG B 41 9.83 -3.00 -0.81
C ARG B 41 10.78 -2.42 -1.84
N GLY B 42 10.38 -1.29 -2.44
CA GLY B 42 11.22 -0.66 -3.45
C GLY B 42 12.52 -0.12 -2.88
N GLN B 43 12.42 1.00 -2.17
CA GLN B 43 13.60 1.63 -1.56
C GLN B 43 13.43 1.73 -0.05
N GLU B 44 12.45 2.51 0.38
CA GLU B 44 12.19 2.70 1.80
C GLU B 44 10.94 3.54 2.02
N ALA B 45 10.70 3.93 3.27
CA ALA B 45 9.54 4.73 3.61
C ALA B 45 9.63 6.12 2.98
N ILE B 46 8.46 6.73 2.73
CA ILE B 46 8.41 8.06 2.14
C ILE B 46 7.13 8.80 2.54
N LYS B 47 7.28 10.08 2.86
CA LYS B 47 6.13 10.89 3.26
C LYS B 47 6.12 12.22 2.50
N MET A 4 4.82 0.25 -39.94
CA MET A 4 4.38 -0.52 -38.78
C MET A 4 5.25 -0.23 -37.56
N ASP A 5 6.55 -0.08 -37.79
CA ASP A 5 7.48 0.21 -36.72
C ASP A 5 7.02 1.41 -35.89
N ASN A 6 7.09 1.28 -34.58
CA ASN A 6 6.68 2.35 -33.68
C ASN A 6 7.86 3.23 -33.30
N SER A 7 7.67 4.54 -33.35
CA SER A 7 8.72 5.48 -33.01
C SER A 7 8.64 5.89 -31.54
N ALA A 8 9.79 5.99 -30.89
CA ALA A 8 9.86 6.37 -29.49
C ALA A 8 9.67 7.88 -29.31
N SER A 9 9.82 8.35 -28.09
CA SER A 9 9.67 9.77 -27.78
C SER A 9 10.89 10.31 -27.06
N LYS A 10 11.02 9.96 -25.78
CA LYS A 10 12.16 10.41 -24.98
C LYS A 10 12.14 9.75 -23.60
N ASN A 11 13.26 9.84 -22.90
CA ASN A 11 13.37 9.24 -21.57
C ASN A 11 14.73 9.55 -20.95
N SER A 12 14.73 9.90 -19.67
CA SER A 12 15.96 10.22 -18.96
C SER A 12 15.69 10.51 -17.49
N ALA A 13 16.75 10.73 -16.72
CA ALA A 13 16.62 11.01 -15.30
C ALA A 13 17.25 12.35 -14.94
N ILE A 14 16.53 13.44 -15.23
CA ILE A 14 17.02 14.78 -14.94
C ILE A 14 16.09 15.51 -13.98
N SER A 15 14.79 15.26 -14.12
CA SER A 15 13.79 15.89 -13.27
C SER A 15 14.13 15.70 -11.80
N SER A 16 13.45 16.46 -10.94
CA SER A 16 13.69 16.38 -9.51
C SER A 16 13.37 14.98 -8.98
N SER A 17 13.35 14.84 -7.65
CA SER A 17 13.06 13.56 -7.03
C SER A 17 11.77 12.97 -7.57
N ILE A 18 11.90 11.97 -8.43
CA ILE A 18 10.73 11.31 -9.03
C ILE A 18 10.25 10.16 -8.16
N PHE A 19 11.19 9.49 -7.50
CA PHE A 19 10.86 8.36 -6.63
C PHE A 19 9.83 8.78 -5.58
N CYS A 20 10.11 9.89 -4.91
CA CYS A 20 9.20 10.40 -3.88
C CYS A 20 7.85 10.78 -4.47
N GLU A 21 7.87 11.69 -5.45
CA GLU A 21 6.65 12.14 -6.08
C GLU A 21 5.83 10.95 -6.59
N LYS A 22 6.51 9.86 -6.91
CA LYS A 22 5.85 8.66 -7.39
C LYS A 22 4.68 8.26 -6.50
N TYR A 23 4.78 8.62 -5.22
CA TYR A 23 3.73 8.32 -4.26
C TYR A 23 2.36 8.72 -4.80
N LYS A 24 2.33 9.78 -5.61
CA LYS A 24 1.09 10.26 -6.19
C LYS A 24 0.50 9.24 -7.15
N GLN A 25 1.25 8.91 -8.21
CA GLN A 25 0.81 7.95 -9.20
C GLN A 25 0.39 6.64 -8.53
N THR A 26 1.26 6.12 -7.67
CA THR A 26 0.99 4.87 -6.97
C THR A 26 -0.34 4.94 -6.21
N LYS A 27 -0.46 5.93 -5.33
CA LYS A 27 -1.68 6.10 -4.54
C LYS A 27 -2.91 6.12 -5.45
N GLU A 28 -2.80 6.82 -6.57
CA GLU A 28 -3.91 6.91 -7.52
C GLU A 28 -4.29 5.53 -8.05
N GLN A 29 -3.27 4.75 -8.43
CA GLN A 29 -3.50 3.41 -8.96
C GLN A 29 -4.16 2.52 -7.91
N ALA A 30 -3.81 2.73 -6.64
CA ALA A 30 -4.37 1.94 -5.55
C ALA A 30 -5.85 2.25 -5.36
N LEU A 31 -6.16 3.50 -5.06
CA LEU A 31 -7.54 3.93 -4.86
C LEU A 31 -8.41 3.57 -6.07
N THR A 32 -7.84 3.74 -7.26
CA THR A 32 -8.57 3.43 -8.49
C THR A 32 -8.93 1.96 -8.57
N PHE A 33 -7.96 1.10 -8.26
CA PHE A 33 -8.19 -0.35 -8.30
C PHE A 33 -9.07 -0.78 -7.12
N PHE A 34 -8.98 -0.04 -6.02
CA PHE A 34 -9.77 -0.36 -4.83
C PHE A 34 -11.22 0.06 -5.01
N GLN A 35 -11.42 1.18 -5.70
CA GLN A 35 -12.78 1.69 -5.96
C GLN A 35 -13.40 1.00 -7.17
N GLU A 36 -12.61 0.83 -8.22
CA GLU A 36 -13.09 0.20 -9.44
C GLU A 36 -13.39 -1.28 -9.20
N HIS A 37 -12.53 -1.93 -8.42
CA HIS A 37 -12.69 -3.34 -8.11
C HIS A 37 -12.44 -3.61 -6.64
N PRO A 38 -13.41 -3.23 -5.79
CA PRO A 38 -13.31 -3.42 -4.33
C PRO A 38 -13.41 -4.88 -3.94
N GLN A 39 -12.34 -5.63 -4.18
CA GLN A 39 -12.31 -7.05 -3.85
C GLN A 39 -12.62 -7.27 -2.38
N TYR A 40 -12.16 -6.35 -1.53
CA TYR A 40 -12.40 -6.45 -0.10
C TYR A 40 -13.89 -6.49 0.21
N MET A 41 -14.67 -5.76 -0.59
CA MET A 41 -16.12 -5.72 -0.40
C MET A 41 -16.78 -6.96 -0.99
N ARG A 42 -16.10 -7.58 -1.95
CA ARG A 42 -16.63 -8.78 -2.60
C ARG A 42 -16.38 -10.01 -1.74
N SER A 43 -15.14 -10.17 -1.27
CA SER A 43 -14.77 -11.31 -0.45
C SER A 43 -13.55 -10.98 0.42
N LYS A 44 -13.77 -10.91 1.73
CA LYS A 44 -12.70 -10.61 2.66
C LYS A 44 -11.50 -11.53 2.43
N GLU A 45 -11.78 -12.78 2.06
CA GLU A 45 -10.73 -13.75 1.82
C GLU A 45 -9.95 -13.41 0.55
N ASP A 46 -10.67 -12.91 -0.46
CA ASP A 46 -10.05 -12.54 -1.73
C ASP A 46 -9.02 -11.44 -1.52
N GLU A 47 -9.46 -10.32 -0.98
CA GLU A 47 -8.57 -9.18 -0.73
C GLU A 47 -7.34 -9.62 0.06
N GLU A 48 -7.58 -10.43 1.09
CA GLU A 48 -6.49 -10.91 1.94
C GLU A 48 -5.44 -11.66 1.10
N GLN A 49 -5.88 -12.71 0.42
CA GLN A 49 -4.98 -13.50 -0.42
C GLN A 49 -4.20 -12.61 -1.38
N LEU A 50 -4.89 -11.64 -1.97
CA LEU A 50 -4.26 -10.72 -2.92
C LEU A 50 -3.20 -9.87 -2.21
N MET A 51 -3.48 -9.49 -0.97
CA MET A 51 -2.56 -8.67 -0.20
C MET A 51 -1.27 -9.44 0.10
N THR A 52 -1.41 -10.59 0.78
CA THR A 52 -0.26 -11.40 1.12
C THR A 52 0.59 -11.71 -0.10
N GLU A 53 -0.07 -12.10 -1.19
CA GLU A 53 0.64 -12.41 -2.43
C GLU A 53 1.25 -11.16 -3.05
N PHE A 54 0.55 -10.04 -2.90
CA PHE A 54 1.02 -8.76 -3.44
C PHE A 54 2.29 -8.31 -2.75
N LYS A 55 2.46 -8.72 -1.49
CA LYS A 55 3.63 -8.36 -0.71
C LYS A 55 4.79 -9.32 -1.00
N LYS A 56 4.46 -10.59 -1.20
CA LYS A 56 5.47 -11.61 -1.49
C LYS A 56 6.01 -11.45 -2.91
N VAL A 57 5.15 -11.02 -3.82
CA VAL A 57 5.53 -10.82 -5.21
C VAL A 57 6.38 -9.56 -5.38
N LEU A 58 6.39 -8.73 -4.35
CA LEU A 58 7.17 -7.49 -4.38
C LEU A 58 8.60 -7.73 -3.92
N LEU A 59 8.75 -8.62 -2.96
CA LEU A 59 10.08 -8.96 -2.42
C LEU A 59 10.69 -10.13 -3.18
N GLU A 60 9.84 -11.01 -3.68
CA GLU A 60 10.31 -12.17 -4.42
C GLU A 60 11.31 -11.77 -5.50
N PRO A 61 10.87 -10.92 -6.43
CA PRO A 61 11.72 -10.45 -7.53
C PRO A 61 12.81 -9.50 -7.04
N GLY A 62 13.90 -9.40 -7.81
CA GLY A 62 15.00 -8.53 -7.44
C GLY A 62 14.85 -7.14 -8.03
N SER A 63 14.03 -7.02 -9.06
CA SER A 63 13.81 -5.73 -9.72
C SER A 63 12.71 -4.94 -9.01
N LYS A 64 12.82 -4.85 -7.69
CA LYS A 64 11.84 -4.12 -6.89
C LYS A 64 11.76 -2.66 -7.34
N ASN A 65 12.74 -2.22 -8.09
CA ASN A 65 12.78 -0.85 -8.59
C ASN A 65 11.77 -0.64 -9.71
N LEU A 66 11.09 -1.72 -10.09
CA LEU A 66 10.10 -1.66 -11.15
C LEU A 66 8.94 -0.76 -10.75
N SER A 67 8.13 -0.37 -11.73
CA SER A 67 6.98 0.50 -11.49
C SER A 67 5.88 -0.26 -10.74
N ILE A 68 5.13 0.45 -9.91
CA ILE A 68 4.05 -0.14 -9.14
C ILE A 68 3.03 -0.81 -10.06
N TYR A 69 2.85 -0.23 -11.24
CA TYR A 69 1.90 -0.77 -12.22
C TYR A 69 2.11 -2.27 -12.41
N GLN A 70 3.36 -2.69 -12.42
CA GLN A 70 3.69 -4.10 -12.60
C GLN A 70 3.45 -4.88 -11.32
N THR A 71 3.70 -4.23 -10.18
CA THR A 71 3.51 -4.88 -8.89
C THR A 71 2.06 -5.31 -8.70
N LEU A 72 1.13 -4.39 -8.95
CA LEU A 72 -0.30 -4.68 -8.80
C LEU A 72 -0.78 -5.56 -9.94
N LEU A 73 -0.42 -5.21 -11.16
CA LEU A 73 -0.81 -5.98 -12.34
C LEU A 73 -0.38 -7.43 -12.21
N ALA A 74 0.90 -7.63 -11.91
CA ALA A 74 1.44 -8.97 -11.75
C ALA A 74 0.79 -9.70 -10.59
N ALA A 75 0.84 -9.08 -9.41
CA ALA A 75 0.25 -9.68 -8.21
C ALA A 75 -1.19 -10.11 -8.47
N HIS A 76 -1.96 -9.25 -9.12
CA HIS A 76 -3.36 -9.54 -9.42
C HIS A 76 -3.47 -10.77 -10.32
N GLU A 77 -2.95 -10.65 -11.53
CA GLU A 77 -2.99 -11.75 -12.49
C GLU A 77 -2.44 -13.03 -11.87
N ARG A 78 -1.43 -12.89 -11.03
CA ARG A 78 -0.81 -14.04 -10.37
C ARG A 78 -1.73 -14.60 -9.29
N LEU A 79 -2.51 -13.72 -8.66
CA LEU A 79 -3.44 -14.13 -7.61
C LEU A 79 -4.56 -15.00 -8.17
N GLN A 80 -5.16 -14.53 -9.26
CA GLN A 80 -6.25 -15.27 -9.91
C GLN A 80 -5.74 -16.06 -11.10
N ALA A 81 -4.50 -16.53 -11.00
CA ALA A 81 -3.89 -17.32 -12.07
C ALA A 81 -4.20 -18.81 -11.90
N LEU A 82 -4.58 -19.45 -12.99
CA LEU A 82 -4.89 -20.88 -12.96
C LEU A 82 -3.71 -21.71 -13.44
N HIS B 3 -8.14 -19.12 72.43
CA HIS B 3 -6.72 -18.95 72.22
C HIS B 3 -6.43 -18.07 71.01
N MET B 4 -5.16 -17.88 70.70
CA MET B 4 -4.76 -17.05 69.57
C MET B 4 -4.30 -17.91 68.40
N ASP B 5 -4.01 -17.27 67.27
CA ASP B 5 -3.56 -17.97 66.08
C ASP B 5 -2.07 -18.32 66.20
N PRO B 6 -1.63 -19.29 65.39
CA PRO B 6 -0.23 -19.74 65.37
C PRO B 6 0.70 -18.70 64.77
N LEU B 7 0.32 -18.16 63.61
CA LEU B 7 1.13 -17.15 62.94
C LEU B 7 0.38 -16.57 61.74
N THR B 8 1.01 -15.62 61.06
CA THR B 8 0.40 -14.98 59.89
C THR B 8 1.15 -15.35 58.62
N PRO B 9 0.64 -16.36 57.90
CA PRO B 9 1.24 -16.83 56.65
C PRO B 9 1.10 -15.82 55.51
N ASP B 10 1.90 -15.98 54.48
CA ASP B 10 1.87 -15.07 53.33
C ASP B 10 1.66 -15.86 52.03
N ALA B 11 0.90 -15.26 51.11
CA ALA B 11 0.63 -15.90 49.83
C ALA B 11 -0.20 -14.99 48.93
N SER B 12 -0.41 -15.42 47.68
CA SER B 12 -1.18 -14.64 46.73
C SER B 12 -2.66 -14.98 46.81
N GLU B 13 -3.49 -14.25 46.08
CA GLU B 13 -4.92 -14.47 46.07
C GLU B 13 -5.59 -13.70 44.93
N SER B 14 -6.35 -14.41 44.11
CA SER B 14 -7.05 -13.80 42.98
C SER B 14 -6.08 -12.95 42.15
N VAL B 15 -4.82 -13.37 42.12
CA VAL B 15 -3.80 -12.65 41.35
C VAL B 15 -3.65 -13.22 39.94
N ASN B 16 -3.47 -12.34 38.97
CA ASN B 16 -3.32 -12.76 37.59
C ASN B 16 -2.71 -11.64 36.74
N ASN B 17 -2.46 -11.94 35.47
CA ASN B 17 -1.88 -10.95 34.56
C ASN B 17 -2.13 -11.35 33.10
N ILE B 18 -2.07 -10.36 32.21
CA ILE B 18 -2.28 -10.60 30.79
C ILE B 18 -1.65 -9.51 29.94
N LEU B 19 -1.45 -9.80 28.66
CA LEU B 19 -0.86 -8.83 27.74
C LEU B 19 -1.90 -7.81 27.27
N LYS B 20 -1.42 -6.71 26.72
CA LYS B 20 -2.30 -5.66 26.22
C LYS B 20 -1.78 -5.08 24.92
N GLN B 21 -2.62 -5.10 23.88
CA GLN B 21 -2.25 -4.57 22.58
C GLN B 21 -3.47 -4.08 21.82
N SER B 22 -3.27 -3.05 21.00
CA SER B 22 -4.37 -2.49 20.22
C SER B 22 -3.82 -1.68 19.03
N GLY B 23 -4.73 -1.17 18.21
CA GLY B 23 -4.33 -0.38 17.06
C GLY B 23 -5.08 -0.77 15.81
N ALA B 24 -5.45 0.23 15.00
CA ALA B 24 -6.18 -0.02 13.76
C ALA B 24 -6.35 1.27 12.97
N TRP B 25 -6.80 1.14 11.72
CA TRP B 25 -7.00 2.29 10.85
C TRP B 25 -8.20 2.08 9.94
N SER B 26 -8.44 3.05 9.05
CA SER B 26 -9.56 2.96 8.13
C SER B 26 -9.58 4.17 7.19
N GLY B 27 -10.25 4.01 6.05
CA GLY B 27 -10.33 5.10 5.08
C GLY B 27 -9.21 5.06 4.07
N ASP B 28 -8.05 5.57 4.45
CA ASP B 28 -6.89 5.60 3.56
C ASP B 28 -6.05 4.33 3.73
N ASP B 29 -6.05 3.80 4.94
CA ASP B 29 -5.29 2.58 5.25
C ASP B 29 -5.55 1.50 4.20
N LYS B 30 -6.77 1.49 3.66
CA LYS B 30 -7.15 0.52 2.64
C LYS B 30 -6.11 0.45 1.53
N LEU B 31 -5.81 1.60 0.95
CA LEU B 31 -4.83 1.68 -0.13
C LEU B 31 -3.42 1.92 0.42
N GLN B 32 -3.36 2.59 1.58
CA GLN B 32 -2.07 2.88 2.21
C GLN B 32 -1.22 1.62 2.31
N LYS B 33 -1.82 0.53 2.79
CA LYS B 33 -1.12 -0.73 2.94
C LYS B 33 -0.38 -1.10 1.65
N TRP B 34 -1.09 -1.07 0.54
CA TRP B 34 -0.51 -1.40 -0.76
C TRP B 34 0.66 -0.46 -1.08
N VAL B 35 0.37 0.83 -1.16
CA VAL B 35 1.39 1.82 -1.46
C VAL B 35 2.59 1.68 -0.52
N ARG B 36 2.32 1.75 0.79
CA ARG B 36 3.37 1.62 1.78
C ARG B 36 4.30 0.46 1.46
N VAL B 37 3.72 -0.66 1.02
CA VAL B 37 4.50 -1.83 0.67
C VAL B 37 5.31 -1.60 -0.60
N TYR B 38 4.70 -0.92 -1.56
CA TYR B 38 5.37 -0.64 -2.83
C TYR B 38 6.67 0.13 -2.61
N LEU B 39 6.60 1.14 -1.74
CA LEU B 39 7.78 1.95 -1.45
C LEU B 39 8.67 1.26 -0.42
N ASP B 40 8.07 0.43 0.43
CA ASP B 40 8.81 -0.30 1.45
C ASP B 40 9.64 -1.40 0.83
N ARG B 41 9.14 -1.98 -0.26
CA ARG B 41 9.84 -3.06 -0.95
C ARG B 41 10.77 -2.50 -2.02
N GLY B 42 10.37 -1.39 -2.63
CA GLY B 42 11.18 -0.78 -3.66
C GLY B 42 12.54 -0.36 -3.15
N GLN B 43 12.60 0.76 -2.45
CA GLN B 43 13.86 1.26 -1.91
C GLN B 43 13.77 1.45 -0.40
N GLU B 44 12.81 2.24 0.04
CA GLU B 44 12.62 2.50 1.46
C GLU B 44 11.37 3.34 1.70
N ALA B 45 11.15 3.71 2.97
CA ALA B 45 9.99 4.52 3.32
C ALA B 45 10.10 5.92 2.76
N ILE B 46 8.95 6.57 2.55
CA ILE B 46 8.92 7.92 2.00
C ILE B 46 7.69 8.68 2.49
N LYS B 47 7.90 9.89 2.97
CA LYS B 47 6.81 10.72 3.46
C LYS B 47 6.43 11.79 2.44
N MET A 4 13.30 8.45 27.17
CA MET A 4 14.60 8.46 26.50
C MET A 4 14.57 9.34 25.26
N ASP A 5 15.10 10.55 25.38
CA ASP A 5 15.13 11.50 24.27
C ASP A 5 16.31 11.22 23.36
N ASN A 6 16.04 11.04 22.07
CA ASN A 6 17.08 10.77 21.10
C ASN A 6 16.50 10.69 19.68
N SER A 7 17.38 10.51 18.70
CA SER A 7 16.96 10.42 17.30
C SER A 7 18.14 10.07 16.40
N ALA A 8 17.83 9.59 15.20
CA ALA A 8 18.86 9.22 14.23
C ALA A 8 18.26 8.84 12.89
N SER A 9 19.05 8.95 11.84
CA SER A 9 18.58 8.62 10.49
C SER A 9 19.73 8.69 9.49
N LYS A 10 19.43 8.39 8.23
CA LYS A 10 20.43 8.41 7.18
C LYS A 10 19.77 8.44 5.79
N ASN A 11 20.05 9.50 5.04
CA ASN A 11 19.49 9.64 3.70
C ASN A 11 20.14 10.81 2.96
N SER A 12 20.96 10.49 1.97
CA SER A 12 21.65 11.50 1.18
C SER A 12 21.38 11.33 -0.30
N ALA A 13 20.46 12.13 -0.84
CA ALA A 13 20.10 12.07 -2.25
C ALA A 13 20.36 13.40 -2.94
N ILE A 14 21.34 13.42 -3.84
CA ILE A 14 21.67 14.64 -4.57
C ILE A 14 21.24 14.54 -6.03
N SER A 15 19.93 14.52 -6.25
CA SER A 15 19.37 14.43 -7.59
C SER A 15 17.87 14.72 -7.59
N SER A 16 17.25 14.64 -8.76
CA SER A 16 15.83 14.90 -8.89
C SER A 16 15.01 13.95 -8.01
N SER A 17 14.24 14.52 -7.10
CA SER A 17 13.41 13.74 -6.20
C SER A 17 12.15 13.26 -6.89
N ILE A 18 12.31 12.47 -7.94
CA ILE A 18 11.18 11.94 -8.69
C ILE A 18 10.68 10.63 -8.10
N PHE A 19 11.61 9.83 -7.57
CA PHE A 19 11.26 8.56 -6.96
C PHE A 19 10.18 8.73 -5.91
N CYS A 20 10.23 9.84 -5.19
CA CYS A 20 9.26 10.12 -4.14
C CYS A 20 7.94 10.59 -4.74
N GLU A 21 8.03 11.46 -5.75
CA GLU A 21 6.85 11.99 -6.41
C GLU A 21 5.91 10.86 -6.85
N LYS A 22 6.50 9.71 -7.14
CA LYS A 22 5.73 8.54 -7.57
C LYS A 22 4.58 8.27 -6.60
N TYR A 23 4.75 8.68 -5.35
CA TYR A 23 3.74 8.47 -4.33
C TYR A 23 2.36 8.92 -4.82
N LYS A 24 2.35 9.93 -5.68
CA LYS A 24 1.10 10.45 -6.24
C LYS A 24 0.47 9.44 -7.19
N GLN A 25 1.18 9.10 -8.25
CA GLN A 25 0.69 8.14 -9.24
C GLN A 25 0.36 6.80 -8.57
N THR A 26 1.18 6.42 -7.60
CA THR A 26 0.97 5.16 -6.89
C THR A 26 -0.34 5.17 -6.12
N LYS A 27 -0.50 6.17 -5.25
CA LYS A 27 -1.71 6.30 -4.45
C LYS A 27 -2.95 6.32 -5.34
N GLU A 28 -2.90 7.09 -6.41
CA GLU A 28 -4.01 7.20 -7.34
C GLU A 28 -4.34 5.84 -7.96
N GLN A 29 -3.30 5.12 -8.37
CA GLN A 29 -3.47 3.81 -8.98
C GLN A 29 -4.09 2.83 -8.00
N ALA A 30 -3.74 2.98 -6.72
CA ALA A 30 -4.28 2.11 -5.68
C ALA A 30 -5.76 2.34 -5.47
N LEU A 31 -6.12 3.56 -5.09
CA LEU A 31 -7.51 3.92 -4.85
C LEU A 31 -8.36 3.60 -6.08
N THR A 32 -7.81 3.83 -7.26
CA THR A 32 -8.52 3.57 -8.50
C THR A 32 -8.83 2.09 -8.66
N PHE A 33 -7.82 1.25 -8.42
CA PHE A 33 -7.98 -0.19 -8.54
C PHE A 33 -8.82 -0.73 -7.39
N PHE A 34 -8.81 -0.03 -6.27
CA PHE A 34 -9.57 -0.45 -5.10
C PHE A 34 -11.04 -0.05 -5.23
N GLN A 35 -11.28 1.10 -5.84
CA GLN A 35 -12.63 1.60 -6.03
C GLN A 35 -13.26 0.99 -7.28
N GLU A 36 -12.46 0.81 -8.32
CA GLU A 36 -12.94 0.24 -9.57
C GLU A 36 -13.07 -1.28 -9.46
N HIS A 37 -12.15 -1.90 -8.71
CA HIS A 37 -12.17 -3.35 -8.53
C HIS A 37 -12.01 -3.70 -7.05
N PRO A 38 -13.03 -3.37 -6.25
CA PRO A 38 -13.02 -3.65 -4.81
C PRO A 38 -13.13 -5.14 -4.50
N GLN A 39 -12.00 -5.82 -4.49
CA GLN A 39 -11.97 -7.25 -4.20
C GLN A 39 -12.72 -7.57 -2.92
N TYR A 40 -12.63 -6.67 -1.95
CA TYR A 40 -13.30 -6.86 -0.67
C TYR A 40 -14.80 -7.03 -0.85
N MET A 41 -15.35 -6.33 -1.85
CA MET A 41 -16.77 -6.40 -2.14
C MET A 41 -17.12 -7.72 -2.84
N ARG A 42 -16.12 -8.32 -3.48
CA ARG A 42 -16.33 -9.58 -4.18
C ARG A 42 -16.16 -10.76 -3.23
N SER A 43 -15.08 -10.75 -2.46
CA SER A 43 -14.81 -11.83 -1.52
C SER A 43 -13.90 -11.34 -0.39
N LYS A 44 -14.22 -11.74 0.83
CA LYS A 44 -13.43 -11.35 1.99
C LYS A 44 -12.06 -12.01 1.97
N GLU A 45 -12.01 -13.24 1.48
CA GLU A 45 -10.75 -13.98 1.41
C GLU A 45 -9.90 -13.47 0.26
N ASP A 46 -10.55 -13.10 -0.84
CA ASP A 46 -9.84 -12.60 -2.02
C ASP A 46 -8.93 -11.45 -1.65
N GLU A 47 -9.48 -10.44 -0.97
CA GLU A 47 -8.70 -9.28 -0.57
C GLU A 47 -7.45 -9.70 0.19
N GLU A 48 -7.62 -10.48 1.24
CA GLU A 48 -6.51 -10.95 2.05
C GLU A 48 -5.50 -11.72 1.19
N GLN A 49 -5.98 -12.75 0.50
CA GLN A 49 -5.13 -13.56 -0.36
C GLN A 49 -4.32 -12.68 -1.31
N LEU A 50 -4.99 -11.72 -1.94
CA LEU A 50 -4.33 -10.81 -2.88
C LEU A 50 -3.31 -9.95 -2.17
N MET A 51 -3.60 -9.60 -0.92
CA MET A 51 -2.69 -8.78 -0.12
C MET A 51 -1.40 -9.54 0.17
N THR A 52 -1.52 -10.67 0.85
CA THR A 52 -0.36 -11.48 1.21
C THR A 52 0.49 -11.78 -0.02
N GLU A 53 -0.16 -12.18 -1.11
CA GLU A 53 0.54 -12.49 -2.34
C GLU A 53 1.16 -11.24 -2.95
N PHE A 54 0.46 -10.12 -2.82
CA PHE A 54 0.93 -8.85 -3.35
C PHE A 54 2.22 -8.40 -2.65
N LYS A 55 2.37 -8.81 -1.40
CA LYS A 55 3.55 -8.46 -0.62
C LYS A 55 4.70 -9.42 -0.90
N LYS A 56 4.36 -10.69 -1.12
CA LYS A 56 5.36 -11.70 -1.41
C LYS A 56 5.89 -11.56 -2.84
N VAL A 57 5.03 -11.11 -3.74
CA VAL A 57 5.42 -10.93 -5.14
C VAL A 57 6.27 -9.68 -5.31
N LEU A 58 6.26 -8.82 -4.30
CA LEU A 58 7.04 -7.58 -4.33
C LEU A 58 8.48 -7.83 -3.89
N LEU A 59 8.64 -8.71 -2.91
CA LEU A 59 9.97 -9.05 -2.39
C LEU A 59 10.55 -10.25 -3.12
N GLU A 60 9.73 -10.89 -3.95
CA GLU A 60 10.18 -12.06 -4.70
C GLU A 60 11.21 -11.66 -5.77
N PRO A 61 10.78 -10.79 -6.70
CA PRO A 61 11.66 -10.31 -7.78
C PRO A 61 12.76 -9.40 -7.27
N GLY A 62 13.83 -9.28 -8.06
CA GLY A 62 14.95 -8.44 -7.67
C GLY A 62 14.80 -7.02 -8.18
N SER A 63 13.95 -6.84 -9.18
CA SER A 63 13.73 -5.51 -9.76
C SER A 63 12.72 -4.73 -8.94
N LYS A 64 12.94 -4.67 -7.62
CA LYS A 64 12.06 -3.94 -6.73
C LYS A 64 11.87 -2.50 -7.18
N ASN A 65 12.79 -2.03 -8.03
CA ASN A 65 12.73 -0.67 -8.54
C ASN A 65 11.84 -0.60 -9.77
N LEU A 66 10.92 -1.55 -9.89
CA LEU A 66 10.00 -1.59 -11.03
C LEU A 66 8.78 -0.71 -10.77
N SER A 67 8.04 -0.41 -11.84
CA SER A 67 6.86 0.43 -11.73
C SER A 67 5.80 -0.22 -10.83
N ILE A 68 5.14 0.58 -10.01
CA ILE A 68 4.11 0.07 -9.10
C ILE A 68 2.98 -0.59 -9.87
N TYR A 69 2.87 -0.26 -11.15
CA TYR A 69 1.82 -0.83 -12.00
C TYR A 69 2.06 -2.31 -12.23
N GLN A 70 3.33 -2.69 -12.34
CA GLN A 70 3.69 -4.09 -12.56
C GLN A 70 3.49 -4.92 -11.30
N THR A 71 3.85 -4.34 -10.16
CA THR A 71 3.70 -5.02 -8.88
C THR A 71 2.26 -5.42 -8.63
N LEU A 72 1.34 -4.47 -8.72
CA LEU A 72 -0.07 -4.72 -8.51
C LEU A 72 -0.63 -5.61 -9.63
N LEU A 73 -0.40 -5.21 -10.86
CA LEU A 73 -0.89 -5.97 -12.01
C LEU A 73 -0.46 -7.43 -11.92
N ALA A 74 0.84 -7.66 -11.75
CA ALA A 74 1.37 -9.01 -11.63
C ALA A 74 0.72 -9.75 -10.46
N ALA A 75 0.75 -9.13 -9.28
CA ALA A 75 0.17 -9.74 -8.10
C ALA A 75 -1.26 -10.21 -8.35
N HIS A 76 -2.05 -9.35 -8.99
CA HIS A 76 -3.44 -9.67 -9.30
C HIS A 76 -3.51 -10.90 -10.21
N GLU A 77 -2.97 -10.76 -11.42
CA GLU A 77 -2.99 -11.85 -12.38
C GLU A 77 -2.44 -13.14 -11.76
N ARG A 78 -1.42 -12.99 -10.92
CA ARG A 78 -0.81 -14.13 -10.26
C ARG A 78 -1.73 -14.71 -9.18
N LEU A 79 -2.52 -13.83 -8.57
CA LEU A 79 -3.45 -14.24 -7.52
C LEU A 79 -4.53 -15.15 -8.08
N GLN A 80 -5.14 -14.73 -9.18
CA GLN A 80 -6.20 -15.51 -9.81
C GLN A 80 -5.66 -16.31 -10.99
N ALA A 81 -4.41 -16.77 -10.87
CA ALA A 81 -3.77 -17.55 -11.91
C ALA A 81 -4.11 -19.03 -11.77
N LEU A 82 -4.42 -19.68 -12.89
CA LEU A 82 -4.75 -21.09 -12.88
C LEU A 82 -3.58 -21.93 -12.36
N HIS B 3 49.95 -20.82 18.73
CA HIS B 3 49.43 -19.46 18.71
C HIS B 3 47.90 -19.46 18.74
N MET B 4 47.33 -18.38 19.26
CA MET B 4 45.88 -18.27 19.34
C MET B 4 45.44 -16.82 19.10
N ASP B 5 44.13 -16.59 19.16
CA ASP B 5 43.58 -15.26 18.95
C ASP B 5 44.21 -14.25 19.89
N PRO B 6 44.11 -12.96 19.54
CA PRO B 6 44.67 -11.87 20.35
C PRO B 6 43.91 -11.66 21.65
N LEU B 7 42.59 -11.61 21.55
CA LEU B 7 41.74 -11.41 22.73
C LEU B 7 40.26 -11.54 22.36
N THR B 8 39.40 -11.16 23.29
CA THR B 8 37.96 -11.23 23.07
C THR B 8 37.38 -9.85 22.79
N PRO B 9 37.18 -9.53 21.51
CA PRO B 9 36.63 -8.24 21.08
C PRO B 9 35.15 -8.11 21.44
N ASP B 10 34.72 -6.87 21.70
CA ASP B 10 33.33 -6.61 22.04
C ASP B 10 33.00 -5.13 21.88
N ALA B 11 31.71 -4.81 21.88
CA ALA B 11 31.27 -3.42 21.73
C ALA B 11 29.76 -3.31 21.91
N SER B 12 29.24 -2.10 21.78
CA SER B 12 27.81 -1.86 21.93
C SER B 12 27.12 -1.78 20.57
N GLU B 13 25.92 -2.32 20.49
CA GLU B 13 25.16 -2.31 19.25
C GLU B 13 23.71 -1.89 19.49
N SER B 14 22.93 -2.77 20.10
CA SER B 14 21.52 -2.49 20.39
C SER B 14 21.34 -2.15 21.86
N VAL B 15 21.75 -0.94 22.24
CA VAL B 15 21.62 -0.50 23.63
C VAL B 15 20.66 0.68 23.73
N ASN B 16 20.69 1.56 22.73
CA ASN B 16 19.82 2.73 22.72
C ASN B 16 18.35 2.32 22.76
N ASN B 17 17.47 3.30 22.70
CA ASN B 17 16.03 3.05 22.75
C ASN B 17 15.24 4.28 22.32
N ILE B 18 13.95 4.10 22.09
CA ILE B 18 13.08 5.20 21.69
C ILE B 18 11.69 5.07 22.31
N LEU B 19 11.06 6.21 22.55
CA LEU B 19 9.73 6.24 23.15
C LEU B 19 8.70 5.65 22.20
N LYS B 20 7.43 5.74 22.58
CA LYS B 20 6.34 5.21 21.75
C LYS B 20 5.14 6.15 21.78
N GLN B 21 4.87 6.79 20.65
CA GLN B 21 3.75 7.71 20.55
C GLN B 21 3.23 7.79 19.11
N SER B 22 1.93 7.60 18.95
CA SER B 22 1.31 7.64 17.63
C SER B 22 -0.22 7.63 17.74
N GLY B 23 -0.88 7.73 16.60
CA GLY B 23 -2.34 7.73 16.59
C GLY B 23 -2.92 6.56 15.83
N ALA B 24 -3.96 6.81 15.05
CA ALA B 24 -4.61 5.77 14.27
C ALA B 24 -4.89 6.25 12.84
N TRP B 25 -5.33 5.32 12.00
CA TRP B 25 -5.63 5.64 10.61
C TRP B 25 -6.82 4.83 10.11
N SER B 26 -7.67 5.46 9.30
CA SER B 26 -8.85 4.79 8.75
C SER B 26 -9.26 5.43 7.43
N GLY B 27 -9.78 4.60 6.52
CA GLY B 27 -10.21 5.10 5.22
C GLY B 27 -9.11 5.07 4.20
N ASP B 28 -7.94 5.58 4.56
CA ASP B 28 -6.80 5.60 3.66
C ASP B 28 -5.97 4.32 3.80
N ASP B 29 -5.94 3.77 5.00
CA ASP B 29 -5.18 2.55 5.27
C ASP B 29 -5.47 1.49 4.22
N LYS B 30 -6.69 1.50 3.69
CA LYS B 30 -7.10 0.54 2.68
C LYS B 30 -6.08 0.47 1.55
N LEU B 31 -5.76 1.62 0.98
CA LEU B 31 -4.79 1.70 -0.11
C LEU B 31 -3.38 1.92 0.43
N GLN B 32 -3.29 2.59 1.58
CA GLN B 32 -1.99 2.87 2.19
C GLN B 32 -1.16 1.60 2.31
N LYS B 33 -1.78 0.54 2.81
CA LYS B 33 -1.10 -0.74 2.97
C LYS B 33 -0.37 -1.13 1.69
N TRP B 34 -1.09 -1.10 0.57
CA TRP B 34 -0.51 -1.45 -0.72
C TRP B 34 0.66 -0.55 -1.06
N VAL B 35 0.39 0.75 -1.16
CA VAL B 35 1.43 1.73 -1.48
C VAL B 35 2.62 1.59 -0.53
N ARG B 36 2.35 1.70 0.76
CA ARG B 36 3.41 1.58 1.76
C ARG B 36 4.32 0.40 1.47
N VAL B 37 3.72 -0.73 1.09
CA VAL B 37 4.49 -1.93 0.77
C VAL B 37 5.32 -1.73 -0.48
N TYR B 38 4.73 -1.08 -1.49
CA TYR B 38 5.43 -0.83 -2.75
C TYR B 38 6.67 0.03 -2.52
N LEU B 39 6.51 1.09 -1.73
CA LEU B 39 7.63 1.99 -1.44
C LEU B 39 8.57 1.37 -0.40
N ASP B 40 8.03 0.51 0.44
CA ASP B 40 8.81 -0.15 1.47
C ASP B 40 9.67 -1.26 0.87
N ARG B 41 9.15 -1.91 -0.17
CA ARG B 41 9.86 -2.99 -0.83
C ARG B 41 10.72 -2.46 -1.98
N GLY B 42 10.25 -1.39 -2.62
CA GLY B 42 10.98 -0.80 -3.73
C GLY B 42 12.37 -0.34 -3.32
N GLN B 43 12.44 0.78 -2.62
CA GLN B 43 13.72 1.32 -2.17
C GLN B 43 13.68 1.63 -0.67
N GLU B 44 13.01 2.71 -0.32
CA GLU B 44 12.91 3.11 1.09
C GLU B 44 11.65 3.95 1.31
N ALA B 45 11.50 4.46 2.53
CA ALA B 45 10.34 5.27 2.89
C ALA B 45 10.24 6.50 2.01
N ILE B 46 9.04 7.07 1.91
CA ILE B 46 8.82 8.26 1.10
C ILE B 46 7.64 9.07 1.63
N LYS B 47 7.81 10.39 1.66
CA LYS B 47 6.77 11.29 2.14
C LYS B 47 6.21 12.14 1.01
N MET A 4 6.56 32.83 -28.98
CA MET A 4 7.57 31.94 -28.42
C MET A 4 7.76 30.70 -29.27
N ASP A 5 9.00 30.27 -29.42
CA ASP A 5 9.31 29.09 -30.22
C ASP A 5 8.83 27.82 -29.52
N ASN A 6 8.45 26.82 -30.31
CA ASN A 6 7.98 25.55 -29.77
C ASN A 6 8.90 24.40 -30.17
N SER A 7 9.24 23.56 -29.20
CA SER A 7 10.12 22.43 -29.46
C SER A 7 9.54 21.15 -28.85
N ALA A 8 10.26 20.04 -29.03
CA ALA A 8 9.82 18.76 -28.50
C ALA A 8 10.31 18.56 -27.08
N SER A 9 10.03 17.39 -26.51
CA SER A 9 10.43 17.06 -25.15
C SER A 9 11.81 16.42 -25.13
N LYS A 10 12.52 16.57 -24.01
CA LYS A 10 13.85 16.00 -23.86
C LYS A 10 14.12 15.64 -22.41
N ASN A 11 14.90 14.58 -22.20
CA ASN A 11 15.25 14.12 -20.86
C ASN A 11 15.98 15.22 -20.09
N SER A 12 16.45 14.88 -18.90
CA SER A 12 17.17 15.83 -18.05
C SER A 12 18.12 15.10 -17.11
N ALA A 13 19.26 15.73 -16.83
CA ALA A 13 20.26 15.15 -15.94
C ALA A 13 19.83 15.25 -14.48
N ILE A 14 18.80 14.49 -14.11
CA ILE A 14 18.28 14.50 -12.75
C ILE A 14 18.49 13.14 -12.08
N SER A 15 19.29 13.14 -11.02
CA SER A 15 19.57 11.91 -10.28
C SER A 15 19.00 11.98 -8.87
N SER A 16 17.84 12.61 -8.74
CA SER A 16 17.19 12.75 -7.44
C SER A 16 16.30 11.55 -7.15
N SER A 17 15.57 11.62 -6.04
CA SER A 17 14.68 10.53 -5.64
C SER A 17 13.29 10.70 -6.26
N ILE A 18 13.19 10.45 -7.55
CA ILE A 18 11.92 10.58 -8.26
C ILE A 18 10.82 9.80 -7.55
N PHE A 19 11.18 8.68 -6.93
CA PHE A 19 10.22 7.85 -6.22
C PHE A 19 9.42 8.69 -5.22
N CYS A 20 10.08 9.69 -4.63
CA CYS A 20 9.42 10.56 -3.66
C CYS A 20 8.12 11.11 -4.21
N GLU A 21 8.13 11.49 -5.48
CA GLU A 21 6.94 12.03 -6.13
C GLU A 21 6.05 10.92 -6.66
N LYS A 22 6.67 9.80 -7.03
CA LYS A 22 5.94 8.65 -7.56
C LYS A 22 4.79 8.27 -6.62
N TYR A 23 4.95 8.58 -5.35
CA TYR A 23 3.93 8.26 -4.35
C TYR A 23 2.55 8.71 -4.83
N LYS A 24 2.51 9.78 -5.61
CA LYS A 24 1.27 10.31 -6.12
C LYS A 24 0.61 9.33 -7.09
N GLN A 25 1.32 9.01 -8.18
CA GLN A 25 0.81 8.09 -9.17
C GLN A 25 0.42 6.76 -8.53
N THR A 26 1.27 6.26 -7.64
CA THR A 26 1.01 5.00 -6.95
C THR A 26 -0.31 5.05 -6.18
N LYS A 27 -0.44 6.05 -5.31
CA LYS A 27 -1.65 6.21 -4.53
C LYS A 27 -2.90 6.24 -5.42
N GLU A 28 -2.79 6.97 -6.52
CA GLU A 28 -3.91 7.08 -7.47
C GLU A 28 -4.28 5.72 -8.03
N GLN A 29 -3.27 4.94 -8.42
CA GLN A 29 -3.50 3.62 -8.98
C GLN A 29 -4.14 2.70 -7.96
N ALA A 30 -3.78 2.88 -6.70
CA ALA A 30 -4.33 2.06 -5.62
C ALA A 30 -5.81 2.35 -5.42
N LEU A 31 -6.13 3.60 -5.08
CA LEU A 31 -7.51 3.99 -4.86
C LEU A 31 -8.38 3.66 -6.08
N THR A 32 -7.84 3.88 -7.27
CA THR A 32 -8.56 3.59 -8.50
C THR A 32 -8.91 2.11 -8.60
N PHE A 33 -7.93 1.26 -8.35
CA PHE A 33 -8.15 -0.19 -8.41
C PHE A 33 -9.01 -0.65 -7.24
N PHE A 34 -8.92 0.05 -6.12
CA PHE A 34 -9.71 -0.30 -4.94
C PHE A 34 -11.17 0.09 -5.11
N GLN A 35 -11.40 1.24 -5.72
CA GLN A 35 -12.76 1.73 -5.95
C GLN A 35 -13.37 1.06 -7.17
N GLU A 36 -12.59 0.95 -8.24
CA GLU A 36 -13.06 0.33 -9.47
C GLU A 36 -13.25 -1.17 -9.29
N HIS A 37 -12.35 -1.78 -8.54
CA HIS A 37 -12.42 -3.22 -8.29
C HIS A 37 -12.18 -3.52 -6.80
N PRO A 38 -13.18 -3.20 -5.96
CA PRO A 38 -13.10 -3.43 -4.52
C PRO A 38 -13.14 -4.92 -4.17
N GLN A 39 -12.00 -5.59 -4.31
CA GLN A 39 -11.91 -7.01 -4.00
C GLN A 39 -12.46 -7.30 -2.61
N TYR A 40 -12.24 -6.38 -1.68
CA TYR A 40 -12.73 -6.54 -0.31
C TYR A 40 -14.24 -6.61 -0.27
N MET A 41 -14.89 -5.85 -1.15
CA MET A 41 -16.34 -5.81 -1.21
C MET A 41 -16.88 -7.08 -1.88
N ARG A 42 -16.04 -7.70 -2.70
CA ARG A 42 -16.43 -8.92 -3.40
C ARG A 42 -16.24 -10.16 -2.52
N SER A 43 -15.06 -10.24 -1.90
CA SER A 43 -14.75 -11.37 -1.03
C SER A 43 -13.68 -11.00 -0.01
N LYS A 44 -14.04 -11.03 1.26
CA LYS A 44 -13.11 -10.69 2.33
C LYS A 44 -11.84 -11.53 2.25
N GLU A 45 -12.00 -12.79 1.84
CA GLU A 45 -10.88 -13.70 1.70
C GLU A 45 -10.04 -13.37 0.47
N ASP A 46 -10.73 -12.95 -0.60
CA ASP A 46 -10.05 -12.59 -1.84
C ASP A 46 -9.02 -11.48 -1.60
N GLU A 47 -9.49 -10.36 -1.08
CA GLU A 47 -8.62 -9.22 -0.81
C GLU A 47 -7.40 -9.66 0.02
N GLU A 48 -7.63 -10.50 1.01
CA GLU A 48 -6.57 -10.99 1.87
C GLU A 48 -5.49 -11.69 1.05
N GLN A 49 -5.87 -12.75 0.35
CA GLN A 49 -4.95 -13.51 -0.47
C GLN A 49 -4.18 -12.59 -1.42
N LEU A 50 -4.89 -11.61 -1.99
CA LEU A 50 -4.28 -10.66 -2.91
C LEU A 50 -3.22 -9.82 -2.21
N MET A 51 -3.51 -9.43 -0.96
CA MET A 51 -2.58 -8.63 -0.18
C MET A 51 -1.31 -9.40 0.13
N THR A 52 -1.46 -10.54 0.79
CA THR A 52 -0.32 -11.37 1.15
C THR A 52 0.55 -11.67 -0.07
N GLU A 53 -0.09 -12.05 -1.17
CA GLU A 53 0.62 -12.36 -2.40
C GLU A 53 1.25 -11.10 -3.00
N PHE A 54 0.50 -10.00 -2.96
CA PHE A 54 0.99 -8.73 -3.50
C PHE A 54 2.25 -8.28 -2.78
N LYS A 55 2.40 -8.72 -1.53
CA LYS A 55 3.56 -8.37 -0.73
C LYS A 55 4.74 -9.31 -1.01
N LYS A 56 4.42 -10.59 -1.18
CA LYS A 56 5.45 -11.59 -1.46
C LYS A 56 5.97 -11.45 -2.88
N VAL A 57 5.12 -10.99 -3.77
CA VAL A 57 5.49 -10.81 -5.17
C VAL A 57 6.34 -9.55 -5.35
N LEU A 58 6.35 -8.70 -4.33
CA LEU A 58 7.12 -7.46 -4.37
C LEU A 58 8.56 -7.70 -3.92
N LEU A 59 8.74 -8.63 -2.99
CA LEU A 59 10.06 -8.95 -2.47
C LEU A 59 10.69 -10.08 -3.28
N GLU A 60 9.86 -10.98 -3.78
CA GLU A 60 10.35 -12.11 -4.57
C GLU A 60 11.34 -11.64 -5.65
N PRO A 61 10.86 -10.76 -6.54
CA PRO A 61 11.68 -10.22 -7.62
C PRO A 61 12.76 -9.27 -7.11
N GLY A 62 13.85 -9.14 -7.88
CA GLY A 62 14.93 -8.27 -7.49
C GLY A 62 14.76 -6.86 -8.04
N SER A 63 13.92 -6.72 -9.05
CA SER A 63 13.67 -5.42 -9.67
C SER A 63 12.64 -4.62 -8.87
N LYS A 64 12.85 -4.53 -7.57
CA LYS A 64 11.94 -3.80 -6.69
C LYS A 64 11.77 -2.36 -7.17
N ASN A 65 12.68 -1.90 -8.01
CA ASN A 65 12.63 -0.54 -8.54
C ASN A 65 11.76 -0.48 -9.79
N LEU A 66 10.84 -1.43 -9.91
CA LEU A 66 9.94 -1.47 -11.05
C LEU A 66 8.70 -0.62 -10.81
N SER A 67 7.97 -0.31 -11.89
CA SER A 67 6.78 0.51 -11.78
C SER A 67 5.72 -0.18 -10.94
N ILE A 68 5.02 0.60 -10.12
CA ILE A 68 3.97 0.07 -9.25
C ILE A 68 2.88 -0.62 -10.06
N TYR A 69 2.81 -0.29 -11.35
CA TYR A 69 1.81 -0.88 -12.23
C TYR A 69 2.07 -2.37 -12.42
N GLN A 70 3.34 -2.75 -12.49
CA GLN A 70 3.72 -4.14 -12.67
C GLN A 70 3.48 -4.93 -11.40
N THR A 71 3.86 -4.35 -10.27
CA THR A 71 3.69 -5.01 -8.97
C THR A 71 2.25 -5.46 -8.77
N LEU A 72 1.33 -4.51 -8.88
CA LEU A 72 -0.09 -4.82 -8.70
C LEU A 72 -0.60 -5.73 -9.82
N LEU A 73 -0.27 -5.38 -11.06
CA LEU A 73 -0.68 -6.16 -12.22
C LEU A 73 -0.31 -7.63 -12.04
N ALA A 74 0.95 -7.89 -11.72
CA ALA A 74 1.43 -9.26 -11.52
C ALA A 74 0.70 -9.92 -10.35
N ALA A 75 0.70 -9.25 -9.21
CA ALA A 75 0.03 -9.77 -8.02
C ALA A 75 -1.42 -10.14 -8.31
N HIS A 76 -2.09 -9.31 -9.10
CA HIS A 76 -3.48 -9.56 -9.46
C HIS A 76 -3.61 -10.82 -10.30
N GLU A 77 -2.94 -10.83 -11.45
CA GLU A 77 -2.98 -11.98 -12.35
C GLU A 77 -2.56 -13.26 -11.63
N ARG A 78 -1.59 -13.12 -10.71
CA ARG A 78 -1.09 -14.25 -9.96
C ARG A 78 -2.14 -14.76 -8.99
N LEU A 79 -2.97 -13.85 -8.48
CA LEU A 79 -4.02 -14.22 -7.54
C LEU A 79 -5.02 -15.18 -8.18
N GLN A 80 -5.28 -14.98 -9.47
CA GLN A 80 -6.21 -15.83 -10.20
C GLN A 80 -5.47 -16.83 -11.08
N ALA A 81 -4.30 -17.27 -10.61
CA ALA A 81 -3.49 -18.23 -11.35
C ALA A 81 -3.38 -19.55 -10.61
N LEU A 82 -2.76 -19.51 -9.43
CA LEU A 82 -2.59 -20.70 -8.61
C LEU A 82 -1.96 -21.83 -9.42
N HIS B 3 -29.84 48.98 -0.57
CA HIS B 3 -30.14 47.90 -1.49
C HIS B 3 -30.24 46.56 -0.76
N MET B 4 -31.00 45.64 -1.33
CA MET B 4 -31.19 44.32 -0.73
C MET B 4 -29.87 43.57 -0.63
N ASP B 5 -29.92 42.33 -0.16
CA ASP B 5 -28.73 41.51 0.00
C ASP B 5 -28.08 41.24 -1.36
N PRO B 6 -26.79 40.88 -1.34
CA PRO B 6 -26.03 40.58 -2.56
C PRO B 6 -26.49 39.29 -3.24
N LEU B 7 -26.63 38.23 -2.45
CA LEU B 7 -27.06 36.94 -2.97
C LEU B 7 -27.29 35.95 -1.84
N THR B 8 -27.74 34.75 -2.19
CA THR B 8 -27.99 33.70 -1.21
C THR B 8 -27.05 32.52 -1.39
N PRO B 9 -25.96 32.51 -0.60
CA PRO B 9 -24.96 31.45 -0.66
C PRO B 9 -25.49 30.12 -0.13
N ASP B 10 -25.25 29.05 -0.87
CA ASP B 10 -25.69 27.71 -0.48
C ASP B 10 -24.76 26.64 -1.01
N ALA B 11 -24.72 25.50 -0.34
CA ALA B 11 -23.87 24.39 -0.74
C ALA B 11 -24.30 23.10 -0.08
N SER B 12 -23.74 21.99 -0.54
CA SER B 12 -24.06 20.67 0.02
C SER B 12 -23.52 20.52 1.43
N GLU B 13 -24.40 20.61 2.41
CA GLU B 13 -24.02 20.49 3.81
C GLU B 13 -24.65 19.25 4.45
N SER B 14 -25.95 19.33 4.70
CA SER B 14 -26.67 18.21 5.31
C SER B 14 -27.48 17.45 4.27
N VAL B 15 -26.95 17.39 3.05
CA VAL B 15 -27.61 16.69 1.95
C VAL B 15 -27.51 15.18 2.13
N ASN B 16 -26.38 14.72 2.66
CA ASN B 16 -26.16 13.30 2.88
C ASN B 16 -26.59 12.89 4.29
N ASN B 17 -27.20 11.71 4.39
CA ASN B 17 -27.66 11.20 5.69
C ASN B 17 -27.06 9.83 5.97
N ILE B 18 -26.57 9.66 7.20
CA ILE B 18 -25.96 8.40 7.60
C ILE B 18 -26.47 7.96 8.98
N LEU B 19 -26.53 6.65 9.20
CA LEU B 19 -26.99 6.10 10.46
C LEU B 19 -25.87 6.13 11.50
N LYS B 20 -26.20 5.70 12.72
CA LYS B 20 -25.22 5.67 13.80
C LYS B 20 -24.59 4.29 13.93
N GLN B 21 -23.29 4.21 13.67
CA GLN B 21 -22.58 2.94 13.75
C GLN B 21 -21.20 3.13 14.40
N SER B 22 -20.74 2.11 15.10
CA SER B 22 -19.45 2.17 15.77
C SER B 22 -18.85 0.78 15.91
N GLY B 23 -17.59 0.62 15.48
CA GLY B 23 -16.93 -0.66 15.57
C GLY B 23 -16.47 -1.18 14.21
N ALA B 24 -15.88 -0.28 13.41
CA ALA B 24 -15.41 -0.66 12.09
C ALA B 24 -14.07 0.00 11.79
N TRP B 25 -13.48 -0.35 10.65
CA TRP B 25 -12.19 0.20 10.26
C TRP B 25 -12.11 0.37 8.74
N SER B 26 -11.83 1.59 8.30
CA SER B 26 -11.73 1.89 6.87
C SER B 26 -11.26 3.32 6.65
N GLY B 27 -10.85 3.61 5.41
CA GLY B 27 -10.38 4.94 5.09
C GLY B 27 -9.25 4.93 4.07
N ASP B 28 -8.10 5.45 4.46
CA ASP B 28 -6.94 5.50 3.57
C ASP B 28 -6.09 4.24 3.73
N ASP B 29 -6.09 3.67 4.92
CA ASP B 29 -5.32 2.46 5.20
C ASP B 29 -5.58 1.40 4.14
N LYS B 30 -6.80 1.40 3.61
CA LYS B 30 -7.17 0.44 2.57
C LYS B 30 -6.14 0.39 1.46
N LEU B 31 -5.82 1.55 0.91
CA LEU B 31 -4.84 1.64 -0.18
C LEU B 31 -3.44 1.88 0.38
N GLN B 32 -3.37 2.52 1.54
CA GLN B 32 -2.10 2.82 2.19
C GLN B 32 -1.25 1.55 2.29
N LYS B 33 -1.85 0.48 2.75
CA LYS B 33 -1.15 -0.80 2.90
C LYS B 33 -0.41 -1.16 1.63
N TRP B 34 -1.11 -1.12 0.50
CA TRP B 34 -0.52 -1.44 -0.79
C TRP B 34 0.65 -0.51 -1.10
N VAL B 35 0.37 0.78 -1.19
CA VAL B 35 1.40 1.78 -1.47
C VAL B 35 2.58 1.64 -0.52
N ARG B 36 2.29 1.72 0.78
CA ARG B 36 3.32 1.60 1.79
C ARG B 36 4.26 0.44 1.48
N VAL B 37 3.69 -0.69 1.07
CA VAL B 37 4.47 -1.87 0.74
C VAL B 37 5.30 -1.64 -0.51
N TYR B 38 4.71 -0.98 -1.49
CA TYR B 38 5.40 -0.70 -2.75
C TYR B 38 6.66 0.11 -2.51
N LEU B 39 6.56 1.15 -1.69
CA LEU B 39 7.69 2.01 -1.37
C LEU B 39 8.60 1.35 -0.33
N ASP B 40 8.01 0.50 0.51
CA ASP B 40 8.76 -0.19 1.54
C ASP B 40 9.63 -1.29 0.94
N ARG B 41 9.14 -1.90 -0.13
CA ARG B 41 9.87 -2.97 -0.80
C ARG B 41 10.77 -2.41 -1.89
N GLY B 42 10.33 -1.33 -2.53
CA GLY B 42 11.11 -0.71 -3.59
C GLY B 42 12.49 -0.28 -3.10
N GLN B 43 12.54 0.79 -2.32
CA GLN B 43 13.80 1.30 -1.80
C GLN B 43 13.71 1.55 -0.30
N GLU B 44 12.76 2.40 0.09
CA GLU B 44 12.58 2.73 1.50
C GLU B 44 11.30 3.55 1.71
N ALA B 45 11.03 3.89 2.95
CA ALA B 45 9.83 4.66 3.29
C ALA B 45 9.90 6.06 2.67
N ILE B 46 8.73 6.66 2.46
CA ILE B 46 8.67 8.00 1.87
C ILE B 46 7.40 8.73 2.34
N LYS B 47 7.58 9.97 2.78
CA LYS B 47 6.46 10.78 3.24
C LYS B 47 6.07 11.81 2.19
N MET A 4 -14.39 19.24 -12.93
CA MET A 4 -14.92 18.41 -14.02
C MET A 4 -13.88 18.23 -15.11
N ASP A 5 -14.07 17.21 -15.94
CA ASP A 5 -13.16 16.92 -17.03
C ASP A 5 -13.02 18.11 -17.97
N ASN A 6 -11.81 18.63 -18.10
CA ASN A 6 -11.55 19.78 -18.97
C ASN A 6 -10.14 19.73 -19.53
N SER A 7 -9.87 20.59 -20.50
CA SER A 7 -8.54 20.64 -21.13
C SER A 7 -7.81 21.92 -20.73
N ALA A 8 -7.74 22.18 -19.43
CA ALA A 8 -7.06 23.36 -18.92
C ALA A 8 -5.90 22.97 -18.02
N SER A 9 -4.95 23.90 -17.83
CA SER A 9 -3.79 23.66 -17.00
C SER A 9 -3.99 24.23 -15.59
N LYS A 10 -3.43 23.56 -14.60
CA LYS A 10 -3.55 24.00 -13.22
C LYS A 10 -2.31 23.62 -12.42
N ASN A 11 -2.22 24.12 -11.19
CA ASN A 11 -1.08 23.84 -10.32
C ASN A 11 -1.48 23.91 -8.85
N SER A 12 -0.75 23.18 -8.02
CA SER A 12 -1.03 23.15 -6.58
C SER A 12 0.21 23.55 -5.78
N ALA A 13 0.01 23.75 -4.48
CA ALA A 13 1.11 24.13 -3.60
C ALA A 13 1.76 22.91 -2.97
N ILE A 14 2.35 22.05 -3.81
CA ILE A 14 3.01 20.84 -3.33
C ILE A 14 4.45 20.77 -3.83
N SER A 15 5.39 20.78 -2.90
CA SER A 15 6.81 20.70 -3.24
C SER A 15 7.49 19.55 -2.51
N SER A 16 8.25 18.76 -3.26
CA SER A 16 8.97 17.62 -2.68
C SER A 16 9.87 16.97 -3.72
N SER A 17 10.67 16.01 -3.26
CA SER A 17 11.59 15.30 -4.15
C SER A 17 10.84 14.65 -5.30
N ILE A 18 11.58 14.01 -6.20
CA ILE A 18 10.98 13.34 -7.35
C ILE A 18 10.65 11.89 -7.03
N PHE A 19 11.49 11.26 -6.21
CA PHE A 19 11.27 9.87 -5.83
C PHE A 19 10.09 9.74 -4.88
N CYS A 20 9.89 10.75 -4.03
CA CYS A 20 8.80 10.75 -3.08
C CYS A 20 7.49 11.17 -3.75
N GLU A 21 7.60 12.10 -4.68
CA GLU A 21 6.42 12.59 -5.40
C GLU A 21 5.62 11.44 -5.99
N LYS A 22 6.30 10.35 -6.29
CA LYS A 22 5.66 9.17 -6.86
C LYS A 22 4.44 8.76 -6.03
N TYR A 23 4.48 9.08 -4.75
CA TYR A 23 3.38 8.75 -3.84
C TYR A 23 2.05 9.18 -4.43
N LYS A 24 2.07 10.26 -5.21
CA LYS A 24 0.86 10.78 -5.83
C LYS A 24 0.32 9.81 -6.87
N GLN A 25 1.12 9.53 -7.90
CA GLN A 25 0.73 8.61 -8.96
C GLN A 25 0.37 7.25 -8.38
N THR A 26 1.21 6.74 -7.48
CA THR A 26 0.98 5.45 -6.86
C THR A 26 -0.34 5.41 -6.12
N LYS A 27 -0.52 6.35 -5.20
CA LYS A 27 -1.76 6.45 -4.42
C LYS A 27 -2.97 6.44 -5.34
N GLU A 28 -2.94 7.27 -6.37
CA GLU A 28 -4.04 7.37 -7.32
C GLU A 28 -4.31 6.02 -7.98
N GLN A 29 -3.24 5.34 -8.38
CA GLN A 29 -3.37 4.03 -9.02
C GLN A 29 -4.01 3.02 -8.08
N ALA A 30 -3.70 3.14 -6.80
CA ALA A 30 -4.24 2.24 -5.79
C ALA A 30 -5.74 2.44 -5.62
N LEU A 31 -6.13 3.65 -5.22
CA LEU A 31 -7.54 3.97 -5.03
C LEU A 31 -8.35 3.67 -6.28
N THR A 32 -7.76 3.94 -7.44
CA THR A 32 -8.44 3.69 -8.71
C THR A 32 -8.69 2.21 -8.92
N PHE A 33 -7.67 1.39 -8.65
CA PHE A 33 -7.80 -0.05 -8.80
C PHE A 33 -8.67 -0.65 -7.70
N PHE A 34 -8.70 0.02 -6.56
CA PHE A 34 -9.50 -0.44 -5.43
C PHE A 34 -10.97 -0.06 -5.61
N GLN A 35 -11.21 1.11 -6.20
CA GLN A 35 -12.57 1.59 -6.43
C GLN A 35 -13.15 0.99 -7.70
N GLU A 36 -12.33 0.93 -8.74
CA GLU A 36 -12.77 0.38 -10.02
C GLU A 36 -12.97 -1.13 -9.93
N HIS A 37 -12.10 -1.79 -9.16
CA HIS A 37 -12.18 -3.24 -8.98
C HIS A 37 -12.00 -3.61 -7.51
N PRO A 38 -13.03 -3.33 -6.70
CA PRO A 38 -13.01 -3.63 -5.27
C PRO A 38 -13.08 -5.12 -4.99
N GLN A 39 -11.95 -5.81 -5.15
CA GLN A 39 -11.88 -7.25 -4.92
C GLN A 39 -12.25 -7.58 -3.47
N TYR A 40 -11.88 -6.69 -2.55
CA TYR A 40 -12.16 -6.91 -1.13
C TYR A 40 -13.66 -7.08 -0.91
N MET A 41 -14.47 -6.37 -1.68
CA MET A 41 -15.91 -6.45 -1.57
C MET A 41 -16.43 -7.75 -2.16
N ARG A 42 -15.66 -8.33 -3.07
CA ARG A 42 -16.05 -9.58 -3.71
C ARG A 42 -15.90 -10.76 -2.75
N SER A 43 -14.81 -10.77 -1.99
CA SER A 43 -14.55 -11.83 -1.04
C SER A 43 -13.61 -11.36 0.07
N LYS A 44 -14.12 -11.33 1.30
CA LYS A 44 -13.33 -10.90 2.44
C LYS A 44 -12.01 -11.65 2.51
N GLU A 45 -12.01 -12.89 2.02
CA GLU A 45 -10.81 -13.71 2.03
C GLU A 45 -9.86 -13.31 0.90
N ASP A 46 -10.44 -12.99 -0.26
CA ASP A 46 -9.65 -12.59 -1.42
C ASP A 46 -8.70 -11.45 -1.05
N GLU A 47 -9.18 -10.51 -0.25
CA GLU A 47 -8.37 -9.37 0.16
C GLU A 47 -7.07 -9.84 0.80
N GLU A 48 -7.19 -10.57 1.90
CA GLU A 48 -6.01 -11.08 2.60
C GLU A 48 -5.09 -11.84 1.66
N GLN A 49 -5.67 -12.75 0.88
CA GLN A 49 -4.91 -13.55 -0.07
C GLN A 49 -4.12 -12.65 -1.02
N LEU A 50 -4.80 -11.66 -1.58
CA LEU A 50 -4.15 -10.73 -2.51
C LEU A 50 -3.10 -9.89 -1.80
N MET A 51 -3.38 -9.53 -0.55
CA MET A 51 -2.44 -8.73 0.23
C MET A 51 -1.11 -9.45 0.38
N THR A 52 -1.14 -10.65 0.95
CA THR A 52 0.06 -11.43 1.16
C THR A 52 0.76 -11.74 -0.17
N GLU A 53 -0.03 -12.14 -1.16
CA GLU A 53 0.50 -12.47 -2.48
C GLU A 53 1.10 -11.23 -3.13
N PHE A 54 0.56 -10.07 -2.80
CA PHE A 54 1.04 -8.80 -3.36
C PHE A 54 2.33 -8.36 -2.67
N LYS A 55 2.46 -8.71 -1.40
CA LYS A 55 3.64 -8.35 -0.63
C LYS A 55 4.80 -9.31 -0.91
N LYS A 56 4.46 -10.53 -1.32
CA LYS A 56 5.46 -11.54 -1.64
C LYS A 56 5.97 -11.38 -3.07
N VAL A 57 5.07 -11.01 -3.97
CA VAL A 57 5.42 -10.84 -5.37
C VAL A 57 6.29 -9.59 -5.57
N LEU A 58 6.33 -8.76 -4.54
CA LEU A 58 7.13 -7.53 -4.60
C LEU A 58 8.59 -7.81 -4.24
N LEU A 59 8.80 -8.68 -3.27
CA LEU A 59 10.15 -9.04 -2.84
C LEU A 59 10.64 -10.29 -3.57
N GLU A 60 9.71 -11.13 -3.97
CA GLU A 60 10.04 -12.36 -4.68
C GLU A 60 11.03 -12.07 -5.81
N PRO A 61 10.63 -11.23 -6.75
CA PRO A 61 11.46 -10.86 -7.90
C PRO A 61 12.64 -9.99 -7.50
N GLY A 62 13.67 -9.93 -8.35
CA GLY A 62 14.84 -9.14 -8.06
C GLY A 62 14.72 -7.71 -8.57
N SER A 63 13.84 -7.51 -9.56
CA SER A 63 13.63 -6.19 -10.15
C SER A 63 12.63 -5.39 -9.33
N LYS A 64 12.85 -5.35 -8.01
CA LYS A 64 11.97 -4.62 -7.11
C LYS A 64 11.90 -3.15 -7.50
N ASN A 65 12.83 -2.72 -8.35
CA ASN A 65 12.88 -1.33 -8.80
C ASN A 65 11.95 -1.12 -10.00
N LEU A 66 10.95 -1.98 -10.12
CA LEU A 66 9.99 -1.88 -11.22
C LEU A 66 8.83 -0.98 -10.85
N SER A 67 8.11 -0.49 -11.86
CA SER A 67 6.97 0.38 -11.64
C SER A 67 5.95 -0.27 -10.72
N ILE A 68 5.02 0.53 -10.23
CA ILE A 68 3.98 0.04 -9.33
C ILE A 68 2.87 -0.66 -10.12
N TYR A 69 2.80 -0.37 -11.41
CA TYR A 69 1.79 -0.97 -12.27
C TYR A 69 2.02 -2.46 -12.43
N GLN A 70 3.28 -2.84 -12.55
CA GLN A 70 3.64 -4.26 -12.71
C GLN A 70 3.42 -5.03 -11.42
N THR A 71 3.83 -4.43 -10.30
CA THR A 71 3.67 -5.07 -9.00
C THR A 71 2.23 -5.50 -8.77
N LEU A 72 1.31 -4.54 -8.85
CA LEU A 72 -0.11 -4.83 -8.65
C LEU A 72 -0.62 -5.79 -9.72
N LEU A 73 -0.35 -5.45 -10.98
CA LEU A 73 -0.79 -6.27 -12.10
C LEU A 73 -0.38 -7.73 -11.89
N ALA A 74 0.85 -7.94 -11.46
CA ALA A 74 1.35 -9.29 -11.22
C ALA A 74 0.60 -9.97 -10.09
N ALA A 75 0.56 -9.32 -8.92
CA ALA A 75 -0.12 -9.85 -7.76
C ALA A 75 -1.56 -10.23 -8.11
N HIS A 76 -2.23 -9.38 -8.88
CA HIS A 76 -3.61 -9.63 -9.28
C HIS A 76 -3.71 -10.87 -10.14
N GLU A 77 -3.10 -10.83 -11.32
CA GLU A 77 -3.11 -11.96 -12.23
C GLU A 77 -2.63 -13.23 -11.54
N ARG A 78 -1.73 -13.07 -10.57
CA ARG A 78 -1.19 -14.21 -9.84
C ARG A 78 -2.20 -14.71 -8.80
N LEU A 79 -3.00 -13.79 -8.28
CA LEU A 79 -4.00 -14.14 -7.27
C LEU A 79 -4.88 -15.29 -7.75
N GLN A 80 -5.16 -15.31 -9.06
CA GLN A 80 -5.98 -16.36 -9.65
C GLN A 80 -5.11 -17.43 -10.31
N ALA A 81 -4.24 -17.00 -11.20
CA ALA A 81 -3.35 -17.91 -11.91
C ALA A 81 -4.13 -19.08 -12.52
N LEU A 82 -5.37 -18.81 -12.89
CA LEU A 82 -6.23 -19.84 -13.48
C LEU A 82 -6.85 -19.34 -14.79
N HIS B 3 -47.73 -9.07 -0.87
CA HIS B 3 -46.70 -10.01 -1.28
C HIS B 3 -45.68 -10.23 -0.18
N MET B 4 -45.09 -11.41 -0.14
CA MET B 4 -44.08 -11.74 0.86
C MET B 4 -42.86 -12.40 0.23
N ASP B 5 -41.71 -12.20 0.85
CA ASP B 5 -40.46 -12.78 0.34
C ASP B 5 -40.62 -14.28 0.10
N PRO B 6 -39.74 -14.83 -0.76
CA PRO B 6 -39.77 -16.26 -1.09
C PRO B 6 -39.32 -17.13 0.08
N LEU B 7 -38.21 -16.76 0.69
CA LEU B 7 -37.68 -17.52 1.83
C LEU B 7 -36.49 -16.79 2.45
N THR B 8 -35.98 -17.35 3.55
CA THR B 8 -34.84 -16.76 4.24
C THR B 8 -33.65 -17.72 4.27
N PRO B 9 -32.71 -17.54 3.33
CA PRO B 9 -31.52 -18.38 3.24
C PRO B 9 -30.55 -18.14 4.39
N ASP B 10 -29.77 -19.17 4.72
CA ASP B 10 -28.81 -19.07 5.81
C ASP B 10 -27.71 -18.05 5.47
N ALA B 11 -27.52 -17.07 6.34
CA ALA B 11 -26.52 -16.04 6.14
C ALA B 11 -25.97 -15.54 7.47
N SER B 12 -24.88 -14.78 7.41
CA SER B 12 -24.26 -14.23 8.61
C SER B 12 -25.06 -13.06 9.16
N GLU B 13 -25.77 -13.30 10.25
CA GLU B 13 -26.58 -12.26 10.88
C GLU B 13 -25.95 -11.78 12.19
N SER B 14 -26.07 -12.61 13.22
CA SER B 14 -25.51 -12.28 14.53
C SER B 14 -24.28 -13.12 14.83
N VAL B 15 -23.52 -13.44 13.79
CA VAL B 15 -22.31 -14.23 13.93
C VAL B 15 -21.22 -13.46 14.66
N ASN B 16 -20.51 -14.14 15.56
CA ASN B 16 -19.44 -13.51 16.32
C ASN B 16 -18.37 -12.94 15.40
N ASN B 17 -17.41 -12.21 15.96
CA ASN B 17 -16.34 -11.62 15.19
C ASN B 17 -15.16 -11.23 16.09
N ILE B 18 -13.96 -11.28 15.53
CA ILE B 18 -12.76 -10.94 16.28
C ILE B 18 -12.02 -9.76 15.64
N LEU B 19 -11.76 -8.73 16.43
CA LEU B 19 -11.06 -7.55 15.94
C LEU B 19 -9.63 -7.89 15.54
N LYS B 20 -8.85 -6.86 15.21
CA LYS B 20 -7.46 -7.05 14.81
C LYS B 20 -6.56 -6.00 15.47
N GLN B 21 -5.61 -6.46 16.26
CA GLN B 21 -4.69 -5.55 16.94
C GLN B 21 -3.29 -5.62 16.32
N SER B 22 -3.21 -5.27 15.04
CA SER B 22 -1.93 -5.29 14.33
C SER B 22 -2.00 -4.41 13.08
N GLY B 23 -1.40 -3.23 13.17
CA GLY B 23 -1.40 -2.32 12.04
C GLY B 23 -2.23 -1.08 12.30
N ALA B 24 -2.83 -0.54 11.23
CA ALA B 24 -3.67 0.65 11.34
C ALA B 24 -4.99 0.45 10.62
N TRP B 25 -5.94 1.36 10.88
CA TRP B 25 -7.25 1.29 10.25
C TRP B 25 -7.79 2.68 9.97
N SER B 26 -8.16 2.93 8.72
CA SER B 26 -8.70 4.23 8.32
C SER B 26 -9.18 4.20 6.87
N GLY B 27 -9.70 5.33 6.41
CA GLY B 27 -10.19 5.41 5.04
C GLY B 27 -9.07 5.33 4.02
N ASP B 28 -7.90 5.84 4.38
CA ASP B 28 -6.76 5.82 3.48
C ASP B 28 -5.94 4.55 3.66
N ASP B 29 -5.95 4.01 4.88
CA ASP B 29 -5.22 2.79 5.18
C ASP B 29 -5.51 1.71 4.13
N LYS B 30 -6.73 1.72 3.60
CA LYS B 30 -7.13 0.75 2.60
C LYS B 30 -6.10 0.66 1.48
N LEU B 31 -5.77 1.80 0.89
CA LEU B 31 -4.79 1.86 -0.18
C LEU B 31 -3.38 2.06 0.35
N GLN B 32 -3.29 2.71 1.52
CA GLN B 32 -2.01 2.97 2.15
C GLN B 32 -1.19 1.69 2.26
N LYS B 33 -1.82 0.63 2.77
CA LYS B 33 -1.15 -0.65 2.93
C LYS B 33 -0.42 -1.05 1.65
N TRP B 34 -1.14 -1.04 0.54
CA TRP B 34 -0.56 -1.41 -0.75
C TRP B 34 0.62 -0.49 -1.10
N VAL B 35 0.35 0.80 -1.22
CA VAL B 35 1.39 1.78 -1.54
C VAL B 35 2.57 1.63 -0.61
N ARG B 36 2.33 1.73 0.69
CA ARG B 36 3.38 1.61 1.69
C ARG B 36 4.30 0.43 1.37
N VAL B 37 3.71 -0.69 0.98
CA VAL B 37 4.47 -1.88 0.64
C VAL B 37 5.29 -1.66 -0.63
N TYR B 38 4.69 -1.01 -1.62
CA TYR B 38 5.36 -0.74 -2.88
C TYR B 38 6.63 0.08 -2.67
N LEU B 39 6.53 1.10 -1.82
CA LEU B 39 7.67 1.97 -1.53
C LEU B 39 8.58 1.32 -0.51
N ASP B 40 8.01 0.47 0.34
CA ASP B 40 8.79 -0.22 1.37
C ASP B 40 9.65 -1.31 0.76
N ARG B 41 9.15 -1.94 -0.31
CA ARG B 41 9.88 -3.00 -0.98
C ARG B 41 10.80 -2.43 -2.06
N GLY B 42 10.39 -1.32 -2.66
CA GLY B 42 11.18 -0.69 -3.69
C GLY B 42 12.49 -0.13 -3.16
N GLN B 43 12.41 0.98 -2.43
CA GLN B 43 13.59 1.61 -1.87
C GLN B 43 13.49 1.69 -0.35
N GLU B 44 12.50 2.43 0.14
CA GLU B 44 12.31 2.58 1.58
C GLU B 44 11.04 3.38 1.87
N ALA B 45 10.85 3.72 3.14
CA ALA B 45 9.68 4.49 3.55
C ALA B 45 9.76 5.93 3.05
N ILE B 46 8.60 6.57 2.93
CA ILE B 46 8.54 7.95 2.46
C ILE B 46 7.30 8.66 2.99
N LYS B 47 7.50 9.83 3.58
CA LYS B 47 6.41 10.62 4.14
C LYS B 47 6.76 12.11 4.15
N MET A 4 15.24 -2.14 -33.26
CA MET A 4 14.58 -1.47 -32.14
C MET A 4 15.59 -1.15 -31.04
N ASP A 5 15.44 0.01 -30.43
CA ASP A 5 16.33 0.44 -29.35
C ASP A 5 15.87 -0.11 -28.02
N ASN A 6 16.77 -0.11 -27.03
CA ASN A 6 16.46 -0.61 -25.70
C ASN A 6 17.26 0.12 -24.64
N SER A 7 16.57 0.66 -23.64
CA SER A 7 17.23 1.39 -22.56
C SER A 7 16.22 1.80 -21.49
N ALA A 8 16.62 1.64 -20.23
CA ALA A 8 15.76 1.98 -19.11
C ALA A 8 16.48 1.84 -17.79
N SER A 9 15.96 2.48 -16.75
CA SER A 9 16.58 2.44 -15.42
C SER A 9 16.39 1.06 -14.79
N LYS A 10 17.19 0.77 -13.78
CA LYS A 10 17.12 -0.52 -13.09
C LYS A 10 17.99 -0.51 -11.84
N ASN A 11 17.35 -0.59 -10.67
CA ASN A 11 18.06 -0.61 -9.41
C ASN A 11 18.79 0.71 -9.19
N SER A 12 18.04 1.81 -9.11
CA SER A 12 18.62 3.13 -8.91
C SER A 12 19.08 3.30 -7.47
N ALA A 13 20.00 4.25 -7.26
CA ALA A 13 20.52 4.52 -5.92
C ALA A 13 20.40 6.01 -5.58
N ILE A 14 19.22 6.58 -5.81
CA ILE A 14 18.99 7.98 -5.53
C ILE A 14 17.84 8.18 -4.56
N SER A 15 18.14 8.74 -3.40
CA SER A 15 17.13 8.98 -2.37
C SER A 15 15.99 9.83 -2.92
N SER A 16 16.25 11.12 -3.07
CA SER A 16 15.25 12.05 -3.59
C SER A 16 15.12 11.93 -5.11
N SER A 17 14.60 10.79 -5.56
CA SER A 17 14.43 10.56 -6.99
C SER A 17 12.95 10.57 -7.37
N ILE A 18 12.65 10.14 -8.59
CA ILE A 18 11.29 10.10 -9.08
C ILE A 18 10.38 9.37 -8.10
N PHE A 19 10.93 8.37 -7.43
CA PHE A 19 10.17 7.58 -6.46
C PHE A 19 9.46 8.49 -5.46
N CYS A 20 10.11 9.59 -5.11
CA CYS A 20 9.54 10.55 -4.16
C CYS A 20 8.18 11.05 -4.64
N GLU A 21 8.10 11.37 -5.93
CA GLU A 21 6.86 11.87 -6.51
C GLU A 21 5.95 10.71 -6.92
N LYS A 22 6.56 9.57 -7.20
CA LYS A 22 5.81 8.38 -7.61
C LYS A 22 4.68 8.09 -6.63
N TYR A 23 4.86 8.49 -5.37
CA TYR A 23 3.86 8.27 -4.34
C TYR A 23 2.48 8.73 -4.82
N LYS A 24 2.47 9.76 -5.66
CA LYS A 24 1.22 10.30 -6.19
C LYS A 24 0.56 9.30 -7.15
N GLN A 25 1.26 8.98 -8.23
CA GLN A 25 0.75 8.04 -9.22
C GLN A 25 0.41 6.69 -8.58
N THR A 26 1.23 6.29 -7.61
CA THR A 26 1.03 5.03 -6.92
C THR A 26 -0.29 5.03 -6.15
N LYS A 27 -0.44 6.01 -5.25
CA LYS A 27 -1.65 6.14 -4.45
C LYS A 27 -2.89 6.18 -5.33
N GLU A 28 -2.82 6.96 -6.41
CA GLU A 28 -3.93 7.09 -7.34
C GLU A 28 -4.28 5.75 -7.96
N GLN A 29 -3.25 5.01 -8.39
CA GLN A 29 -3.44 3.70 -9.01
C GLN A 29 -4.08 2.73 -8.02
N ALA A 30 -3.74 2.86 -6.75
CA ALA A 30 -4.27 1.99 -5.71
C ALA A 30 -5.76 2.25 -5.51
N LEU A 31 -6.10 3.49 -5.14
CA LEU A 31 -7.49 3.85 -4.91
C LEU A 31 -8.35 3.56 -6.14
N THR A 32 -7.78 3.80 -7.32
CA THR A 32 -8.49 3.55 -8.57
C THR A 32 -8.82 2.08 -8.74
N PHE A 33 -7.83 1.22 -8.50
CA PHE A 33 -8.01 -0.22 -8.63
C PHE A 33 -8.88 -0.76 -7.49
N PHE A 34 -8.88 -0.05 -6.37
CA PHE A 34 -9.67 -0.46 -5.20
C PHE A 34 -11.11 -0.02 -5.35
N GLN A 35 -11.31 1.14 -5.97
CA GLN A 35 -12.66 1.68 -6.17
C GLN A 35 -13.29 1.10 -7.42
N GLU A 36 -12.47 0.87 -8.45
CA GLU A 36 -12.95 0.33 -9.70
C GLU A 36 -13.24 -1.16 -9.57
N HIS A 37 -12.39 -1.87 -8.85
CA HIS A 37 -12.56 -3.31 -8.65
C HIS A 37 -12.42 -3.66 -7.17
N PRO A 38 -13.37 -3.19 -6.35
CA PRO A 38 -13.38 -3.44 -4.91
C PRO A 38 -13.68 -4.91 -4.58
N GLN A 39 -12.69 -5.77 -4.77
CA GLN A 39 -12.86 -7.20 -4.49
C GLN A 39 -13.02 -7.44 -2.99
N TYR A 40 -12.32 -6.63 -2.20
CA TYR A 40 -12.37 -6.78 -0.74
C TYR A 40 -13.82 -6.72 -0.25
N MET A 41 -14.63 -5.91 -0.91
CA MET A 41 -16.03 -5.76 -0.53
C MET A 41 -16.83 -6.99 -0.96
N ARG A 42 -16.33 -7.70 -1.96
CA ARG A 42 -17.01 -8.88 -2.47
C ARG A 42 -16.62 -10.12 -1.65
N SER A 43 -15.32 -10.28 -1.41
CA SER A 43 -14.82 -11.41 -0.64
C SER A 43 -13.70 -10.98 0.30
N LYS A 44 -13.65 -11.61 1.47
CA LYS A 44 -12.62 -11.29 2.46
C LYS A 44 -11.34 -12.05 2.17
N GLU A 45 -11.48 -13.30 1.74
CA GLU A 45 -10.33 -14.14 1.43
C GLU A 45 -9.58 -13.62 0.20
N ASP A 46 -10.35 -13.13 -0.77
CA ASP A 46 -9.77 -12.59 -2.00
C ASP A 46 -8.77 -11.49 -1.69
N GLU A 47 -9.24 -10.45 -0.99
CA GLU A 47 -8.37 -9.33 -0.64
C GLU A 47 -7.16 -9.80 0.14
N GLU A 48 -7.39 -10.59 1.19
CA GLU A 48 -6.31 -11.11 2.01
C GLU A 48 -5.25 -11.80 1.17
N GLN A 49 -5.67 -12.84 0.44
CA GLN A 49 -4.76 -13.58 -0.41
C GLN A 49 -4.00 -12.65 -1.35
N LEU A 50 -4.69 -11.67 -1.89
CA LEU A 50 -4.09 -10.70 -2.81
C LEU A 50 -3.05 -9.85 -2.08
N MET A 51 -3.35 -9.48 -0.84
CA MET A 51 -2.44 -8.68 -0.03
C MET A 51 -1.14 -9.43 0.23
N THR A 52 -1.25 -10.59 0.86
CA THR A 52 -0.08 -11.40 1.18
C THR A 52 0.76 -11.66 -0.07
N GLU A 53 0.10 -12.06 -1.15
CA GLU A 53 0.79 -12.34 -2.40
C GLU A 53 1.40 -11.07 -2.98
N PHE A 54 0.66 -9.97 -2.90
CA PHE A 54 1.13 -8.69 -3.42
C PHE A 54 2.37 -8.23 -2.67
N LYS A 55 2.50 -8.66 -1.43
CA LYS A 55 3.64 -8.29 -0.60
C LYS A 55 4.84 -9.19 -0.88
N LYS A 56 4.55 -10.44 -1.23
CA LYS A 56 5.60 -11.41 -1.53
C LYS A 56 6.11 -11.24 -2.95
N VAL A 57 5.22 -10.84 -3.86
CA VAL A 57 5.58 -10.63 -5.25
C VAL A 57 6.43 -9.37 -5.41
N LEU A 58 6.46 -8.54 -4.38
CA LEU A 58 7.23 -7.30 -4.41
C LEU A 58 8.68 -7.56 -4.04
N LEU A 59 8.90 -8.43 -3.06
CA LEU A 59 10.25 -8.77 -2.62
C LEU A 59 10.79 -9.98 -3.38
N GLU A 60 9.89 -10.85 -3.80
CA GLU A 60 10.27 -12.05 -4.53
C GLU A 60 11.27 -11.70 -5.64
N PRO A 61 10.84 -10.84 -6.58
CA PRO A 61 11.68 -10.42 -7.70
C PRO A 61 12.83 -9.52 -7.25
N GLY A 62 13.86 -9.44 -8.09
CA GLY A 62 15.01 -8.61 -7.77
C GLY A 62 14.87 -7.19 -8.27
N SER A 63 14.03 -7.00 -9.29
CA SER A 63 13.81 -5.69 -9.88
C SER A 63 12.76 -4.91 -9.08
N LYS A 64 12.94 -4.87 -7.77
CA LYS A 64 12.00 -4.16 -6.89
C LYS A 64 11.84 -2.71 -7.34
N ASN A 65 12.79 -2.23 -8.12
CA ASN A 65 12.76 -0.85 -8.62
C ASN A 65 11.86 -0.74 -9.84
N LEU A 66 10.92 -1.66 -9.96
CA LEU A 66 9.98 -1.66 -11.08
C LEU A 66 8.79 -0.75 -10.79
N SER A 67 8.04 -0.41 -11.84
CA SER A 67 6.87 0.46 -11.69
C SER A 67 5.81 -0.20 -10.82
N ILE A 68 5.10 0.61 -10.06
CA ILE A 68 4.05 0.11 -9.17
C ILE A 68 2.94 -0.57 -9.97
N TYR A 69 2.87 -0.24 -11.26
CA TYR A 69 1.85 -0.82 -12.13
C TYR A 69 2.04 -2.33 -12.27
N GLN A 70 3.29 -2.75 -12.38
CA GLN A 70 3.62 -4.17 -12.52
C GLN A 70 3.37 -4.91 -11.22
N THR A 71 3.81 -4.32 -10.11
CA THR A 71 3.65 -4.93 -8.79
C THR A 71 2.19 -5.33 -8.56
N LEU A 72 1.30 -4.35 -8.60
CA LEU A 72 -0.12 -4.60 -8.40
C LEU A 72 -0.68 -5.52 -9.47
N LEU A 73 -0.38 -5.21 -10.73
CA LEU A 73 -0.84 -6.02 -11.85
C LEU A 73 -0.52 -7.49 -11.64
N ALA A 74 0.77 -7.80 -11.54
CA ALA A 74 1.22 -9.16 -11.34
C ALA A 74 0.50 -9.80 -10.15
N ALA A 75 0.56 -9.13 -9.00
CA ALA A 75 -0.09 -9.62 -7.80
C ALA A 75 -1.56 -9.96 -8.04
N HIS A 76 -2.18 -9.18 -8.93
CA HIS A 76 -3.59 -9.39 -9.27
C HIS A 76 -3.76 -10.62 -10.17
N GLU A 77 -3.21 -10.54 -11.37
CA GLU A 77 -3.30 -11.63 -12.32
C GLU A 77 -2.84 -12.95 -11.70
N ARG A 78 -1.85 -12.86 -10.82
CA ARG A 78 -1.30 -14.03 -10.14
C ARG A 78 -2.33 -14.62 -9.18
N LEU A 79 -3.15 -13.75 -8.58
CA LEU A 79 -4.17 -14.19 -7.64
C LEU A 79 -5.23 -15.03 -8.35
N GLN A 80 -5.53 -14.67 -9.59
CA GLN A 80 -6.52 -15.40 -10.37
C GLN A 80 -5.86 -16.29 -11.41
N ALA A 81 -4.71 -16.84 -11.06
CA ALA A 81 -3.97 -17.72 -11.96
C ALA A 81 -4.21 -19.19 -11.62
N LEU A 82 -4.36 -20.01 -12.66
CA LEU A 82 -4.59 -21.44 -12.47
C LEU A 82 -3.49 -22.07 -11.63
N HIS B 3 -16.94 50.52 -30.97
CA HIS B 3 -17.68 50.40 -29.71
C HIS B 3 -16.75 50.59 -28.52
N MET B 4 -17.34 50.80 -27.35
CA MET B 4 -16.56 51.00 -26.13
C MET B 4 -17.47 51.01 -24.90
N ASP B 5 -16.86 51.05 -23.73
CA ASP B 5 -17.60 51.07 -22.47
C ASP B 5 -18.40 52.36 -22.33
N PRO B 6 -19.42 52.33 -21.46
CA PRO B 6 -20.27 53.51 -21.21
C PRO B 6 -19.54 54.61 -20.45
N LEU B 7 -18.85 54.24 -19.38
CA LEU B 7 -18.11 55.19 -18.58
C LEU B 7 -17.29 54.48 -17.50
N THR B 8 -16.75 55.26 -16.57
CA THR B 8 -15.95 54.69 -15.48
C THR B 8 -16.72 54.68 -14.18
N PRO B 9 -17.31 53.52 -13.85
CA PRO B 9 -18.09 53.34 -12.62
C PRO B 9 -17.22 53.37 -11.37
N ASP B 10 -17.84 53.65 -10.23
CA ASP B 10 -17.12 53.71 -8.96
C ASP B 10 -17.63 52.64 -8.00
N ALA B 11 -16.70 51.85 -7.46
CA ALA B 11 -17.05 50.79 -6.53
C ALA B 11 -15.81 50.08 -6.00
N SER B 12 -16.02 49.07 -5.17
CA SER B 12 -14.92 48.31 -4.59
C SER B 12 -13.97 47.80 -5.68
N GLU B 13 -12.69 47.68 -5.33
CA GLU B 13 -11.69 47.21 -6.29
C GLU B 13 -11.17 45.84 -5.89
N SER B 14 -10.45 45.78 -4.78
CA SER B 14 -9.89 44.52 -4.28
C SER B 14 -10.13 44.37 -2.79
N VAL B 15 -11.39 44.51 -2.38
CA VAL B 15 -11.75 44.39 -0.97
C VAL B 15 -12.45 43.07 -0.69
N ASN B 16 -11.95 42.32 0.28
CA ASN B 16 -12.53 41.04 0.64
C ASN B 16 -11.78 40.41 1.82
N ASN B 17 -12.16 39.18 2.17
CA ASN B 17 -11.53 38.47 3.27
C ASN B 17 -11.66 36.96 3.09
N ILE B 18 -10.66 36.23 3.56
CA ILE B 18 -10.69 34.76 3.46
C ILE B 18 -10.58 34.12 4.83
N LEU B 19 -11.59 33.31 5.17
CA LEU B 19 -11.61 32.63 6.46
C LEU B 19 -10.76 31.36 6.42
N LYS B 20 -10.20 30.99 7.57
CA LYS B 20 -9.37 29.80 7.66
C LYS B 20 -10.21 28.59 8.04
N GLN B 21 -9.81 27.42 7.52
CA GLN B 21 -10.53 26.18 7.81
C GLN B 21 -9.56 25.04 8.09
N SER B 22 -10.09 23.83 8.17
CA SER B 22 -9.27 22.65 8.44
C SER B 22 -9.65 21.50 7.51
N GLY B 23 -9.08 20.33 7.79
CA GLY B 23 -9.37 19.16 6.96
C GLY B 23 -9.12 17.86 7.70
N ALA B 24 -9.38 16.74 7.03
CA ALA B 24 -9.19 15.42 7.63
C ALA B 24 -9.29 14.33 6.58
N TRP B 25 -8.95 13.11 6.97
CA TRP B 25 -9.01 11.96 6.06
C TRP B 25 -9.42 10.70 6.80
N SER B 26 -9.90 9.71 6.06
CA SER B 26 -10.32 8.44 6.65
C SER B 26 -10.37 7.34 5.60
N GLY B 27 -10.43 6.10 6.06
CA GLY B 27 -10.47 4.97 5.14
C GLY B 27 -9.33 4.98 4.15
N ASP B 28 -8.18 5.47 4.58
CA ASP B 28 -7.00 5.54 3.72
C ASP B 28 -6.17 4.27 3.84
N ASP B 29 -6.16 3.68 5.04
CA ASP B 29 -5.40 2.46 5.28
C ASP B 29 -5.67 1.42 4.20
N LYS B 30 -6.89 1.44 3.67
CA LYS B 30 -7.29 0.50 2.62
C LYS B 30 -6.24 0.46 1.51
N LEU B 31 -5.91 1.62 0.96
CA LEU B 31 -4.92 1.71 -0.11
C LEU B 31 -3.53 1.94 0.46
N GLN B 32 -3.45 2.60 1.61
CA GLN B 32 -2.19 2.88 2.26
C GLN B 32 -1.34 1.61 2.36
N LYS B 33 -1.97 0.52 2.81
CA LYS B 33 -1.27 -0.75 2.96
C LYS B 33 -0.53 -1.12 1.68
N TRP B 34 -1.23 -1.05 0.55
CA TRP B 34 -0.64 -1.37 -0.75
C TRP B 34 0.53 -0.45 -1.05
N VAL B 35 0.24 0.85 -1.16
CA VAL B 35 1.27 1.84 -1.45
C VAL B 35 2.45 1.70 -0.50
N ARG B 36 2.17 1.73 0.80
CA ARG B 36 3.21 1.61 1.81
C ARG B 36 4.15 0.45 1.49
N VAL B 37 3.58 -0.70 1.13
CA VAL B 37 4.38 -1.88 0.79
C VAL B 37 5.16 -1.64 -0.49
N TYR B 38 4.59 -0.89 -1.41
CA TYR B 38 5.24 -0.60 -2.68
C TYR B 38 6.55 0.14 -2.47
N LEU B 39 6.53 1.13 -1.58
CA LEU B 39 7.72 1.91 -1.27
C LEU B 39 8.54 1.25 -0.17
N ASP B 40 7.91 0.37 0.58
CA ASP B 40 8.59 -0.35 1.66
C ASP B 40 9.38 -1.52 1.13
N ARG B 41 8.87 -2.16 0.09
CA ARG B 41 9.53 -3.30 -0.52
C ARG B 41 10.76 -2.87 -1.31
N GLY B 42 10.72 -1.64 -1.82
CA GLY B 42 11.84 -1.12 -2.60
C GLY B 42 13.06 -0.87 -1.75
N GLN B 43 13.05 0.23 -0.99
CA GLN B 43 14.17 0.58 -0.13
C GLN B 43 13.69 0.95 1.27
N GLU B 44 13.12 2.14 1.39
CA GLU B 44 12.61 2.62 2.68
C GLU B 44 11.40 3.53 2.48
N ALA B 45 10.92 4.11 3.57
CA ALA B 45 9.77 4.99 3.53
C ALA B 45 10.04 6.22 2.67
N ILE B 46 8.99 6.94 2.29
CA ILE B 46 9.13 8.13 1.47
C ILE B 46 7.97 9.10 1.72
N LYS B 47 8.30 10.37 1.91
CA LYS B 47 7.29 11.39 2.15
C LYS B 47 6.73 11.93 0.83
N MET A 4 -12.35 14.71 -8.44
CA MET A 4 -11.36 13.87 -9.08
C MET A 4 -9.97 14.52 -9.01
N ASP A 5 -8.95 13.74 -9.31
CA ASP A 5 -7.58 14.24 -9.28
C ASP A 5 -7.43 15.50 -10.13
N ASN A 6 -6.60 16.43 -9.67
CA ASN A 6 -6.38 17.68 -10.39
C ASN A 6 -5.13 17.60 -11.24
N SER A 7 -5.28 17.82 -12.54
CA SER A 7 -4.17 17.77 -13.47
C SER A 7 -3.38 19.08 -13.45
N ALA A 8 -2.35 19.13 -12.62
CA ALA A 8 -1.52 20.33 -12.50
C ALA A 8 -0.04 19.96 -12.43
N SER A 9 0.72 20.42 -13.42
CA SER A 9 2.15 20.13 -13.47
C SER A 9 2.91 21.01 -12.48
N LYS A 10 3.81 20.39 -11.73
CA LYS A 10 4.61 21.10 -10.75
C LYS A 10 6.08 20.64 -10.79
N ASN A 11 6.98 21.53 -10.40
CA ASN A 11 8.40 21.22 -10.38
C ASN A 11 9.16 22.17 -9.45
N SER A 12 9.67 21.63 -8.36
CA SER A 12 10.42 22.42 -7.39
C SER A 12 11.58 21.63 -6.81
N ALA A 13 12.72 22.30 -6.65
CA ALA A 13 13.92 21.66 -6.12
C ALA A 13 13.98 21.81 -4.60
N ILE A 14 13.22 20.98 -3.89
CA ILE A 14 13.20 21.03 -2.44
C ILE A 14 13.48 19.66 -1.84
N SER A 15 12.95 18.62 -2.48
CA SER A 15 13.14 17.25 -2.00
C SER A 15 14.36 16.62 -2.66
N SER A 16 14.59 16.94 -3.92
CA SER A 16 15.71 16.40 -4.67
C SER A 16 15.60 14.89 -4.81
N SER A 17 14.39 14.42 -5.05
CA SER A 17 14.15 12.99 -5.21
C SER A 17 12.88 12.74 -6.02
N ILE A 18 13.03 12.05 -7.15
CA ILE A 18 11.91 11.74 -8.02
C ILE A 18 11.19 10.48 -7.56
N PHE A 19 11.96 9.51 -7.06
CA PHE A 19 11.39 8.26 -6.59
C PHE A 19 10.29 8.51 -5.56
N CYS A 20 10.48 9.54 -4.73
CA CYS A 20 9.51 9.88 -3.71
C CYS A 20 8.21 10.36 -4.32
N GLU A 21 8.31 11.28 -5.28
CA GLU A 21 7.13 11.83 -5.95
C GLU A 21 6.24 10.70 -6.48
N LYS A 22 6.86 9.57 -6.82
CA LYS A 22 6.13 8.42 -7.33
C LYS A 22 4.95 8.07 -6.42
N TYR A 23 5.08 8.41 -5.15
CA TYR A 23 4.02 8.14 -4.18
C TYR A 23 2.66 8.60 -4.71
N LYS A 24 2.68 9.65 -5.51
CA LYS A 24 1.45 10.19 -6.08
C LYS A 24 0.82 9.21 -7.06
N GLN A 25 1.56 8.89 -8.12
CA GLN A 25 1.08 7.95 -9.13
C GLN A 25 0.67 6.63 -8.50
N THR A 26 1.47 6.16 -7.55
CA THR A 26 1.19 4.90 -6.87
C THR A 26 -0.14 4.95 -6.15
N LYS A 27 -0.32 5.95 -5.30
CA LYS A 27 -1.56 6.13 -4.55
C LYS A 27 -2.77 6.15 -5.50
N GLU A 28 -2.65 6.90 -6.58
CA GLU A 28 -3.73 7.00 -7.55
C GLU A 28 -4.06 5.63 -8.14
N GLN A 29 -3.02 4.89 -8.51
CA GLN A 29 -3.22 3.57 -9.10
C GLN A 29 -3.87 2.62 -8.09
N ALA A 30 -3.54 2.79 -6.82
CA ALA A 30 -4.09 1.97 -5.76
C ALA A 30 -5.60 2.20 -5.60
N LEU A 31 -5.96 3.44 -5.27
CA LEU A 31 -7.36 3.80 -5.09
C LEU A 31 -8.17 3.45 -6.33
N THR A 32 -7.61 3.71 -7.50
CA THR A 32 -8.28 3.43 -8.76
C THR A 32 -8.62 1.94 -8.88
N PHE A 33 -7.60 1.10 -8.70
CA PHE A 33 -7.78 -0.35 -8.78
C PHE A 33 -8.64 -0.86 -7.63
N PHE A 34 -8.58 -0.15 -6.50
CA PHE A 34 -9.35 -0.54 -5.32
C PHE A 34 -10.83 -0.25 -5.52
N GLN A 35 -11.14 0.95 -6.01
CA GLN A 35 -12.53 1.35 -6.24
C GLN A 35 -13.08 0.67 -7.49
N GLU A 36 -12.26 0.62 -8.54
CA GLU A 36 -12.68 -0.01 -9.80
C GLU A 36 -12.82 -1.52 -9.63
N HIS A 37 -11.95 -2.11 -8.83
CA HIS A 37 -11.97 -3.55 -8.59
C HIS A 37 -11.74 -3.86 -7.11
N PRO A 38 -12.75 -3.59 -6.28
CA PRO A 38 -12.68 -3.83 -4.84
C PRO A 38 -12.66 -5.32 -4.50
N GLN A 39 -11.49 -5.81 -4.08
CA GLN A 39 -11.34 -7.21 -3.72
C GLN A 39 -12.02 -7.51 -2.38
N TYR A 40 -11.97 -6.54 -1.47
CA TYR A 40 -12.57 -6.70 -0.15
C TYR A 40 -14.09 -6.70 -0.24
N MET A 41 -14.62 -5.90 -1.16
CA MET A 41 -16.06 -5.80 -1.35
C MET A 41 -16.59 -7.02 -2.10
N ARG A 42 -15.71 -7.68 -2.85
CA ARG A 42 -16.09 -8.86 -3.61
C ARG A 42 -15.92 -10.13 -2.78
N SER A 43 -14.78 -10.22 -2.09
CA SER A 43 -14.49 -11.39 -1.26
C SER A 43 -13.49 -11.03 -0.16
N LYS A 44 -13.99 -10.91 1.06
CA LYS A 44 -13.14 -10.59 2.20
C LYS A 44 -11.93 -11.50 2.28
N GLU A 45 -12.14 -12.77 1.91
CA GLU A 45 -11.06 -13.75 1.94
C GLU A 45 -10.05 -13.48 0.83
N ASP A 46 -10.55 -13.11 -0.34
CA ASP A 46 -9.68 -12.82 -1.48
C ASP A 46 -8.77 -11.64 -1.18
N GLU A 47 -9.34 -10.61 -0.54
CA GLU A 47 -8.57 -9.42 -0.21
C GLU A 47 -7.30 -9.79 0.54
N GLU A 48 -7.43 -10.62 1.56
CA GLU A 48 -6.29 -11.05 2.35
C GLU A 48 -5.25 -11.76 1.48
N GLN A 49 -5.70 -12.81 0.79
CA GLN A 49 -4.81 -13.58 -0.07
C GLN A 49 -4.06 -12.66 -1.04
N LEU A 50 -4.79 -11.71 -1.63
CA LEU A 50 -4.21 -10.77 -2.57
C LEU A 50 -3.17 -9.89 -1.88
N MET A 51 -3.46 -9.49 -0.65
CA MET A 51 -2.56 -8.64 0.12
C MET A 51 -1.23 -9.34 0.35
N THR A 52 -1.27 -10.50 1.01
CA THR A 52 -0.07 -11.26 1.30
C THR A 52 0.72 -11.56 0.03
N GLU A 53 0.02 -12.01 -1.01
CA GLU A 53 0.65 -12.32 -2.28
C GLU A 53 1.22 -11.06 -2.93
N PHE A 54 0.53 -9.95 -2.74
CA PHE A 54 0.96 -8.67 -3.31
C PHE A 54 2.23 -8.17 -2.63
N LYS A 55 2.43 -8.59 -1.38
CA LYS A 55 3.60 -8.19 -0.61
C LYS A 55 4.79 -9.07 -0.93
N LYS A 56 4.51 -10.33 -1.28
CA LYS A 56 5.56 -11.28 -1.62
C LYS A 56 6.02 -11.09 -3.07
N VAL A 57 5.11 -10.67 -3.93
CA VAL A 57 5.41 -10.44 -5.34
C VAL A 57 6.26 -9.19 -5.52
N LEU A 58 6.32 -8.37 -4.47
CA LEU A 58 7.10 -7.14 -4.52
C LEU A 58 8.58 -7.42 -4.27
N LEU A 59 8.86 -8.31 -3.33
CA LEU A 59 10.23 -8.67 -3.00
C LEU A 59 10.69 -9.89 -3.80
N GLU A 60 9.73 -10.76 -4.14
CA GLU A 60 10.03 -11.95 -4.91
C GLU A 60 10.98 -11.64 -6.06
N PRO A 61 10.55 -10.76 -6.97
CA PRO A 61 11.35 -10.36 -8.13
C PRO A 61 12.55 -9.51 -7.74
N GLY A 62 13.55 -9.47 -8.61
CA GLY A 62 14.75 -8.69 -8.34
C GLY A 62 14.64 -7.27 -8.84
N SER A 63 13.68 -7.03 -9.73
CA SER A 63 13.47 -5.69 -10.30
C SER A 63 12.67 -4.82 -9.35
N LYS A 64 13.11 -4.75 -8.10
CA LYS A 64 12.42 -3.95 -7.08
C LYS A 64 12.20 -2.52 -7.58
N ASN A 65 13.01 -2.11 -8.56
CA ASN A 65 12.90 -0.77 -9.13
C ASN A 65 11.86 -0.74 -10.25
N LEU A 66 10.92 -1.66 -10.20
CA LEU A 66 9.87 -1.74 -11.21
C LEU A 66 8.74 -0.76 -10.90
N SER A 67 7.90 -0.50 -11.88
CA SER A 67 6.78 0.43 -11.73
C SER A 67 5.66 -0.21 -10.90
N ILE A 68 4.96 0.61 -10.12
CA ILE A 68 3.88 0.12 -9.29
C ILE A 68 2.82 -0.59 -10.12
N TYR A 69 2.63 -0.12 -11.35
CA TYR A 69 1.65 -0.71 -12.25
C TYR A 69 1.85 -2.21 -12.37
N GLN A 70 3.12 -2.64 -12.33
CA GLN A 70 3.46 -4.05 -12.44
C GLN A 70 3.18 -4.77 -11.13
N THR A 71 3.39 -4.07 -10.01
CA THR A 71 3.17 -4.65 -8.69
C THR A 71 1.72 -5.09 -8.53
N LEU A 72 0.79 -4.20 -8.85
CA LEU A 72 -0.63 -4.50 -8.74
C LEU A 72 -1.08 -5.43 -9.85
N LEU A 73 -0.65 -5.14 -11.08
CA LEU A 73 -1.00 -5.95 -12.22
C LEU A 73 -0.56 -7.40 -12.03
N ALA A 74 0.67 -7.58 -11.56
CA ALA A 74 1.22 -8.90 -11.32
C ALA A 74 0.52 -9.58 -10.15
N ALA A 75 0.47 -8.88 -9.02
CA ALA A 75 -0.17 -9.42 -7.82
C ALA A 75 -1.62 -9.82 -8.10
N HIS A 76 -2.28 -9.06 -8.97
CA HIS A 76 -3.66 -9.34 -9.31
C HIS A 76 -3.77 -10.58 -10.19
N GLU A 77 -3.14 -10.54 -11.36
CA GLU A 77 -3.16 -11.66 -12.28
C GLU A 77 -2.66 -12.93 -11.60
N ARG A 78 -1.66 -12.78 -10.74
CA ARG A 78 -1.09 -13.92 -10.02
C ARG A 78 -2.12 -14.52 -9.05
N LEU A 79 -2.97 -13.67 -8.50
CA LEU A 79 -3.98 -14.12 -7.55
C LEU A 79 -4.98 -15.05 -8.23
N GLN A 80 -5.27 -14.78 -9.51
CA GLN A 80 -6.21 -15.60 -10.26
C GLN A 80 -5.46 -16.50 -11.25
N ALA A 81 -4.28 -16.95 -10.84
CA ALA A 81 -3.47 -17.83 -11.69
C ALA A 81 -3.58 -19.28 -11.23
N LEU A 82 -3.45 -19.51 -9.93
CA LEU A 82 -3.54 -20.85 -9.38
C LEU A 82 -2.55 -21.78 -10.05
N HIS B 3 14.33 -29.84 62.69
CA HIS B 3 15.10 -28.83 61.97
C HIS B 3 14.18 -27.75 61.41
N MET B 4 14.77 -26.76 60.75
CA MET B 4 14.01 -25.67 60.16
C MET B 4 14.51 -25.34 58.76
N ASP B 5 13.60 -24.93 57.89
CA ASP B 5 13.97 -24.57 56.51
C ASP B 5 15.13 -23.59 56.49
N PRO B 6 15.83 -23.53 55.35
CA PRO B 6 16.98 -22.64 55.18
C PRO B 6 16.56 -21.17 55.11
N LEU B 7 15.56 -20.88 54.29
CA LEU B 7 15.06 -19.52 54.13
C LEU B 7 13.83 -19.49 53.22
N THR B 8 13.21 -18.32 53.12
CA THR B 8 12.03 -18.16 52.30
C THR B 8 12.17 -16.96 51.34
N PRO B 9 12.56 -17.25 50.09
CA PRO B 9 12.76 -16.22 49.08
C PRO B 9 11.43 -15.61 48.62
N ASP B 10 11.50 -14.71 47.64
CA ASP B 10 10.32 -14.06 47.11
C ASP B 10 10.63 -13.31 45.82
N ALA B 11 9.60 -12.77 45.18
CA ALA B 11 9.77 -12.02 43.94
C ALA B 11 8.63 -11.02 43.74
N SER B 12 8.68 -10.29 42.64
CA SER B 12 7.67 -9.30 42.33
C SER B 12 6.57 -9.88 41.44
N GLU B 13 5.36 -9.96 41.97
CA GLU B 13 4.24 -10.50 41.22
C GLU B 13 3.87 -9.59 40.06
N SER B 14 2.70 -9.82 39.48
CA SER B 14 2.22 -9.02 38.35
C SER B 14 1.90 -7.61 38.79
N VAL B 15 2.93 -6.76 38.83
CA VAL B 15 2.76 -5.36 39.23
C VAL B 15 3.21 -4.41 38.13
N ASN B 16 4.28 -4.80 37.44
CA ASN B 16 4.82 -3.97 36.35
C ASN B 16 3.73 -3.64 35.33
N ASN B 17 3.88 -2.50 34.66
CA ASN B 17 2.90 -2.07 33.66
C ASN B 17 3.57 -1.19 32.61
N ILE B 18 2.85 -0.95 31.51
CA ILE B 18 3.37 -0.12 30.43
C ILE B 18 2.27 0.75 29.83
N LEU B 19 2.65 1.93 29.34
CA LEU B 19 1.69 2.84 28.73
C LEU B 19 1.41 2.47 27.28
N LYS B 20 0.14 2.46 26.90
CA LYS B 20 -0.26 2.12 25.53
C LYS B 20 -1.50 2.90 25.12
N GLN B 21 -1.40 3.64 24.03
CA GLN B 21 -2.52 4.41 23.52
C GLN B 21 -2.43 4.59 22.02
N SER B 22 -3.58 4.58 21.35
CA SER B 22 -3.64 4.73 19.90
C SER B 22 -5.08 4.70 19.40
N GLY B 23 -5.34 5.45 18.34
CA GLY B 23 -6.69 5.49 17.78
C GLY B 23 -6.79 6.44 16.60
N ALA B 24 -7.68 6.12 15.67
CA ALA B 24 -7.88 6.96 14.49
C ALA B 24 -9.03 6.44 13.64
N TRP B 25 -9.47 7.24 12.68
CA TRP B 25 -10.57 6.87 11.80
C TRP B 25 -10.36 7.42 10.39
N SER B 26 -10.34 6.54 9.41
CA SER B 26 -10.14 6.94 8.02
C SER B 26 -10.16 5.73 7.09
N GLY B 27 -10.54 5.96 5.83
CA GLY B 27 -10.60 4.87 4.87
C GLY B 27 -9.45 4.89 3.89
N ASP B 28 -8.30 5.41 4.35
CA ASP B 28 -7.12 5.49 3.50
C ASP B 28 -6.27 4.23 3.65
N ASP B 29 -6.25 3.66 4.85
CA ASP B 29 -5.48 2.46 5.12
C ASP B 29 -5.75 1.40 4.05
N LYS B 30 -6.96 1.39 3.52
CA LYS B 30 -7.35 0.43 2.49
C LYS B 30 -6.30 0.38 1.37
N LEU B 31 -5.98 1.54 0.82
CA LEU B 31 -5.01 1.63 -0.25
C LEU B 31 -3.60 1.87 0.30
N GLN B 32 -3.54 2.53 1.46
CA GLN B 32 -2.26 2.82 2.10
C GLN B 32 -1.42 1.55 2.24
N LYS B 33 -2.04 0.49 2.74
CA LYS B 33 -1.36 -0.78 2.93
C LYS B 33 -0.59 -1.17 1.66
N TRP B 34 -1.27 -1.13 0.53
CA TRP B 34 -0.66 -1.49 -0.75
C TRP B 34 0.52 -0.56 -1.06
N VAL B 35 0.24 0.72 -1.17
CA VAL B 35 1.26 1.72 -1.46
C VAL B 35 2.43 1.61 -0.48
N ARG B 36 2.12 1.75 0.80
CA ARG B 36 3.14 1.65 1.84
C ARG B 36 4.06 0.45 1.61
N VAL B 37 3.47 -0.65 1.15
CA VAL B 37 4.23 -1.86 0.88
C VAL B 37 5.17 -1.67 -0.31
N TYR B 38 4.67 -1.03 -1.35
CA TYR B 38 5.46 -0.78 -2.55
C TYR B 38 6.70 0.03 -2.23
N LEU B 39 6.54 1.03 -1.37
CA LEU B 39 7.65 1.89 -0.98
C LEU B 39 8.46 1.25 0.15
N ASP B 40 7.79 0.42 0.95
CA ASP B 40 8.44 -0.24 2.07
C ASP B 40 9.37 -1.36 1.57
N ARG B 41 8.97 -2.00 0.47
CA ARG B 41 9.76 -3.08 -0.11
C ARG B 41 10.85 -2.52 -1.02
N GLY B 42 10.57 -1.39 -1.66
CA GLY B 42 11.54 -0.78 -2.55
C GLY B 42 12.87 -0.52 -1.87
N GLN B 43 12.89 0.45 -0.96
CA GLN B 43 14.10 0.80 -0.23
C GLN B 43 13.78 1.21 1.20
N GLU B 44 12.82 2.11 1.35
CA GLU B 44 12.42 2.59 2.67
C GLU B 44 11.14 3.41 2.59
N ALA B 45 10.67 3.88 3.73
CA ALA B 45 9.45 4.68 3.79
C ALA B 45 9.63 6.01 3.06
N ILE B 46 8.51 6.64 2.72
CA ILE B 46 8.55 7.92 2.02
C ILE B 46 7.31 8.76 2.32
N LYS B 47 7.52 10.03 2.63
CA LYS B 47 6.42 10.93 2.94
C LYS B 47 6.48 12.18 2.07
N MET A 4 16.01 9.45 -28.36
CA MET A 4 15.39 9.16 -27.07
C MET A 4 15.72 7.74 -26.62
N ASP A 5 17.00 7.36 -26.76
CA ASP A 5 17.44 6.03 -26.37
C ASP A 5 17.35 5.85 -24.86
N ASN A 6 16.97 4.65 -24.44
CA ASN A 6 16.84 4.34 -23.01
C ASN A 6 17.86 3.30 -22.59
N SER A 7 18.35 3.43 -21.36
CA SER A 7 19.33 2.49 -20.82
C SER A 7 18.66 1.26 -20.24
N ALA A 8 19.44 0.21 -20.02
CA ALA A 8 18.91 -1.03 -19.46
C ALA A 8 19.51 -1.30 -18.08
N SER A 9 18.81 -2.11 -17.29
CA SER A 9 19.27 -2.45 -15.94
C SER A 9 19.50 -1.19 -15.12
N LYS A 10 18.60 -0.21 -15.28
CA LYS A 10 18.71 1.04 -14.54
C LYS A 10 18.78 0.79 -13.04
N ASN A 11 19.41 1.71 -12.32
CA ASN A 11 19.55 1.59 -10.87
C ASN A 11 20.18 2.85 -10.28
N SER A 12 19.57 3.37 -9.22
CA SER A 12 20.07 4.57 -8.56
C SER A 12 19.55 4.66 -7.14
N ALA A 13 20.46 4.79 -6.18
CA ALA A 13 20.12 4.89 -4.78
C ALA A 13 19.98 6.35 -4.34
N ILE A 14 18.77 6.88 -4.42
CA ILE A 14 18.51 8.26 -4.04
C ILE A 14 17.11 8.42 -3.45
N SER A 15 17.06 8.73 -2.15
CA SER A 15 15.79 8.92 -1.46
C SER A 15 15.10 10.19 -1.92
N SER A 16 15.59 11.33 -1.47
CA SER A 16 15.03 12.62 -1.83
C SER A 16 15.23 12.91 -3.31
N SER A 17 14.20 12.63 -4.11
CA SER A 17 14.26 12.85 -5.55
C SER A 17 12.90 12.67 -6.18
N ILE A 18 12.84 12.83 -7.51
CA ILE A 18 11.58 12.67 -8.24
C ILE A 18 10.90 11.36 -7.89
N PHE A 19 11.70 10.34 -7.61
CA PHE A 19 11.17 9.03 -7.25
C PHE A 19 10.13 9.14 -6.14
N CYS A 20 10.36 10.07 -5.23
CA CYS A 20 9.43 10.28 -4.11
C CYS A 20 8.07 10.75 -4.61
N GLU A 21 8.08 11.71 -5.53
CA GLU A 21 6.84 12.24 -6.09
C GLU A 21 5.95 11.12 -6.61
N LYS A 22 6.57 10.01 -7.01
CA LYS A 22 5.83 8.87 -7.53
C LYS A 22 4.71 8.47 -6.57
N TYR A 23 4.90 8.77 -5.29
CA TYR A 23 3.91 8.43 -4.28
C TYR A 23 2.52 8.89 -4.70
N LYS A 24 2.47 9.98 -5.46
CA LYS A 24 1.20 10.52 -5.94
C LYS A 24 0.55 9.58 -6.95
N GLN A 25 1.27 9.31 -8.04
CA GLN A 25 0.76 8.42 -9.08
C GLN A 25 0.39 7.06 -8.51
N THR A 26 1.21 6.57 -7.58
CA THR A 26 0.96 5.28 -6.95
C THR A 26 -0.35 5.29 -6.16
N LYS A 27 -0.48 6.24 -5.25
CA LYS A 27 -1.68 6.36 -4.43
C LYS A 27 -2.93 6.42 -5.30
N GLU A 28 -2.89 7.28 -6.32
CA GLU A 28 -4.02 7.44 -7.23
C GLU A 28 -4.35 6.12 -7.92
N GLN A 29 -3.31 5.43 -8.39
CA GLN A 29 -3.48 4.15 -9.07
C GLN A 29 -4.12 3.13 -8.15
N ALA A 30 -3.80 3.21 -6.87
CA ALA A 30 -4.35 2.28 -5.89
C ALA A 30 -5.83 2.53 -5.66
N LEU A 31 -6.17 3.73 -5.20
CA LEU A 31 -7.56 4.09 -4.96
C LEU A 31 -8.42 3.87 -6.21
N THR A 32 -7.83 4.10 -7.37
CA THR A 32 -8.53 3.93 -8.63
C THR A 32 -8.84 2.45 -8.89
N PHE A 33 -7.84 1.60 -8.66
CA PHE A 33 -8.00 0.17 -8.87
C PHE A 33 -8.91 -0.44 -7.80
N PHE A 34 -8.93 0.19 -6.63
CA PHE A 34 -9.76 -0.28 -5.52
C PHE A 34 -11.18 0.23 -5.64
N GLN A 35 -11.32 1.44 -6.17
CA GLN A 35 -12.64 2.05 -6.35
C GLN A 35 -13.30 1.55 -7.63
N GLU A 36 -12.50 1.36 -8.66
CA GLU A 36 -13.01 0.88 -9.95
C GLU A 36 -13.34 -0.60 -9.89
N HIS A 37 -12.49 -1.37 -9.22
CA HIS A 37 -12.68 -2.81 -9.08
C HIS A 37 -12.60 -3.23 -7.63
N PRO A 38 -13.59 -2.77 -6.83
CA PRO A 38 -13.65 -3.10 -5.39
C PRO A 38 -14.00 -4.57 -5.15
N GLN A 39 -13.02 -5.44 -5.35
CA GLN A 39 -13.22 -6.87 -5.14
C GLN A 39 -13.10 -7.23 -3.67
N TYR A 40 -12.28 -6.48 -2.94
CA TYR A 40 -12.08 -6.72 -1.51
C TYR A 40 -13.33 -6.34 -0.72
N MET A 41 -14.12 -5.42 -1.27
CA MET A 41 -15.34 -4.98 -0.61
C MET A 41 -16.42 -6.04 -0.70
N ARG A 42 -16.31 -6.91 -1.69
CA ARG A 42 -17.28 -7.98 -1.90
C ARG A 42 -16.76 -9.31 -1.35
N SER A 43 -15.45 -9.51 -1.48
CA SER A 43 -14.83 -10.74 -1.01
C SER A 43 -13.59 -10.44 -0.18
N LYS A 44 -13.76 -10.36 1.13
CA LYS A 44 -12.66 -10.08 2.05
C LYS A 44 -11.66 -11.23 2.06
N GLU A 45 -12.17 -12.45 2.07
CA GLU A 45 -11.32 -13.64 2.08
C GLU A 45 -10.28 -13.58 0.97
N ASP A 46 -10.69 -13.10 -0.19
CA ASP A 46 -9.80 -12.99 -1.34
C ASP A 46 -8.78 -11.87 -1.13
N GLU A 47 -9.25 -10.76 -0.56
CA GLU A 47 -8.38 -9.61 -0.30
C GLU A 47 -7.12 -10.04 0.47
N GLU A 48 -7.33 -10.80 1.55
CA GLU A 48 -6.22 -11.28 2.37
C GLU A 48 -5.18 -12.00 1.52
N GLN A 49 -5.62 -13.04 0.81
CA GLN A 49 -4.74 -13.82 -0.04
C GLN A 49 -3.97 -12.91 -1.01
N LEU A 50 -4.69 -11.97 -1.61
CA LEU A 50 -4.08 -11.04 -2.56
C LEU A 50 -3.06 -10.14 -1.86
N MET A 51 -3.36 -9.77 -0.62
CA MET A 51 -2.47 -8.92 0.15
C MET A 51 -1.14 -9.63 0.42
N THR A 52 -1.21 -10.77 1.09
CA THR A 52 -0.02 -11.55 1.41
C THR A 52 0.81 -11.84 0.16
N GLU A 53 0.12 -12.29 -0.89
CA GLU A 53 0.79 -12.60 -2.16
C GLU A 53 1.38 -11.35 -2.78
N PHE A 54 0.63 -10.26 -2.74
CA PHE A 54 1.09 -8.99 -3.32
C PHE A 54 2.35 -8.51 -2.62
N LYS A 55 2.50 -8.87 -1.35
CA LYS A 55 3.66 -8.47 -0.57
C LYS A 55 4.85 -9.39 -0.85
N LYS A 56 4.56 -10.65 -1.15
CA LYS A 56 5.60 -11.62 -1.44
C LYS A 56 6.08 -11.49 -2.88
N VAL A 57 5.17 -11.11 -3.77
CA VAL A 57 5.51 -10.95 -5.18
C VAL A 57 6.33 -9.68 -5.40
N LEU A 58 6.33 -8.81 -4.40
CA LEU A 58 7.09 -7.56 -4.48
C LEU A 58 8.55 -7.78 -4.14
N LEU A 59 8.81 -8.70 -3.22
CA LEU A 59 10.18 -9.00 -2.80
C LEU A 59 10.76 -10.15 -3.63
N GLU A 60 9.88 -11.03 -4.11
CA GLU A 60 10.30 -12.17 -4.91
C GLU A 60 11.26 -11.74 -6.01
N PRO A 61 10.79 -10.84 -6.88
CA PRO A 61 11.59 -10.32 -8.00
C PRO A 61 12.72 -9.42 -7.53
N GLY A 62 13.77 -9.32 -8.33
CA GLY A 62 14.92 -8.48 -7.98
C GLY A 62 14.77 -7.07 -8.50
N SER A 63 13.85 -6.89 -9.44
CA SER A 63 13.63 -5.57 -10.04
C SER A 63 12.71 -4.73 -9.17
N LYS A 64 13.03 -4.67 -7.88
CA LYS A 64 12.22 -3.89 -6.94
C LYS A 64 12.04 -2.46 -7.43
N ASN A 65 12.89 -2.04 -8.35
CA ASN A 65 12.82 -0.69 -8.90
C ASN A 65 11.88 -0.64 -10.10
N LEU A 66 10.94 -1.58 -10.15
CA LEU A 66 9.99 -1.64 -11.25
C LEU A 66 8.77 -0.77 -10.95
N SER A 67 8.00 -0.47 -12.00
CA SER A 67 6.81 0.37 -11.85
C SER A 67 5.78 -0.30 -10.94
N ILE A 68 5.13 0.50 -10.10
CA ILE A 68 4.13 -0.01 -9.18
C ILE A 68 3.00 -0.71 -9.93
N TYR A 69 2.87 -0.39 -11.21
CA TYR A 69 1.82 -0.99 -12.05
C TYR A 69 2.06 -2.48 -12.24
N GLN A 70 3.34 -2.84 -12.38
CA GLN A 70 3.71 -4.25 -12.58
C GLN A 70 3.52 -5.04 -11.30
N THR A 71 3.95 -4.47 -10.18
CA THR A 71 3.83 -5.13 -8.89
C THR A 71 2.40 -5.56 -8.62
N LEU A 72 1.48 -4.62 -8.66
CA LEU A 72 0.07 -4.91 -8.42
C LEU A 72 -0.49 -5.81 -9.50
N LEU A 73 -0.24 -5.45 -10.76
CA LEU A 73 -0.73 -6.23 -11.90
C LEU A 73 -0.33 -7.70 -11.75
N ALA A 74 0.93 -7.93 -11.39
CA ALA A 74 1.44 -9.29 -11.22
C ALA A 74 0.73 -9.99 -10.06
N ALA A 75 0.64 -9.32 -8.92
CA ALA A 75 -0.01 -9.88 -7.74
C ALA A 75 -1.45 -10.27 -8.06
N HIS A 76 -2.12 -9.46 -8.88
CA HIS A 76 -3.50 -9.73 -9.26
C HIS A 76 -3.59 -10.97 -10.14
N GLU A 77 -2.96 -10.91 -11.31
CA GLU A 77 -2.97 -12.03 -12.24
C GLU A 77 -2.48 -13.31 -11.56
N ARG A 78 -1.46 -13.18 -10.73
CA ARG A 78 -0.91 -14.32 -10.02
C ARG A 78 -1.92 -14.93 -9.07
N LEU A 79 -2.77 -14.07 -8.49
CA LEU A 79 -3.80 -14.51 -7.56
C LEU A 79 -4.80 -15.42 -8.25
N GLN A 80 -5.10 -15.12 -9.51
CA GLN A 80 -6.05 -15.92 -10.29
C GLN A 80 -5.31 -16.80 -11.31
N ALA A 81 -4.14 -17.28 -10.93
CA ALA A 81 -3.35 -18.13 -11.81
C ALA A 81 -3.81 -19.57 -11.74
N LEU A 82 -4.28 -20.11 -12.85
CA LEU A 82 -4.75 -21.48 -12.91
C LEU A 82 -3.65 -22.45 -12.52
N HIS B 3 -4.19 48.99 -26.38
CA HIS B 3 -4.42 48.57 -25.01
C HIS B 3 -4.60 47.06 -24.91
N MET B 4 -4.76 46.56 -23.69
CA MET B 4 -4.95 45.14 -23.47
C MET B 4 -5.58 44.88 -22.11
N ASP B 5 -5.81 43.60 -21.81
CA ASP B 5 -6.41 43.22 -20.53
C ASP B 5 -5.45 43.48 -19.37
N PRO B 6 -6.00 43.57 -18.15
CA PRO B 6 -5.21 43.81 -16.94
C PRO B 6 -4.33 42.61 -16.58
N LEU B 7 -4.91 41.42 -16.64
CA LEU B 7 -4.18 40.20 -16.31
C LEU B 7 -4.74 39.01 -17.10
N THR B 8 -4.14 37.84 -16.88
CA THR B 8 -4.57 36.63 -17.57
C THR B 8 -4.95 35.54 -16.57
N PRO B 9 -6.25 35.42 -16.28
CA PRO B 9 -6.78 34.42 -15.35
C PRO B 9 -6.66 33.00 -15.90
N ASP B 10 -6.98 32.02 -15.06
CA ASP B 10 -6.93 30.62 -15.46
C ASP B 10 -8.09 29.83 -14.86
N ALA B 11 -8.51 28.79 -15.57
CA ALA B 11 -9.61 27.95 -15.10
C ALA B 11 -9.28 26.47 -15.26
N SER B 12 -10.23 25.62 -14.88
CA SER B 12 -10.03 24.18 -14.97
C SER B 12 -10.43 23.66 -16.35
N GLU B 13 -9.53 22.90 -16.98
CA GLU B 13 -9.79 22.36 -18.31
C GLU B 13 -9.78 20.83 -18.27
N SER B 14 -8.58 20.25 -18.14
CA SER B 14 -8.44 18.80 -18.11
C SER B 14 -7.92 18.35 -16.75
N VAL B 15 -8.57 18.82 -15.68
CA VAL B 15 -8.17 18.47 -14.32
C VAL B 15 -9.21 17.57 -13.67
N ASN B 16 -8.75 16.49 -13.03
CA ASN B 16 -9.65 15.55 -12.37
C ASN B 16 -10.30 16.20 -11.14
N ASN B 17 -11.17 15.45 -10.48
CA ASN B 17 -11.86 15.94 -9.30
C ASN B 17 -12.45 14.79 -8.49
N ILE B 18 -12.55 14.98 -7.18
CA ILE B 18 -13.11 13.97 -6.29
C ILE B 18 -14.33 14.49 -5.55
N LEU B 19 -15.43 13.75 -5.65
CA LEU B 19 -16.67 14.14 -4.98
C LEU B 19 -16.43 14.39 -3.49
N LYS B 20 -16.87 15.54 -3.02
CA LYS B 20 -16.72 15.91 -1.62
C LYS B 20 -18.07 15.96 -0.91
N GLN B 21 -18.52 14.81 -0.41
CA GLN B 21 -19.79 14.74 0.29
C GLN B 21 -19.64 14.01 1.63
N SER B 22 -18.97 14.66 2.58
CA SER B 22 -18.75 14.08 3.89
C SER B 22 -17.98 15.05 4.79
N GLY B 23 -18.41 15.16 6.04
CA GLY B 23 -17.75 16.04 6.98
C GLY B 23 -16.47 15.46 7.53
N ALA B 24 -16.45 14.14 7.69
CA ALA B 24 -15.26 13.45 8.20
C ALA B 24 -14.47 12.81 7.08
N TRP B 25 -13.30 12.29 7.41
CA TRP B 25 -12.43 11.64 6.42
C TRP B 25 -11.69 10.47 7.04
N SER B 26 -11.84 9.29 6.44
CA SER B 26 -11.18 8.08 6.93
C SER B 26 -11.32 6.94 5.92
N GLY B 27 -10.46 5.94 6.07
CA GLY B 27 -10.49 4.80 5.16
C GLY B 27 -9.38 4.83 4.14
N ASP B 28 -8.23 5.34 4.55
CA ASP B 28 -7.07 5.42 3.66
C ASP B 28 -6.22 4.16 3.76
N ASP B 29 -6.19 3.55 4.94
CA ASP B 29 -5.42 2.35 5.17
C ASP B 29 -5.69 1.31 4.08
N LYS B 30 -6.92 1.32 3.57
CA LYS B 30 -7.31 0.39 2.51
C LYS B 30 -6.28 0.38 1.38
N LEU B 31 -5.96 1.56 0.87
CA LEU B 31 -5.00 1.69 -0.21
C LEU B 31 -3.59 1.91 0.33
N GLN B 32 -3.51 2.53 1.51
CA GLN B 32 -2.22 2.80 2.14
C GLN B 32 -1.39 1.53 2.25
N LYS B 33 -2.03 0.44 2.70
CA LYS B 33 -1.36 -0.84 2.87
C LYS B 33 -0.61 -1.22 1.60
N TRP B 34 -1.31 -1.18 0.47
CA TRP B 34 -0.70 -1.52 -0.82
C TRP B 34 0.46 -0.59 -1.13
N VAL B 35 0.16 0.70 -1.28
CA VAL B 35 1.18 1.70 -1.58
C VAL B 35 2.37 1.58 -0.63
N ARG B 36 2.08 1.63 0.67
CA ARG B 36 3.13 1.53 1.68
C ARG B 36 4.08 0.37 1.37
N VAL B 37 3.51 -0.78 1.01
CA VAL B 37 4.30 -1.95 0.68
C VAL B 37 5.11 -1.74 -0.59
N TYR B 38 4.51 -1.03 -1.54
CA TYR B 38 5.17 -0.75 -2.82
C TYR B 38 6.47 0.03 -2.61
N LEU B 39 6.40 1.04 -1.74
CA LEU B 39 7.57 1.86 -1.45
C LEU B 39 8.44 1.22 -0.38
N ASP B 40 7.82 0.39 0.46
CA ASP B 40 8.53 -0.29 1.53
C ASP B 40 9.37 -1.45 0.97
N ARG B 41 8.87 -2.08 -0.08
CA ARG B 41 9.57 -3.19 -0.70
C ARG B 41 10.63 -2.69 -1.68
N GLY B 42 10.36 -1.55 -2.31
CA GLY B 42 11.29 -0.99 -3.26
C GLY B 42 12.65 -0.72 -2.65
N GLN B 43 12.76 0.36 -1.89
CA GLN B 43 14.02 0.73 -1.24
C GLN B 43 13.80 1.08 0.23
N GLU B 44 12.82 1.96 0.48
CA GLU B 44 12.52 2.37 1.84
C GLU B 44 11.30 3.29 1.86
N ALA B 45 10.95 3.78 3.05
CA ALA B 45 9.81 4.67 3.20
C ALA B 45 10.01 5.96 2.43
N ILE B 46 8.90 6.65 2.15
CA ILE B 46 8.95 7.90 1.41
C ILE B 46 7.78 8.80 1.77
N LYS B 47 8.06 10.09 1.95
CA LYS B 47 7.03 11.06 2.31
C LYS B 47 6.76 12.02 1.15
N MET A 4 -8.67 11.35 9.54
CA MET A 4 -7.94 12.41 10.23
C MET A 4 -6.82 12.96 9.36
N ASP A 5 -6.17 14.01 9.82
CA ASP A 5 -5.08 14.63 9.09
C ASP A 5 -3.80 13.80 9.21
N ASN A 6 -2.93 13.91 8.21
CA ASN A 6 -1.68 13.16 8.20
C ASN A 6 -0.53 14.03 8.70
N SER A 7 0.30 13.46 9.57
CA SER A 7 1.44 14.18 10.12
C SER A 7 2.64 14.10 9.18
N ALA A 8 3.65 14.92 9.45
CA ALA A 8 4.86 14.95 8.64
C ALA A 8 6.01 15.61 9.38
N SER A 9 7.14 14.89 9.46
CA SER A 9 8.31 15.40 10.16
C SER A 9 9.43 15.69 9.18
N LYS A 10 9.34 16.83 8.49
CA LYS A 10 10.35 17.23 7.52
C LYS A 10 11.55 17.87 8.22
N ASN A 11 12.66 17.97 7.49
CA ASN A 11 13.87 18.56 8.03
C ASN A 11 14.50 19.53 7.04
N SER A 12 14.84 19.03 5.86
CA SER A 12 15.45 19.84 4.82
C SER A 12 14.82 19.54 3.45
N ALA A 13 14.71 20.58 2.62
CA ALA A 13 14.14 20.43 1.29
C ALA A 13 15.11 20.90 0.22
N ILE A 14 16.40 20.62 0.43
CA ILE A 14 17.42 21.01 -0.52
C ILE A 14 17.72 19.89 -1.51
N SER A 15 17.75 18.66 -1.00
CA SER A 15 18.03 17.49 -1.84
C SER A 15 16.77 17.05 -2.57
N SER A 16 16.56 17.60 -3.76
CA SER A 16 15.41 17.26 -4.57
C SER A 16 15.28 15.75 -4.76
N SER A 17 14.05 15.26 -4.79
CA SER A 17 13.80 13.84 -4.95
C SER A 17 12.56 13.60 -5.82
N ILE A 18 12.79 13.13 -7.04
CA ILE A 18 11.69 12.85 -7.96
C ILE A 18 11.07 11.49 -7.69
N PHE A 19 11.91 10.52 -7.35
CA PHE A 19 11.44 9.16 -7.05
C PHE A 19 10.32 9.19 -6.02
N CYS A 20 10.42 10.11 -5.06
CA CYS A 20 9.41 10.24 -4.01
C CYS A 20 8.08 10.71 -4.59
N GLU A 21 8.15 11.65 -5.53
CA GLU A 21 6.94 12.18 -6.17
C GLU A 21 6.06 11.05 -6.68
N LYS A 22 6.68 9.93 -7.05
CA LYS A 22 5.95 8.79 -7.56
C LYS A 22 4.81 8.40 -6.62
N TYR A 23 4.97 8.73 -5.35
CA TYR A 23 3.95 8.42 -4.35
C TYR A 23 2.56 8.86 -4.82
N LYS A 24 2.53 9.93 -5.61
CA LYS A 24 1.27 10.45 -6.13
C LYS A 24 0.64 9.46 -7.10
N GLN A 25 1.34 9.17 -8.20
CA GLN A 25 0.84 8.24 -9.20
C GLN A 25 0.46 6.91 -8.57
N THR A 26 1.29 6.43 -7.65
CA THR A 26 1.04 5.17 -6.97
C THR A 26 -0.27 5.22 -6.20
N LYS A 27 -0.43 6.23 -5.35
CA LYS A 27 -1.63 6.40 -4.56
C LYS A 27 -2.88 6.38 -5.44
N GLU A 28 -2.83 7.15 -6.53
CA GLU A 28 -3.95 7.22 -7.45
C GLU A 28 -4.27 5.85 -8.05
N GLN A 29 -3.22 5.13 -8.44
CA GLN A 29 -3.39 3.80 -9.02
C GLN A 29 -4.01 2.84 -8.01
N ALA A 30 -3.66 3.03 -6.74
CA ALA A 30 -4.18 2.17 -5.68
C ALA A 30 -5.68 2.40 -5.48
N LEU A 31 -6.05 3.63 -5.13
CA LEU A 31 -7.45 3.97 -4.90
C LEU A 31 -8.29 3.61 -6.12
N THR A 32 -7.74 3.84 -7.31
CA THR A 32 -8.45 3.54 -8.55
C THR A 32 -8.73 2.05 -8.67
N PHE A 33 -7.71 1.22 -8.43
CA PHE A 33 -7.86 -0.22 -8.51
C PHE A 33 -8.69 -0.75 -7.34
N PHE A 34 -8.68 -0.01 -6.24
CA PHE A 34 -9.43 -0.41 -5.06
C PHE A 34 -10.90 -0.05 -5.19
N GLN A 35 -11.17 1.09 -5.84
CA GLN A 35 -12.53 1.55 -6.04
C GLN A 35 -13.15 0.90 -7.28
N GLU A 36 -12.34 0.72 -8.32
CA GLU A 36 -12.82 0.10 -9.55
C GLU A 36 -13.00 -1.39 -9.38
N HIS A 37 -12.11 -2.01 -8.61
CA HIS A 37 -12.18 -3.45 -8.36
C HIS A 37 -12.02 -3.75 -6.88
N PRO A 38 -13.01 -3.36 -6.08
CA PRO A 38 -13.01 -3.58 -4.63
C PRO A 38 -13.18 -5.06 -4.27
N GLN A 39 -12.12 -5.83 -4.49
CA GLN A 39 -12.15 -7.26 -4.18
C GLN A 39 -12.61 -7.51 -2.75
N TYR A 40 -12.23 -6.60 -1.85
CA TYR A 40 -12.60 -6.71 -0.44
C TYR A 40 -14.11 -6.88 -0.29
N MET A 41 -14.86 -6.29 -1.21
CA MET A 41 -16.32 -6.38 -1.18
C MET A 41 -16.80 -7.62 -1.90
N ARG A 42 -15.98 -8.13 -2.82
CA ARG A 42 -16.33 -9.32 -3.59
C ARG A 42 -16.11 -10.57 -2.77
N SER A 43 -14.97 -10.65 -2.07
CA SER A 43 -14.65 -11.80 -1.25
C SER A 43 -13.66 -11.41 -0.15
N LYS A 44 -14.10 -11.49 1.10
CA LYS A 44 -13.26 -11.17 2.23
C LYS A 44 -11.94 -11.91 2.18
N GLU A 45 -11.99 -13.15 1.67
CA GLU A 45 -10.80 -13.98 1.57
C GLU A 45 -9.91 -13.50 0.41
N ASP A 46 -10.54 -13.14 -0.69
CA ASP A 46 -9.81 -12.66 -1.88
C ASP A 46 -8.94 -11.47 -1.52
N GLU A 47 -9.45 -10.61 -0.64
CA GLU A 47 -8.71 -9.42 -0.22
C GLU A 47 -7.40 -9.81 0.47
N GLU A 48 -7.52 -10.48 1.61
CA GLU A 48 -6.35 -10.91 2.36
C GLU A 48 -5.38 -11.69 1.48
N GLN A 49 -5.91 -12.66 0.75
CA GLN A 49 -5.10 -13.49 -0.13
C GLN A 49 -4.27 -12.62 -1.07
N LEU A 50 -4.92 -11.67 -1.72
CA LEU A 50 -4.25 -10.77 -2.65
C LEU A 50 -3.22 -9.91 -1.92
N MET A 51 -3.53 -9.55 -0.68
CA MET A 51 -2.63 -8.73 0.13
C MET A 51 -1.32 -9.46 0.39
N THR A 52 -1.41 -10.62 1.04
CA THR A 52 -0.23 -11.42 1.34
C THR A 52 0.58 -11.72 0.10
N GLU A 53 -0.12 -12.13 -0.96
CA GLU A 53 0.53 -12.46 -2.23
C GLU A 53 1.17 -11.22 -2.85
N PHE A 54 0.45 -10.11 -2.82
CA PHE A 54 0.94 -8.85 -3.37
C PHE A 54 2.21 -8.40 -2.66
N LYS A 55 2.34 -8.77 -1.39
CA LYS A 55 3.50 -8.41 -0.60
C LYS A 55 4.66 -9.37 -0.86
N LYS A 56 4.33 -10.62 -1.14
CA LYS A 56 5.35 -11.63 -1.41
C LYS A 56 5.87 -11.51 -2.84
N VAL A 57 4.98 -11.12 -3.76
CA VAL A 57 5.35 -10.95 -5.16
C VAL A 57 6.20 -9.71 -5.37
N LEU A 58 6.18 -8.82 -4.37
CA LEU A 58 6.95 -7.58 -4.45
C LEU A 58 8.40 -7.83 -4.07
N LEU A 59 8.62 -8.72 -3.11
CA LEU A 59 9.97 -9.04 -2.65
C LEU A 59 10.53 -10.23 -3.43
N GLU A 60 9.68 -10.86 -4.23
CA GLU A 60 10.09 -12.02 -5.02
C GLU A 60 11.13 -11.62 -6.07
N PRO A 61 10.74 -10.70 -6.97
CA PRO A 61 11.62 -10.21 -8.03
C PRO A 61 12.75 -9.34 -7.50
N GLY A 62 13.82 -9.22 -8.29
CA GLY A 62 14.95 -8.41 -7.87
C GLY A 62 14.83 -6.97 -8.32
N SER A 63 13.99 -6.73 -9.33
CA SER A 63 13.79 -5.38 -9.84
C SER A 63 12.78 -4.61 -9.00
N LYS A 64 13.00 -4.60 -7.69
CA LYS A 64 12.12 -3.90 -6.76
C LYS A 64 11.91 -2.46 -7.20
N ASN A 65 12.82 -1.95 -8.02
CA ASN A 65 12.73 -0.58 -8.52
C ASN A 65 11.85 -0.52 -9.76
N LEU A 66 10.96 -1.48 -9.90
CA LEU A 66 10.05 -1.53 -11.05
C LEU A 66 8.83 -0.66 -10.81
N SER A 67 8.10 -0.36 -11.88
CA SER A 67 6.90 0.47 -11.79
C SER A 67 5.85 -0.21 -10.91
N ILE A 68 5.16 0.59 -10.11
CA ILE A 68 4.13 0.07 -9.21
C ILE A 68 3.01 -0.62 -10.01
N TYR A 69 2.93 -0.30 -11.29
CA TYR A 69 1.91 -0.89 -12.16
C TYR A 69 2.16 -2.38 -12.35
N GLN A 70 3.43 -2.76 -12.46
CA GLN A 70 3.80 -4.15 -12.64
C GLN A 70 3.56 -4.95 -11.36
N THR A 71 3.97 -4.38 -10.23
CA THR A 71 3.80 -5.04 -8.94
C THR A 71 2.34 -5.46 -8.72
N LEU A 72 1.44 -4.49 -8.76
CA LEU A 72 0.02 -4.76 -8.58
C LEU A 72 -0.51 -5.67 -9.67
N LEU A 73 -0.22 -5.32 -10.92
CA LEU A 73 -0.67 -6.12 -12.06
C LEU A 73 -0.29 -7.59 -11.88
N ALA A 74 0.95 -7.84 -11.49
CA ALA A 74 1.43 -9.20 -11.28
C ALA A 74 0.65 -9.88 -10.16
N ALA A 75 0.60 -9.22 -9.00
CA ALA A 75 -0.10 -9.76 -7.84
C ALA A 75 -1.55 -10.11 -8.19
N HIS A 76 -2.18 -9.24 -8.98
CA HIS A 76 -3.57 -9.44 -9.38
C HIS A 76 -3.71 -10.68 -10.26
N GLU A 77 -3.06 -10.66 -11.42
CA GLU A 77 -3.12 -11.80 -12.34
C GLU A 77 -2.69 -13.08 -11.64
N ARG A 78 -1.68 -12.97 -10.78
CA ARG A 78 -1.18 -14.13 -10.05
C ARG A 78 -2.24 -14.69 -9.11
N LEU A 79 -3.07 -13.80 -8.57
CA LEU A 79 -4.14 -14.21 -7.65
C LEU A 79 -5.16 -15.08 -8.37
N GLN A 80 -5.40 -14.77 -9.63
CA GLN A 80 -6.37 -15.53 -10.42
C GLN A 80 -5.66 -16.46 -11.40
N ALA A 81 -4.51 -16.99 -10.98
CA ALA A 81 -3.73 -17.89 -11.82
C ALA A 81 -4.12 -19.34 -11.56
N LEU A 82 -4.76 -19.96 -12.55
CA LEU A 82 -5.18 -21.35 -12.44
C LEU A 82 -4.00 -22.27 -12.17
N HIS B 3 38.51 7.34 46.75
CA HIS B 3 38.17 6.06 46.15
C HIS B 3 39.43 5.35 45.64
N MET B 4 39.62 4.11 46.08
CA MET B 4 40.78 3.33 45.66
C MET B 4 40.35 2.06 44.94
N ASP B 5 39.12 2.06 44.43
CA ASP B 5 38.60 0.91 43.71
C ASP B 5 39.09 0.89 42.27
N PRO B 6 39.09 -0.30 41.66
CA PRO B 6 39.54 -0.48 40.28
C PRO B 6 38.58 0.14 39.27
N LEU B 7 37.29 -0.15 39.44
CA LEU B 7 36.27 0.39 38.55
C LEU B 7 34.87 0.04 39.06
N THR B 8 33.85 0.61 38.41
CA THR B 8 32.48 0.36 38.80
C THR B 8 31.67 -0.20 37.64
N PRO B 9 31.52 -1.54 37.63
CA PRO B 9 30.78 -2.25 36.58
C PRO B 9 29.27 -1.98 36.66
N ASP B 10 28.56 -2.35 35.60
CA ASP B 10 27.11 -2.15 35.56
C ASP B 10 26.40 -3.45 35.17
N ALA B 11 25.09 -3.47 35.36
CA ALA B 11 24.30 -4.65 35.02
C ALA B 11 22.85 -4.27 34.72
N SER B 12 22.13 -5.16 34.05
CA SER B 12 20.74 -4.92 33.70
C SER B 12 19.83 -5.11 34.90
N GLU B 13 19.84 -4.13 35.80
CA GLU B 13 19.02 -4.19 37.01
C GLU B 13 17.62 -3.63 36.73
N SER B 14 17.53 -2.32 36.58
CA SER B 14 16.26 -1.66 36.33
C SER B 14 16.12 -1.32 34.85
N VAL B 15 16.35 -2.31 34.00
CA VAL B 15 16.26 -2.12 32.55
C VAL B 15 14.94 -2.67 32.02
N ASN B 16 14.27 -1.88 31.18
CA ASN B 16 13.00 -2.29 30.59
C ASN B 16 12.84 -1.74 29.18
N ASN B 17 11.70 -2.02 28.57
CA ASN B 17 11.42 -1.54 27.22
C ASN B 17 9.97 -1.84 26.82
N ILE B 18 9.46 -1.07 25.86
CA ILE B 18 8.09 -1.26 25.39
C ILE B 18 7.99 -0.97 23.90
N LEU B 19 6.91 -1.47 23.28
CA LEU B 19 6.69 -1.26 21.85
C LEU B 19 6.80 0.21 21.49
N LYS B 20 6.83 0.50 20.20
CA LYS B 20 6.94 1.87 19.72
C LYS B 20 5.79 2.20 18.77
N GLN B 21 5.04 3.25 19.08
CA GLN B 21 3.91 3.66 18.26
C GLN B 21 4.24 4.95 17.51
N SER B 22 3.38 5.31 16.56
CA SER B 22 3.57 6.52 15.77
C SER B 22 2.25 7.26 15.58
N GLY B 23 1.35 6.66 14.82
CA GLY B 23 0.06 7.29 14.58
C GLY B 23 -1.00 6.28 14.16
N ALA B 24 -2.12 6.79 13.63
CA ALA B 24 -3.20 5.92 13.19
C ALA B 24 -3.89 6.50 11.96
N TRP B 25 -4.75 5.70 11.34
CA TRP B 25 -5.47 6.13 10.15
C TRP B 25 -6.87 5.53 10.11
N SER B 26 -7.59 5.77 9.02
CA SER B 26 -8.94 5.26 8.86
C SER B 26 -9.50 5.61 7.49
N GLY B 27 -9.84 4.59 6.71
CA GLY B 27 -10.38 4.81 5.39
C GLY B 27 -9.31 4.81 4.32
N ASP B 28 -8.15 5.34 4.65
CA ASP B 28 -7.04 5.41 3.70
C ASP B 28 -6.17 4.15 3.79
N ASP B 29 -6.12 3.57 4.98
CA ASP B 29 -5.33 2.36 5.21
C ASP B 29 -5.61 1.32 4.14
N LYS B 30 -6.84 1.31 3.64
CA LYS B 30 -7.25 0.36 2.62
C LYS B 30 -6.24 0.35 1.46
N LEU B 31 -5.94 1.52 0.93
CA LEU B 31 -4.99 1.65 -0.17
C LEU B 31 -3.57 1.89 0.36
N GLN B 32 -3.48 2.55 1.50
CA GLN B 32 -2.19 2.86 2.11
C GLN B 32 -1.34 1.59 2.24
N LYS B 33 -1.96 0.52 2.72
CA LYS B 33 -1.26 -0.75 2.89
C LYS B 33 -0.53 -1.14 1.62
N TRP B 34 -1.23 -1.12 0.49
CA TRP B 34 -0.64 -1.47 -0.79
C TRP B 34 0.53 -0.55 -1.12
N VAL B 35 0.23 0.75 -1.25
CA VAL B 35 1.26 1.73 -1.56
C VAL B 35 2.44 1.61 -0.62
N ARG B 36 2.17 1.70 0.68
CA ARG B 36 3.22 1.60 1.69
C ARG B 36 4.15 0.43 1.39
N VAL B 37 3.57 -0.71 1.02
CA VAL B 37 4.35 -1.89 0.71
C VAL B 37 5.17 -1.69 -0.57
N TYR B 38 4.59 -1.01 -1.54
CA TYR B 38 5.26 -0.75 -2.81
C TYR B 38 6.55 0.02 -2.59
N LEU B 39 6.47 1.06 -1.76
CA LEU B 39 7.64 1.89 -1.47
C LEU B 39 8.51 1.24 -0.40
N ASP B 40 7.90 0.42 0.45
CA ASP B 40 8.62 -0.27 1.51
C ASP B 40 9.46 -1.40 0.94
N ARG B 41 8.97 -2.03 -0.13
CA ARG B 41 9.68 -3.13 -0.77
C ARG B 41 10.64 -2.63 -1.83
N GLY B 42 10.27 -1.52 -2.47
CA GLY B 42 11.12 -0.95 -3.50
C GLY B 42 12.48 -0.54 -2.97
N GLN B 43 12.54 0.58 -2.27
CA GLN B 43 13.79 1.07 -1.71
C GLN B 43 13.66 1.32 -0.21
N GLU B 44 12.82 2.29 0.15
CA GLU B 44 12.61 2.63 1.54
C GLU B 44 11.31 3.43 1.72
N ALA B 45 11.06 3.86 2.95
CA ALA B 45 9.86 4.64 3.25
C ALA B 45 9.93 6.02 2.62
N ILE B 46 8.77 6.62 2.37
CA ILE B 46 8.71 7.94 1.78
C ILE B 46 7.43 8.67 2.19
N LYS B 47 7.57 9.91 2.61
CA LYS B 47 6.43 10.72 3.03
C LYS B 47 6.26 11.94 2.14
N MET A 4 5.73 21.97 -38.54
CA MET A 4 5.00 21.15 -37.57
C MET A 4 5.80 19.91 -37.20
N ASP A 5 7.02 20.12 -36.72
CA ASP A 5 7.89 19.02 -36.33
C ASP A 5 7.58 18.56 -34.91
N ASN A 6 7.91 17.31 -34.61
CA ASN A 6 7.67 16.75 -33.29
C ASN A 6 8.82 15.86 -32.85
N SER A 7 9.11 15.88 -31.55
CA SER A 7 10.20 15.07 -31.00
C SER A 7 9.66 14.01 -30.06
N ALA A 8 10.07 12.77 -30.27
CA ALA A 8 9.62 11.66 -29.43
C ALA A 8 10.27 11.72 -28.05
N SER A 9 11.57 11.99 -28.02
CA SER A 9 12.31 12.08 -26.76
C SER A 9 12.47 13.53 -26.34
N LYS A 10 11.42 14.10 -25.74
CA LYS A 10 11.46 15.48 -25.28
C LYS A 10 12.45 15.65 -24.13
N ASN A 11 12.56 14.61 -23.30
CA ASN A 11 13.49 14.64 -22.16
C ASN A 11 13.42 13.33 -21.39
N SER A 12 14.28 13.22 -20.38
CA SER A 12 14.33 12.01 -19.55
C SER A 12 13.89 12.32 -18.12
N ALA A 13 13.24 11.35 -17.49
CA ALA A 13 12.78 11.50 -16.12
C ALA A 13 13.63 10.69 -15.15
N ILE A 14 14.89 11.08 -15.01
CA ILE A 14 15.81 10.39 -14.12
C ILE A 14 16.34 11.33 -13.04
N SER A 15 16.02 11.02 -11.78
CA SER A 15 16.47 11.85 -10.67
C SER A 15 16.34 11.08 -9.35
N SER A 16 16.63 11.77 -8.25
CA SER A 16 16.55 11.15 -6.92
C SER A 16 15.26 11.56 -6.22
N SER A 17 14.84 12.80 -6.42
CA SER A 17 13.62 13.32 -5.81
C SER A 17 12.38 12.77 -6.50
N ILE A 18 12.45 12.67 -7.82
CA ILE A 18 11.34 12.15 -8.61
C ILE A 18 10.86 10.81 -8.07
N PHE A 19 11.79 10.02 -7.55
CA PHE A 19 11.46 8.70 -7.00
C PHE A 19 10.37 8.83 -5.94
N CYS A 20 10.41 9.91 -5.17
CA CYS A 20 9.43 10.15 -4.12
C CYS A 20 8.11 10.61 -4.70
N GLU A 21 8.17 11.52 -5.66
CA GLU A 21 6.97 12.05 -6.30
C GLU A 21 6.08 10.92 -6.79
N LYS A 22 6.68 9.79 -7.13
CA LYS A 22 5.94 8.63 -7.61
C LYS A 22 4.81 8.27 -6.65
N TYR A 23 4.97 8.64 -5.38
CA TYR A 23 3.97 8.36 -4.38
C TYR A 23 2.57 8.78 -4.86
N LYS A 24 2.53 9.84 -5.67
CA LYS A 24 1.28 10.33 -6.21
C LYS A 24 0.67 9.35 -7.19
N GLN A 25 1.44 8.98 -8.21
CA GLN A 25 0.98 8.04 -9.23
C GLN A 25 0.52 6.74 -8.58
N THR A 26 1.32 6.22 -7.67
CA THR A 26 1.01 4.97 -6.98
C THR A 26 -0.31 5.10 -6.20
N LYS A 27 -0.42 6.13 -5.39
CA LYS A 27 -1.62 6.36 -4.60
C LYS A 27 -2.86 6.35 -5.48
N GLU A 28 -2.82 7.12 -6.56
CA GLU A 28 -3.95 7.20 -7.49
C GLU A 28 -4.28 5.83 -8.05
N GLN A 29 -3.24 5.10 -8.45
CA GLN A 29 -3.41 3.77 -9.02
C GLN A 29 -4.05 2.82 -8.00
N ALA A 30 -3.70 3.01 -6.73
CA ALA A 30 -4.23 2.18 -5.66
C ALA A 30 -5.72 2.42 -5.46
N LEU A 31 -6.08 3.66 -5.13
CA LEU A 31 -7.47 4.02 -4.92
C LEU A 31 -8.32 3.66 -6.13
N THR A 32 -7.78 3.88 -7.32
CA THR A 32 -8.48 3.59 -8.56
C THR A 32 -8.80 2.09 -8.66
N PHE A 33 -7.78 1.27 -8.45
CA PHE A 33 -7.95 -0.18 -8.52
C PHE A 33 -8.79 -0.69 -7.36
N PHE A 34 -8.75 0.03 -6.25
CA PHE A 34 -9.50 -0.33 -5.05
C PHE A 34 -10.99 -0.01 -5.22
N GLN A 35 -11.26 1.16 -5.78
CA GLN A 35 -12.65 1.60 -5.99
C GLN A 35 -13.24 0.91 -7.22
N GLU A 36 -12.46 0.83 -8.29
CA GLU A 36 -12.91 0.21 -9.52
C GLU A 36 -13.07 -1.30 -9.34
N HIS A 37 -12.18 -1.89 -8.54
CA HIS A 37 -12.23 -3.32 -8.29
C HIS A 37 -11.97 -3.62 -6.81
N PRO A 38 -12.96 -3.34 -5.97
CA PRO A 38 -12.87 -3.57 -4.52
C PRO A 38 -12.85 -5.05 -4.17
N GLN A 39 -11.65 -5.58 -3.93
CA GLN A 39 -11.50 -7.00 -3.59
C GLN A 39 -12.25 -7.32 -2.29
N TYR A 40 -12.24 -6.37 -1.36
CA TYR A 40 -12.92 -6.56 -0.08
C TYR A 40 -14.43 -6.61 -0.26
N MET A 41 -14.94 -5.83 -1.20
CA MET A 41 -16.36 -5.79 -1.48
C MET A 41 -16.80 -7.03 -2.24
N ARG A 42 -15.86 -7.66 -2.93
CA ARG A 42 -16.16 -8.86 -3.71
C ARG A 42 -16.03 -10.10 -2.84
N SER A 43 -14.93 -10.20 -2.10
CA SER A 43 -14.70 -11.35 -1.23
C SER A 43 -13.74 -10.99 -0.10
N LYS A 44 -14.03 -11.48 1.09
CA LYS A 44 -13.20 -11.21 2.26
C LYS A 44 -11.88 -11.96 2.17
N GLU A 45 -11.94 -13.18 1.63
CA GLU A 45 -10.75 -14.01 1.49
C GLU A 45 -9.89 -13.53 0.33
N ASP A 46 -10.54 -13.15 -0.76
CA ASP A 46 -9.84 -12.67 -1.94
C ASP A 46 -8.91 -11.52 -1.60
N GLU A 47 -9.44 -10.50 -0.93
CA GLU A 47 -8.66 -9.34 -0.55
C GLU A 47 -7.42 -9.76 0.24
N GLU A 48 -7.62 -10.58 1.26
CA GLU A 48 -6.52 -11.06 2.09
C GLU A 48 -5.47 -11.77 1.24
N GLN A 49 -5.90 -12.81 0.53
CA GLN A 49 -5.01 -13.58 -0.32
C GLN A 49 -4.23 -12.66 -1.26
N LEU A 50 -4.92 -11.69 -1.83
CA LEU A 50 -4.30 -10.74 -2.75
C LEU A 50 -3.25 -9.89 -2.04
N MET A 51 -3.56 -9.52 -0.81
CA MET A 51 -2.64 -8.71 -0.01
C MET A 51 -1.34 -9.46 0.26
N THR A 52 -1.46 -10.62 0.92
CA THR A 52 -0.31 -11.43 1.24
C THR A 52 0.53 -11.74 0.01
N GLU A 53 -0.14 -12.12 -1.07
CA GLU A 53 0.55 -12.44 -2.32
C GLU A 53 1.18 -11.18 -2.92
N PHE A 54 0.45 -10.07 -2.88
CA PHE A 54 0.93 -8.81 -3.42
C PHE A 54 2.22 -8.37 -2.71
N LYS A 55 2.34 -8.77 -1.44
CA LYS A 55 3.52 -8.42 -0.65
C LYS A 55 4.66 -9.37 -0.93
N LYS A 56 4.33 -10.64 -1.20
CA LYS A 56 5.34 -11.66 -1.49
C LYS A 56 5.86 -11.52 -2.91
N VAL A 57 4.98 -11.09 -3.81
CA VAL A 57 5.36 -10.92 -5.22
C VAL A 57 6.21 -9.67 -5.40
N LEU A 58 6.18 -8.79 -4.41
CA LEU A 58 6.96 -7.55 -4.47
C LEU A 58 8.42 -7.80 -4.08
N LEU A 59 8.63 -8.72 -3.14
CA LEU A 59 9.98 -9.05 -2.69
C LEU A 59 10.54 -10.23 -3.49
N GLU A 60 9.70 -10.84 -4.31
CA GLU A 60 10.11 -11.98 -5.12
C GLU A 60 11.14 -11.55 -6.16
N PRO A 61 10.74 -10.63 -7.05
CA PRO A 61 11.61 -10.11 -8.11
C PRO A 61 12.75 -9.25 -7.56
N GLY A 62 13.81 -9.10 -8.35
CA GLY A 62 14.94 -8.30 -7.92
C GLY A 62 14.82 -6.85 -8.35
N SER A 63 13.97 -6.60 -9.34
CA SER A 63 13.76 -5.24 -9.84
C SER A 63 12.75 -4.50 -8.98
N LYS A 64 12.98 -4.51 -7.67
CA LYS A 64 12.10 -3.82 -6.72
C LYS A 64 11.87 -2.38 -7.15
N ASN A 65 12.77 -1.85 -7.96
CA ASN A 65 12.67 -0.47 -8.44
C ASN A 65 11.79 -0.39 -9.69
N LEU A 66 10.91 -1.37 -9.84
CA LEU A 66 10.01 -1.41 -10.99
C LEU A 66 8.77 -0.56 -10.73
N SER A 67 8.04 -0.25 -11.81
CA SER A 67 6.84 0.57 -11.71
C SER A 67 5.77 -0.14 -10.86
N ILE A 68 5.07 0.63 -10.06
CA ILE A 68 4.02 0.08 -9.20
C ILE A 68 2.94 -0.61 -10.03
N TYR A 69 2.87 -0.26 -11.31
CA TYR A 69 1.89 -0.85 -12.22
C TYR A 69 2.14 -2.35 -12.39
N GLN A 70 3.41 -2.71 -12.46
CA GLN A 70 3.79 -4.11 -12.63
C GLN A 70 3.53 -4.90 -11.37
N THR A 71 3.95 -4.35 -10.23
CA THR A 71 3.76 -5.01 -8.94
C THR A 71 2.32 -5.44 -8.75
N LEU A 72 1.39 -4.49 -8.84
CA LEU A 72 -0.03 -4.77 -8.69
C LEU A 72 -0.53 -5.67 -9.80
N LEU A 73 -0.16 -5.35 -11.04
CA LEU A 73 -0.57 -6.13 -12.20
C LEU A 73 -0.26 -7.61 -12.00
N ALA A 74 1.00 -7.91 -11.67
CA ALA A 74 1.42 -9.28 -11.43
C ALA A 74 0.68 -9.91 -10.26
N ALA A 75 0.63 -9.17 -9.15
CA ALA A 75 -0.05 -9.64 -7.95
C ALA A 75 -1.50 -9.98 -8.24
N HIS A 76 -2.11 -9.23 -9.15
CA HIS A 76 -3.51 -9.45 -9.52
C HIS A 76 -3.65 -10.72 -10.36
N GLU A 77 -3.00 -10.73 -11.51
CA GLU A 77 -3.06 -11.89 -12.41
C GLU A 77 -2.62 -13.15 -11.69
N ARG A 78 -1.67 -13.00 -10.77
CA ARG A 78 -1.17 -14.15 -10.01
C ARG A 78 -2.22 -14.68 -9.06
N LEU A 79 -3.06 -13.78 -8.54
CA LEU A 79 -4.11 -14.16 -7.62
C LEU A 79 -5.14 -15.07 -8.30
N GLN A 80 -5.39 -14.81 -9.58
CA GLN A 80 -6.33 -15.60 -10.34
C GLN A 80 -5.62 -16.56 -11.29
N ALA A 81 -4.47 -17.06 -10.85
CA ALA A 81 -3.67 -17.98 -11.67
C ALA A 81 -3.92 -19.42 -11.24
N LEU A 82 -4.43 -20.23 -12.16
CA LEU A 82 -4.71 -21.63 -11.88
C LEU A 82 -3.42 -22.45 -11.82
N HIS B 3 -59.06 16.14 5.96
CA HIS B 3 -57.81 15.51 5.64
C HIS B 3 -56.92 15.40 6.88
N MET B 4 -56.47 14.19 7.18
CA MET B 4 -55.61 13.96 8.34
C MET B 4 -54.16 13.75 7.91
N ASP B 5 -53.25 13.84 8.87
CA ASP B 5 -51.83 13.65 8.59
C ASP B 5 -51.58 12.31 7.91
N PRO B 6 -50.42 12.20 7.24
CA PRO B 6 -50.03 10.97 6.53
C PRO B 6 -49.72 9.83 7.48
N LEU B 7 -48.96 10.13 8.53
CA LEU B 7 -48.57 9.12 9.52
C LEU B 7 -48.38 9.75 10.90
N THR B 8 -48.04 8.93 11.88
CA THR B 8 -47.82 9.41 13.23
C THR B 8 -46.42 9.04 13.73
N PRO B 9 -45.49 10.01 13.63
CA PRO B 9 -44.11 9.82 14.06
C PRO B 9 -43.98 9.72 15.58
N ASP B 10 -42.92 9.06 16.04
CA ASP B 10 -42.69 8.91 17.47
C ASP B 10 -41.52 9.78 17.93
N ALA B 11 -41.49 10.08 19.23
CA ALA B 11 -40.43 10.90 19.80
C ALA B 11 -39.83 10.25 21.04
N SER B 12 -38.51 10.32 21.15
CA SER B 12 -37.81 9.74 22.29
C SER B 12 -37.66 10.75 23.42
N GLU B 13 -37.06 10.32 24.53
CA GLU B 13 -36.86 11.18 25.68
C GLU B 13 -35.69 10.71 26.53
N SER B 14 -34.73 11.60 26.77
CA SER B 14 -33.56 11.27 27.55
C SER B 14 -32.90 10.00 27.04
N VAL B 15 -33.00 9.78 25.73
CA VAL B 15 -32.42 8.60 25.10
C VAL B 15 -31.02 8.88 24.58
N ASN B 16 -30.12 7.91 24.72
CA ASN B 16 -28.75 8.07 24.26
C ASN B 16 -28.21 6.75 23.70
N ASN B 17 -27.43 6.85 22.63
CA ASN B 17 -26.85 5.67 22.00
C ASN B 17 -25.81 6.06 20.95
N ILE B 18 -24.66 5.39 20.99
CA ILE B 18 -23.59 5.67 20.04
C ILE B 18 -22.95 4.38 19.53
N LEU B 19 -22.46 4.41 18.30
CA LEU B 19 -21.82 3.24 17.70
C LEU B 19 -20.75 2.68 18.63
N LYS B 20 -20.24 1.49 18.30
CA LYS B 20 -19.21 0.85 19.10
C LYS B 20 -18.04 0.42 18.22
N GLN B 21 -17.07 1.32 18.06
CA GLN B 21 -15.89 1.03 17.25
C GLN B 21 -14.64 1.65 17.86
N SER B 22 -13.52 1.52 17.16
CA SER B 22 -12.25 2.07 17.64
C SER B 22 -12.36 3.57 17.87
N GLY B 23 -11.46 4.11 18.69
CA GLY B 23 -11.47 5.53 18.97
C GLY B 23 -10.80 6.35 17.88
N ALA B 24 -11.34 6.25 16.66
CA ALA B 24 -10.79 6.99 15.53
C ALA B 24 -11.65 6.80 14.28
N TRP B 25 -11.37 7.57 13.25
CA TRP B 25 -12.11 7.49 12.00
C TRP B 25 -11.20 7.74 10.81
N SER B 26 -11.18 6.79 9.87
CA SER B 26 -10.36 6.91 8.68
C SER B 26 -10.54 5.69 7.77
N GLY B 27 -10.14 5.84 6.52
CA GLY B 27 -10.26 4.75 5.56
C GLY B 27 -9.18 4.77 4.50
N ASP B 28 -7.99 5.22 4.88
CA ASP B 28 -6.87 5.30 3.95
C ASP B 28 -6.07 4.00 3.96
N ASP B 29 -5.97 3.38 5.13
CA ASP B 29 -5.24 2.13 5.27
C ASP B 29 -5.57 1.17 4.13
N LYS B 30 -6.80 1.24 3.64
CA LYS B 30 -7.24 0.37 2.56
C LYS B 30 -6.22 0.36 1.42
N LEU B 31 -5.92 1.55 0.90
CA LEU B 31 -4.96 1.68 -0.19
C LEU B 31 -3.56 1.92 0.35
N GLN B 32 -3.47 2.63 1.48
CA GLN B 32 -2.19 2.93 2.09
C GLN B 32 -1.34 1.66 2.24
N LYS B 33 -1.96 0.59 2.73
CA LYS B 33 -1.27 -0.68 2.92
C LYS B 33 -0.51 -1.07 1.66
N TRP B 34 -1.21 -1.06 0.53
CA TRP B 34 -0.59 -1.42 -0.75
C TRP B 34 0.58 -0.51 -1.06
N VAL B 35 0.30 0.79 -1.18
CA VAL B 35 1.34 1.77 -1.47
C VAL B 35 2.53 1.62 -0.52
N ARG B 36 2.24 1.71 0.78
CA ARG B 36 3.29 1.58 1.79
C ARG B 36 4.21 0.40 1.49
N VAL B 37 3.61 -0.71 1.07
CA VAL B 37 4.37 -1.91 0.74
C VAL B 37 5.21 -1.71 -0.51
N TYR B 38 4.65 -1.01 -1.50
CA TYR B 38 5.35 -0.74 -2.75
C TYR B 38 6.62 0.06 -2.50
N LEU B 39 6.51 1.10 -1.68
CA LEU B 39 7.65 1.95 -1.36
C LEU B 39 8.54 1.28 -0.32
N ASP B 40 7.95 0.43 0.52
CA ASP B 40 8.70 -0.27 1.56
C ASP B 40 9.54 -1.39 0.95
N ARG B 41 9.04 -1.99 -0.12
CA ARG B 41 9.73 -3.09 -0.78
C ARG B 41 10.65 -2.55 -1.88
N GLY B 42 10.24 -1.46 -2.51
CA GLY B 42 11.04 -0.86 -3.56
C GLY B 42 12.45 -0.53 -3.11
N GLN B 43 12.58 0.54 -2.33
CA GLN B 43 13.88 0.96 -1.83
C GLN B 43 13.79 1.36 -0.35
N GLU B 44 12.83 2.20 -0.03
CA GLU B 44 12.64 2.66 1.35
C GLU B 44 11.38 3.51 1.48
N ALA B 45 11.05 3.87 2.71
CA ALA B 45 9.87 4.69 2.98
C ALA B 45 9.94 6.01 2.23
N ILE B 46 8.80 6.67 2.08
CA ILE B 46 8.73 7.95 1.38
C ILE B 46 7.58 8.80 1.89
N LYS B 47 7.86 10.05 2.22
CA LYS B 47 6.85 10.97 2.72
C LYS B 47 6.78 12.23 1.87
N MET A 4 4.81 33.25 13.44
CA MET A 4 3.67 33.73 12.64
C MET A 4 3.62 33.01 11.29
N ASP A 5 2.94 31.88 11.26
CA ASP A 5 2.82 31.10 10.04
C ASP A 5 2.18 31.93 8.93
N ASN A 6 2.84 31.99 7.77
CA ASN A 6 2.32 32.76 6.64
C ASN A 6 1.65 31.83 5.62
N SER A 7 0.32 31.82 5.64
CA SER A 7 -0.44 30.98 4.72
C SER A 7 -0.12 31.34 3.27
N ALA A 8 -0.28 30.36 2.38
CA ALA A 8 -0.01 30.57 0.96
C ALA A 8 -1.02 29.83 0.10
N SER A 9 -1.51 30.51 -0.93
CA SER A 9 -2.50 29.92 -1.84
C SER A 9 -1.81 29.17 -2.98
N LYS A 10 -1.68 27.85 -2.82
CA LYS A 10 -1.04 27.02 -3.82
C LYS A 10 0.39 27.47 -4.08
N ASN A 11 1.34 26.80 -3.45
CA ASN A 11 2.76 27.13 -3.60
C ASN A 11 3.29 26.63 -4.94
N SER A 12 4.58 26.86 -5.18
CA SER A 12 5.21 26.42 -6.42
C SER A 12 6.05 25.17 -6.21
N ALA A 13 6.00 24.26 -7.16
CA ALA A 13 6.77 23.02 -7.08
C ALA A 13 8.13 23.16 -7.75
N ILE A 14 9.18 23.12 -6.94
CA ILE A 14 10.54 23.25 -7.46
C ILE A 14 11.47 22.23 -6.81
N SER A 15 11.44 21.00 -7.31
CA SER A 15 12.28 19.93 -6.79
C SER A 15 12.47 18.83 -7.81
N SER A 16 13.50 18.01 -7.62
CA SER A 16 13.81 16.92 -8.52
C SER A 16 13.62 15.56 -7.83
N SER A 17 12.63 15.49 -6.96
CA SER A 17 12.35 14.25 -6.23
C SER A 17 11.33 13.39 -6.97
N ILE A 18 11.67 12.99 -8.20
CA ILE A 18 10.79 12.17 -9.01
C ILE A 18 10.51 10.83 -8.34
N PHE A 19 11.55 10.25 -7.74
CA PHE A 19 11.41 8.96 -7.06
C PHE A 19 10.34 9.04 -5.97
N CYS A 20 10.34 10.14 -5.23
CA CYS A 20 9.38 10.34 -4.15
C CYS A 20 8.02 10.75 -4.71
N GLU A 21 8.05 11.63 -5.70
CA GLU A 21 6.81 12.11 -6.32
C GLU A 21 5.94 10.95 -6.77
N LYS A 22 6.57 9.82 -7.08
CA LYS A 22 5.85 8.64 -7.53
C LYS A 22 4.69 8.32 -6.57
N TYR A 23 4.85 8.70 -5.31
CA TYR A 23 3.83 8.44 -4.30
C TYR A 23 2.46 8.87 -4.81
N LYS A 24 2.43 9.90 -5.64
CA LYS A 24 1.18 10.41 -6.19
C LYS A 24 0.55 9.40 -7.14
N GLN A 25 1.27 9.08 -8.22
CA GLN A 25 0.78 8.12 -9.21
C GLN A 25 0.46 6.79 -8.54
N THR A 26 1.29 6.39 -7.58
CA THR A 26 1.08 5.13 -6.87
C THR A 26 -0.24 5.12 -6.12
N LYS A 27 -0.43 6.11 -5.26
CA LYS A 27 -1.66 6.22 -4.48
C LYS A 27 -2.88 6.24 -5.39
N GLU A 28 -2.79 6.99 -6.47
CA GLU A 28 -3.90 7.09 -7.43
C GLU A 28 -4.21 5.72 -8.03
N GLN A 29 -3.18 4.99 -8.43
CA GLN A 29 -3.35 3.67 -9.01
C GLN A 29 -3.98 2.71 -8.02
N ALA A 30 -3.64 2.87 -6.75
CA ALA A 30 -4.17 2.02 -5.69
C ALA A 30 -5.66 2.26 -5.50
N LEU A 31 -6.02 3.48 -5.14
CA LEU A 31 -7.42 3.84 -4.92
C LEU A 31 -8.26 3.51 -6.14
N THR A 32 -7.71 3.73 -7.33
CA THR A 32 -8.41 3.45 -8.57
C THR A 32 -8.72 1.96 -8.70
N PHE A 33 -7.71 1.14 -8.46
CA PHE A 33 -7.87 -0.31 -8.56
C PHE A 33 -8.73 -0.84 -7.42
N PHE A 34 -8.71 -0.13 -6.29
CA PHE A 34 -9.49 -0.52 -5.12
C PHE A 34 -10.95 -0.13 -5.29
N GLN A 35 -11.20 1.03 -5.89
CA GLN A 35 -12.55 1.51 -6.11
C GLN A 35 -13.16 0.87 -7.35
N GLU A 36 -12.34 0.66 -8.37
CA GLU A 36 -12.81 0.05 -9.61
C GLU A 36 -13.04 -1.44 -9.44
N HIS A 37 -12.16 -2.08 -8.69
CA HIS A 37 -12.27 -3.52 -8.44
C HIS A 37 -12.10 -3.83 -6.96
N PRO A 38 -13.08 -3.40 -6.14
CA PRO A 38 -13.06 -3.61 -4.70
C PRO A 38 -13.27 -5.08 -4.33
N GLN A 39 -12.19 -5.84 -4.30
CA GLN A 39 -12.26 -7.25 -3.96
C GLN A 39 -12.62 -7.45 -2.50
N TYR A 40 -12.10 -6.57 -1.65
CA TYR A 40 -12.37 -6.64 -0.21
C TYR A 40 -13.86 -6.52 0.07
N MET A 41 -14.55 -5.75 -0.75
CA MET A 41 -15.99 -5.54 -0.59
C MET A 41 -16.77 -6.77 -1.05
N ARG A 42 -16.14 -7.56 -1.92
CA ARG A 42 -16.78 -8.77 -2.44
C ARG A 42 -16.52 -9.96 -1.52
N SER A 43 -15.26 -10.12 -1.11
CA SER A 43 -14.88 -11.22 -0.24
C SER A 43 -13.61 -10.87 0.55
N LYS A 44 -13.74 -10.83 1.87
CA LYS A 44 -12.60 -10.51 2.72
C LYS A 44 -11.44 -11.46 2.47
N GLU A 45 -11.76 -12.72 2.19
CA GLU A 45 -10.74 -13.73 1.93
C GLU A 45 -9.95 -13.39 0.67
N ASP A 46 -10.66 -12.93 -0.36
CA ASP A 46 -10.03 -12.57 -1.63
C ASP A 46 -8.98 -11.48 -1.41
N GLU A 47 -9.40 -10.36 -0.87
CA GLU A 47 -8.50 -9.24 -0.63
C GLU A 47 -7.27 -9.70 0.17
N GLU A 48 -7.52 -10.47 1.23
CA GLU A 48 -6.44 -10.96 2.07
C GLU A 48 -5.40 -11.70 1.23
N GLN A 49 -5.83 -12.75 0.54
CA GLN A 49 -4.93 -13.54 -0.30
C GLN A 49 -4.15 -12.64 -1.25
N LEU A 50 -4.84 -11.68 -1.85
CA LEU A 50 -4.22 -10.75 -2.79
C LEU A 50 -3.17 -9.89 -2.08
N MET A 51 -3.47 -9.50 -0.85
CA MET A 51 -2.56 -8.68 -0.07
C MET A 51 -1.26 -9.42 0.22
N THR A 52 -1.37 -10.55 0.89
CA THR A 52 -0.21 -11.37 1.23
C THR A 52 0.63 -11.66 -0.02
N GLU A 53 -0.04 -12.09 -1.08
CA GLU A 53 0.65 -12.41 -2.34
C GLU A 53 1.27 -11.16 -2.96
N PHE A 54 0.53 -10.05 -2.90
CA PHE A 54 1.01 -8.79 -3.45
C PHE A 54 2.26 -8.32 -2.73
N LYS A 55 2.42 -8.76 -1.49
CA LYS A 55 3.58 -8.39 -0.69
C LYS A 55 4.77 -9.30 -0.99
N LYS A 56 4.48 -10.58 -1.24
CA LYS A 56 5.53 -11.55 -1.55
C LYS A 56 6.02 -11.39 -2.97
N VAL A 57 5.12 -10.95 -3.86
CA VAL A 57 5.47 -10.76 -5.26
C VAL A 57 6.32 -9.50 -5.45
N LEU A 58 6.36 -8.67 -4.42
CA LEU A 58 7.13 -7.43 -4.47
C LEU A 58 8.59 -7.68 -4.11
N LEU A 59 8.82 -8.62 -3.19
CA LEU A 59 10.17 -8.95 -2.75
C LEU A 59 10.73 -10.12 -3.57
N GLU A 60 9.84 -10.98 -4.04
CA GLU A 60 10.25 -12.14 -4.84
C GLU A 60 11.20 -11.71 -5.95
N PRO A 61 10.74 -10.82 -6.84
CA PRO A 61 11.53 -10.33 -7.96
C PRO A 61 12.66 -9.41 -7.50
N GLY A 62 13.72 -9.33 -8.30
CA GLY A 62 14.85 -8.49 -7.97
C GLY A 62 14.72 -7.08 -8.51
N SER A 63 13.80 -6.90 -9.46
CA SER A 63 13.58 -5.59 -10.07
C SER A 63 12.67 -4.73 -9.19
N LYS A 64 13.00 -4.65 -7.92
CA LYS A 64 12.23 -3.86 -6.96
C LYS A 64 12.06 -2.43 -7.46
N ASN A 65 12.93 -2.01 -8.38
CA ASN A 65 12.88 -0.67 -8.94
C ASN A 65 11.93 -0.61 -10.13
N LEU A 66 10.97 -1.53 -10.16
CA LEU A 66 9.99 -1.58 -11.24
C LEU A 66 8.79 -0.69 -10.94
N SER A 67 8.04 -0.35 -11.98
CA SER A 67 6.87 0.51 -11.82
C SER A 67 5.83 -0.16 -10.93
N ILE A 68 5.19 0.64 -10.07
CA ILE A 68 4.17 0.13 -9.16
C ILE A 68 3.04 -0.53 -9.92
N TYR A 69 2.90 -0.19 -11.20
CA TYR A 69 1.86 -0.76 -12.04
C TYR A 69 2.08 -2.25 -12.26
N GLN A 70 3.35 -2.64 -12.38
CA GLN A 70 3.70 -4.04 -12.58
C GLN A 70 3.50 -4.85 -11.30
N THR A 71 3.93 -4.29 -10.18
CA THR A 71 3.79 -4.96 -8.89
C THR A 71 2.35 -5.39 -8.64
N LEU A 72 1.43 -4.43 -8.71
CA LEU A 72 0.02 -4.71 -8.49
C LEU A 72 -0.54 -5.59 -9.60
N LEU A 73 -0.27 -5.21 -10.84
CA LEU A 73 -0.74 -5.98 -12.00
C LEU A 73 -0.39 -7.46 -11.85
N ALA A 74 0.88 -7.73 -11.56
CA ALA A 74 1.34 -9.10 -11.39
C ALA A 74 0.64 -9.78 -10.22
N ALA A 75 0.62 -9.11 -9.07
CA ALA A 75 -0.03 -9.64 -7.88
C ALA A 75 -1.46 -10.06 -8.17
N HIS A 76 -2.18 -9.22 -8.93
CA HIS A 76 -3.56 -9.50 -9.27
C HIS A 76 -3.66 -10.72 -10.18
N GLU A 77 -3.06 -10.63 -11.36
CA GLU A 77 -3.08 -11.74 -12.31
C GLU A 77 -2.61 -13.04 -11.65
N ARG A 78 -1.66 -12.92 -10.74
CA ARG A 78 -1.13 -14.09 -10.03
C ARG A 78 -2.17 -14.67 -9.09
N LEU A 79 -3.00 -13.81 -8.53
CA LEU A 79 -4.05 -14.24 -7.60
C LEU A 79 -5.04 -15.17 -8.30
N GLN A 80 -5.30 -14.90 -9.57
CA GLN A 80 -6.22 -15.71 -10.34
C GLN A 80 -5.48 -16.63 -11.31
N ALA A 81 -4.31 -17.09 -10.88
CA ALA A 81 -3.49 -17.98 -11.70
C ALA A 81 -3.53 -19.41 -11.18
N LEU A 82 -2.75 -20.28 -11.81
CA LEU A 82 -2.70 -21.69 -11.39
C LEU A 82 -1.65 -21.89 -10.31
N HIS B 3 -8.10 39.38 44.79
CA HIS B 3 -7.94 38.14 44.03
C HIS B 3 -6.85 38.28 42.97
N MET B 4 -6.33 37.14 42.51
CA MET B 4 -5.29 37.15 41.50
C MET B 4 -5.61 36.16 40.38
N ASP B 5 -4.78 36.15 39.35
CA ASP B 5 -4.98 35.25 38.21
C ASP B 5 -4.54 33.83 38.56
N PRO B 6 -5.04 32.85 37.79
CA PRO B 6 -4.71 31.43 37.99
C PRO B 6 -3.26 31.11 37.64
N LEU B 7 -2.84 31.57 36.46
CA LEU B 7 -1.46 31.34 36.01
C LEU B 7 -1.19 32.10 34.72
N THR B 8 -0.07 31.78 34.08
CA THR B 8 0.32 32.44 32.83
C THR B 8 0.08 31.53 31.64
N PRO B 9 -1.07 31.74 30.96
CA PRO B 9 -1.44 30.95 29.79
C PRO B 9 -0.55 31.26 28.59
N ASP B 10 -0.78 30.52 27.49
CA ASP B 10 0.00 30.71 26.27
C ASP B 10 1.48 30.49 26.52
N ALA B 11 1.83 29.31 27.04
CA ALA B 11 3.21 28.97 27.33
C ALA B 11 3.64 27.71 26.59
N SER B 12 3.46 27.73 25.27
CA SER B 12 3.82 26.58 24.43
C SER B 12 3.88 26.99 22.97
N GLU B 13 4.75 26.33 22.21
CA GLU B 13 4.91 26.61 20.79
C GLU B 13 4.63 25.36 19.96
N SER B 14 5.56 24.41 19.99
CA SER B 14 5.41 23.18 19.23
C SER B 14 5.69 21.96 20.12
N VAL B 15 5.10 21.95 21.31
CA VAL B 15 5.28 20.86 22.25
C VAL B 15 3.98 20.08 22.44
N ASN B 16 4.07 18.76 22.36
CA ASN B 16 2.90 17.90 22.52
C ASN B 16 3.30 16.53 23.06
N ASN B 17 2.33 15.80 23.61
CA ASN B 17 2.59 14.47 24.15
C ASN B 17 1.51 13.48 23.71
N ILE B 18 1.93 12.43 23.02
CA ILE B 18 1.01 11.41 22.54
C ILE B 18 1.73 10.10 22.27
N LEU B 19 0.95 9.01 22.17
CA LEU B 19 1.52 7.70 21.92
C LEU B 19 2.29 7.67 20.60
N LYS B 20 3.09 6.63 20.41
CA LYS B 20 3.89 6.50 19.19
C LYS B 20 3.07 5.82 18.09
N GLN B 21 2.18 6.58 17.46
CA GLN B 21 1.35 6.05 16.39
C GLN B 21 1.79 6.59 15.04
N SER B 22 2.29 7.83 15.03
CA SER B 22 2.74 8.46 13.80
C SER B 22 1.60 8.62 12.81
N GLY B 23 0.39 8.83 13.35
CA GLY B 23 -0.78 9.00 12.49
C GLY B 23 -1.80 7.91 12.71
N ALA B 24 -3.05 8.20 12.36
CA ALA B 24 -4.13 7.24 12.50
C ALA B 24 -4.49 6.60 11.16
N TRP B 25 -5.17 5.47 11.22
CA TRP B 25 -5.57 4.75 10.02
C TRP B 25 -7.09 4.57 9.96
N SER B 26 -7.70 5.00 8.86
CA SER B 26 -9.14 4.88 8.70
C SER B 26 -9.58 5.44 7.35
N GLY B 27 -10.03 4.54 6.47
CA GLY B 27 -10.47 4.96 5.15
C GLY B 27 -9.34 4.94 4.14
N ASP B 28 -8.19 5.46 4.52
CA ASP B 28 -7.03 5.49 3.64
C ASP B 28 -6.18 4.23 3.78
N ASP B 29 -6.19 3.66 4.99
CA ASP B 29 -5.42 2.46 5.26
C ASP B 29 -5.68 1.40 4.19
N LYS B 30 -6.90 1.40 3.65
CA LYS B 30 -7.27 0.44 2.62
C LYS B 30 -6.23 0.39 1.51
N LEU B 31 -5.91 1.56 0.95
CA LEU B 31 -4.92 1.65 -0.12
C LEU B 31 -3.53 1.88 0.45
N GLN B 32 -3.47 2.54 1.61
CA GLN B 32 -2.19 2.82 2.25
C GLN B 32 -1.34 1.55 2.36
N LYS B 33 -1.96 0.46 2.80
CA LYS B 33 -1.26 -0.81 2.95
C LYS B 33 -0.52 -1.18 1.67
N TRP B 34 -1.22 -1.12 0.54
CA TRP B 34 -0.63 -1.44 -0.75
C TRP B 34 0.54 -0.51 -1.06
N VAL B 35 0.25 0.78 -1.16
CA VAL B 35 1.28 1.77 -1.45
C VAL B 35 2.46 1.63 -0.50
N ARG B 36 2.17 1.66 0.80
CA ARG B 36 3.20 1.55 1.82
C ARG B 36 4.15 0.39 1.50
N VAL B 37 3.58 -0.74 1.10
CA VAL B 37 4.37 -1.92 0.76
C VAL B 37 5.19 -1.69 -0.52
N TYR B 38 4.60 -0.96 -1.46
CA TYR B 38 5.26 -0.67 -2.72
C TYR B 38 6.58 0.08 -2.49
N LEU B 39 6.54 1.06 -1.60
CA LEU B 39 7.73 1.85 -1.28
C LEU B 39 8.57 1.16 -0.22
N ASP B 40 7.91 0.36 0.62
CA ASP B 40 8.60 -0.36 1.69
C ASP B 40 9.42 -1.52 1.12
N ARG B 41 8.93 -2.12 0.04
CA ARG B 41 9.62 -3.24 -0.59
C ARG B 41 10.72 -2.74 -1.52
N GLY B 42 10.50 -1.57 -2.12
CA GLY B 42 11.49 -1.00 -3.02
C GLY B 42 12.83 -0.76 -2.35
N GLN B 43 12.92 0.34 -1.61
CA GLN B 43 14.16 0.69 -0.91
C GLN B 43 13.88 1.06 0.54
N GLU B 44 12.92 1.96 0.75
CA GLU B 44 12.55 2.40 2.09
C GLU B 44 11.35 3.34 2.05
N ALA B 45 11.06 3.96 3.18
CA ALA B 45 9.94 4.88 3.28
C ALA B 45 10.15 6.10 2.38
N ILE B 46 9.07 6.83 2.12
CA ILE B 46 9.14 8.02 1.28
C ILE B 46 8.05 9.02 1.64
N LYS B 47 8.43 10.28 1.80
CA LYS B 47 7.48 11.33 2.15
C LYS B 47 7.59 12.50 1.17
N MET A 4 10.44 23.14 -24.62
CA MET A 4 9.92 23.61 -23.34
C MET A 4 8.39 23.66 -23.36
N ASP A 5 7.77 22.54 -23.72
CA ASP A 5 6.32 22.46 -23.77
C ASP A 5 5.72 22.33 -22.38
N ASN A 6 4.78 23.20 -22.05
CA ASN A 6 4.13 23.18 -20.75
C ASN A 6 5.18 23.24 -19.62
N SER A 7 6.14 24.13 -19.77
CA SER A 7 7.19 24.29 -18.77
C SER A 7 7.88 22.96 -18.50
N ALA A 8 8.36 22.32 -19.55
CA ALA A 8 9.04 21.03 -19.42
C ALA A 8 9.74 20.65 -20.72
N SER A 9 10.91 20.02 -20.58
CA SER A 9 11.69 19.60 -21.75
C SER A 9 11.91 18.10 -21.75
N LYS A 10 11.71 17.48 -22.91
CA LYS A 10 11.89 16.04 -23.05
C LYS A 10 13.35 15.69 -23.27
N ASN A 11 13.88 14.80 -22.44
CA ASN A 11 15.27 14.38 -22.55
C ASN A 11 15.59 13.28 -21.54
N SER A 12 16.85 12.83 -21.52
CA SER A 12 17.28 11.79 -20.61
C SER A 12 17.09 12.23 -19.15
N ALA A 13 16.21 11.52 -18.45
CA ALA A 13 15.93 11.84 -17.05
C ALA A 13 16.77 10.96 -16.12
N ILE A 14 17.75 11.55 -15.46
CA ILE A 14 18.61 10.83 -14.53
C ILE A 14 18.47 11.36 -13.12
N SER A 15 17.32 11.11 -12.50
CA SER A 15 17.07 11.57 -11.14
C SER A 15 17.23 10.42 -10.15
N SER A 16 17.13 10.75 -8.86
CA SER A 16 17.27 9.75 -7.80
C SER A 16 16.16 9.89 -6.76
N SER A 17 15.85 11.13 -6.42
CA SER A 17 14.81 11.42 -5.44
C SER A 17 13.47 11.69 -6.12
N ILE A 18 13.21 10.97 -7.20
CA ILE A 18 11.97 11.13 -7.95
C ILE A 18 10.85 10.29 -7.34
N PHE A 19 11.22 9.12 -6.83
CA PHE A 19 10.25 8.22 -6.22
C PHE A 19 9.43 8.94 -5.15
N CYS A 20 10.08 9.87 -4.44
CA CYS A 20 9.42 10.63 -3.39
C CYS A 20 8.10 11.22 -3.89
N GLU A 21 8.10 11.67 -5.14
CA GLU A 21 6.90 12.26 -5.73
C GLU A 21 6.00 11.18 -6.32
N LYS A 22 6.60 10.08 -6.77
CA LYS A 22 5.85 8.98 -7.34
C LYS A 22 4.74 8.52 -6.41
N TYR A 23 4.93 8.75 -5.11
CA TYR A 23 3.95 8.37 -4.10
C TYR A 23 2.55 8.81 -4.52
N LYS A 24 2.46 9.92 -5.22
CA LYS A 24 1.19 10.46 -5.68
C LYS A 24 0.57 9.55 -6.74
N GLN A 25 1.33 9.28 -7.80
CA GLN A 25 0.85 8.43 -8.88
C GLN A 25 0.39 7.09 -8.34
N THR A 26 1.17 6.51 -7.44
CA THR A 26 0.85 5.22 -6.85
C THR A 26 -0.45 5.29 -6.06
N LYS A 27 -0.55 6.28 -5.18
CA LYS A 27 -1.74 6.47 -4.37
C LYS A 27 -2.99 6.51 -5.23
N GLU A 28 -2.97 7.34 -6.27
CA GLU A 28 -4.10 7.48 -7.17
C GLU A 28 -4.41 6.15 -7.86
N GLN A 29 -3.36 5.48 -8.34
CA GLN A 29 -3.52 4.20 -9.02
C GLN A 29 -4.11 3.15 -8.07
N ALA A 30 -3.74 3.24 -6.80
CA ALA A 30 -4.24 2.30 -5.81
C ALA A 30 -5.73 2.49 -5.55
N LEU A 31 -6.10 3.69 -5.11
CA LEU A 31 -7.50 4.00 -4.83
C LEU A 31 -8.37 3.72 -6.06
N THR A 32 -7.84 4.04 -7.23
CA THR A 32 -8.56 3.83 -8.48
C THR A 32 -8.83 2.35 -8.72
N PHE A 33 -7.80 1.52 -8.54
CA PHE A 33 -7.93 0.09 -8.73
C PHE A 33 -8.75 -0.54 -7.62
N PHE A 34 -8.75 0.11 -6.45
CA PHE A 34 -9.49 -0.40 -5.30
C PHE A 34 -10.96 -0.02 -5.40
N GLN A 35 -11.23 1.16 -5.96
CA GLN A 35 -12.60 1.64 -6.11
C GLN A 35 -13.23 1.08 -7.39
N GLU A 36 -12.42 0.97 -8.44
CA GLU A 36 -12.90 0.46 -9.72
C GLU A 36 -13.10 -1.05 -9.66
N HIS A 37 -12.19 -1.74 -8.97
CA HIS A 37 -12.27 -3.18 -8.84
C HIS A 37 -12.07 -3.60 -7.38
N PRO A 38 -13.03 -3.25 -6.52
CA PRO A 38 -12.98 -3.59 -5.10
C PRO A 38 -13.16 -5.08 -4.83
N GLN A 39 -12.05 -5.78 -4.66
CA GLN A 39 -12.09 -7.21 -4.40
C GLN A 39 -12.49 -7.51 -2.96
N TYR A 40 -11.96 -6.71 -2.04
CA TYR A 40 -12.25 -6.89 -0.62
C TYR A 40 -13.77 -6.83 -0.37
N MET A 41 -14.45 -6.01 -1.15
CA MET A 41 -15.89 -5.86 -1.02
C MET A 41 -16.62 -7.07 -1.59
N ARG A 42 -15.96 -7.78 -2.50
CA ARG A 42 -16.54 -8.96 -3.13
C ARG A 42 -16.26 -10.21 -2.30
N SER A 43 -15.05 -10.30 -1.76
CA SER A 43 -14.65 -11.44 -0.95
C SER A 43 -13.51 -11.07 -0.01
N LYS A 44 -13.84 -10.89 1.27
CA LYS A 44 -12.86 -10.54 2.27
C LYS A 44 -11.67 -11.49 2.23
N GLU A 45 -11.95 -12.77 2.02
CA GLU A 45 -10.90 -13.78 1.95
C GLU A 45 -9.93 -13.48 0.81
N ASP A 46 -10.48 -13.06 -0.33
CA ASP A 46 -9.66 -12.75 -1.50
C ASP A 46 -8.69 -11.61 -1.19
N GLU A 47 -9.19 -10.56 -0.55
CA GLU A 47 -8.37 -9.41 -0.20
C GLU A 47 -7.12 -9.86 0.56
N GLU A 48 -7.32 -10.70 1.57
CA GLU A 48 -6.21 -11.19 2.38
C GLU A 48 -5.16 -11.89 1.50
N GLN A 49 -5.59 -12.93 0.80
CA GLN A 49 -4.68 -13.67 -0.07
C GLN A 49 -3.96 -12.74 -1.03
N LEU A 50 -4.70 -11.77 -1.58
CA LEU A 50 -4.13 -10.82 -2.51
C LEU A 50 -3.07 -9.94 -1.84
N MET A 51 -3.34 -9.56 -0.59
CA MET A 51 -2.42 -8.73 0.17
C MET A 51 -1.11 -9.47 0.41
N THR A 52 -1.19 -10.63 1.06
CA THR A 52 -0.01 -11.42 1.37
C THR A 52 0.80 -11.70 0.10
N GLU A 53 0.11 -12.11 -0.96
CA GLU A 53 0.76 -12.41 -2.22
C GLU A 53 1.36 -11.15 -2.85
N PHE A 54 0.62 -10.06 -2.78
CA PHE A 54 1.07 -8.79 -3.32
C PHE A 54 2.33 -8.31 -2.62
N LYS A 55 2.49 -8.71 -1.37
CA LYS A 55 3.66 -8.33 -0.58
C LYS A 55 4.84 -9.24 -0.87
N LYS A 56 4.54 -10.49 -1.19
CA LYS A 56 5.58 -11.48 -1.50
C LYS A 56 6.06 -11.32 -2.94
N VAL A 57 5.15 -10.94 -3.83
CA VAL A 57 5.48 -10.75 -5.23
C VAL A 57 6.33 -9.50 -5.44
N LEU A 58 6.37 -8.65 -4.42
CA LEU A 58 7.14 -7.42 -4.49
C LEU A 58 8.62 -7.67 -4.16
N LEU A 59 8.84 -8.49 -3.14
CA LEU A 59 10.21 -8.82 -2.72
C LEU A 59 10.69 -10.10 -3.41
N GLU A 60 9.78 -10.77 -4.10
CA GLU A 60 10.12 -12.01 -4.81
C GLU A 60 11.12 -11.73 -5.92
N PRO A 61 10.71 -10.89 -6.89
CA PRO A 61 11.56 -10.53 -8.03
C PRO A 61 12.74 -9.66 -7.63
N GLY A 62 13.71 -9.54 -8.52
CA GLY A 62 14.89 -8.73 -8.23
C GLY A 62 14.71 -7.29 -8.68
N SER A 63 13.79 -7.07 -9.61
CA SER A 63 13.54 -5.73 -10.13
C SER A 63 12.59 -4.96 -9.21
N LYS A 64 12.90 -4.96 -7.92
CA LYS A 64 12.08 -4.27 -6.93
C LYS A 64 11.85 -2.81 -7.34
N ASN A 65 12.74 -2.29 -8.18
CA ASN A 65 12.64 -0.92 -8.65
C ASN A 65 11.74 -0.83 -9.88
N LEU A 66 10.85 -1.80 -10.03
CA LEU A 66 9.92 -1.83 -11.16
C LEU A 66 8.73 -0.92 -10.91
N SER A 67 8.00 -0.60 -11.98
CA SER A 67 6.84 0.26 -11.88
C SER A 67 5.76 -0.38 -11.00
N ILE A 68 5.08 0.45 -10.21
CA ILE A 68 4.03 -0.03 -9.32
C ILE A 68 2.92 -0.71 -10.11
N TYR A 69 2.84 -0.40 -11.39
CA TYR A 69 1.82 -0.97 -12.26
C TYR A 69 2.02 -2.47 -12.42
N GLN A 70 3.28 -2.90 -12.47
CA GLN A 70 3.60 -4.31 -12.62
C GLN A 70 3.36 -5.06 -11.32
N THR A 71 3.78 -4.46 -10.20
CA THR A 71 3.60 -5.07 -8.90
C THR A 71 2.15 -5.47 -8.66
N LEU A 72 1.24 -4.53 -8.86
CA LEU A 72 -0.18 -4.79 -8.67
C LEU A 72 -0.71 -5.72 -9.75
N LEU A 73 -0.42 -5.40 -11.00
CA LEU A 73 -0.87 -6.22 -12.13
C LEU A 73 -0.51 -7.69 -11.91
N ALA A 74 0.75 -7.95 -11.60
CA ALA A 74 1.22 -9.31 -11.36
C ALA A 74 0.54 -9.91 -10.14
N ALA A 75 0.57 -9.19 -9.03
CA ALA A 75 -0.06 -9.66 -7.80
C ALA A 75 -1.52 -10.03 -8.03
N HIS A 76 -2.19 -9.29 -8.90
CA HIS A 76 -3.58 -9.54 -9.21
C HIS A 76 -3.74 -10.82 -10.02
N GLU A 77 -3.16 -10.84 -11.22
CA GLU A 77 -3.24 -12.00 -12.10
C GLU A 77 -2.75 -13.26 -11.38
N ARG A 78 -1.74 -13.09 -10.54
CA ARG A 78 -1.19 -14.21 -9.79
C ARG A 78 -2.20 -14.76 -8.81
N LEU A 79 -3.03 -13.88 -8.25
CA LEU A 79 -4.05 -14.28 -7.30
C LEU A 79 -5.09 -15.21 -7.94
N GLN A 80 -5.39 -14.93 -9.20
CA GLN A 80 -6.36 -15.74 -9.94
C GLN A 80 -5.66 -16.69 -10.90
N ALA A 81 -4.49 -17.17 -10.50
CA ALA A 81 -3.71 -18.09 -11.33
C ALA A 81 -3.93 -19.53 -10.87
N LEU A 82 -4.60 -20.31 -11.72
CA LEU A 82 -4.88 -21.71 -11.42
C LEU A 82 -3.80 -22.62 -12.01
N HIS B 3 25.17 -39.62 51.84
CA HIS B 3 24.86 -40.67 50.88
C HIS B 3 23.64 -40.29 50.04
N MET B 4 22.68 -39.65 50.67
CA MET B 4 21.46 -39.23 49.98
C MET B 4 21.18 -37.74 50.21
N ASP B 5 20.48 -37.12 49.26
CA ASP B 5 20.16 -35.70 49.38
C ASP B 5 18.91 -35.49 50.23
N PRO B 6 18.74 -34.26 50.73
CA PRO B 6 17.60 -33.90 51.57
C PRO B 6 16.29 -33.87 50.79
N LEU B 7 16.33 -33.24 49.61
CA LEU B 7 15.15 -33.14 48.76
C LEU B 7 15.54 -33.08 47.29
N THR B 8 14.54 -33.01 46.41
CA THR B 8 14.78 -32.94 44.98
C THR B 8 14.17 -31.67 44.38
N PRO B 9 15.00 -30.63 44.22
CA PRO B 9 14.56 -29.36 43.65
C PRO B 9 14.23 -29.46 42.17
N ASP B 10 13.62 -28.41 41.62
CA ASP B 10 13.25 -28.39 40.21
C ASP B 10 13.00 -26.96 39.75
N ALA B 11 13.05 -26.75 38.43
CA ALA B 11 12.82 -25.43 37.86
C ALA B 11 12.79 -25.49 36.34
N SER B 12 12.26 -24.44 35.72
CA SER B 12 12.17 -24.38 34.26
C SER B 12 13.55 -24.28 33.63
N GLU B 13 13.60 -24.24 32.30
CA GLU B 13 14.86 -24.14 31.58
C GLU B 13 14.75 -23.13 30.44
N SER B 14 13.92 -23.44 29.45
CA SER B 14 13.73 -22.57 28.31
C SER B 14 12.52 -21.66 28.50
N VAL B 15 12.27 -21.28 29.75
CA VAL B 15 11.14 -20.41 30.08
C VAL B 15 11.41 -18.98 29.64
N ASN B 16 10.37 -18.31 29.15
CA ASN B 16 10.49 -16.93 28.69
C ASN B 16 9.16 -16.20 28.83
N ASN B 17 9.18 -14.89 28.56
CA ASN B 17 7.98 -14.08 28.65
C ASN B 17 8.02 -12.93 27.64
N ILE B 18 6.86 -12.59 27.10
CA ILE B 18 6.76 -11.51 26.13
C ILE B 18 5.51 -10.66 26.37
N LEU B 19 5.67 -9.34 26.30
CA LEU B 19 4.56 -8.42 26.51
C LEU B 19 3.48 -8.63 25.45
N LYS B 20 2.47 -7.76 25.45
CA LYS B 20 1.39 -7.84 24.49
C LYS B 20 1.06 -6.46 23.93
N GLN B 21 1.28 -6.30 22.61
CA GLN B 21 1.01 -5.03 21.95
C GLN B 21 0.24 -5.25 20.66
N SER B 22 -0.44 -4.21 20.20
CA SER B 22 -1.22 -4.29 18.96
C SER B 22 -1.80 -2.92 18.60
N GLY B 23 -2.55 -2.89 17.50
CA GLY B 23 -3.15 -1.63 17.06
C GLY B 23 -4.06 -1.82 15.86
N ALA B 24 -4.65 -0.73 15.39
CA ALA B 24 -5.54 -0.78 14.24
C ALA B 24 -5.62 0.57 13.55
N TRP B 25 -6.19 0.59 12.35
CA TRP B 25 -6.32 1.82 11.58
C TRP B 25 -7.60 1.81 10.76
N SER B 26 -7.78 2.84 9.93
CA SER B 26 -8.96 2.96 9.09
C SER B 26 -8.90 4.22 8.24
N GLY B 27 -9.67 4.23 7.16
CA GLY B 27 -9.70 5.39 6.27
C GLY B 27 -8.96 5.13 4.97
N ASP B 28 -7.75 5.67 4.86
CA ASP B 28 -6.95 5.50 3.66
C ASP B 28 -6.13 4.21 3.72
N ASP B 29 -6.04 3.63 4.92
CA ASP B 29 -5.30 2.39 5.12
C ASP B 29 -5.62 1.38 4.02
N LYS B 30 -6.84 1.44 3.51
CA LYS B 30 -7.28 0.54 2.45
C LYS B 30 -6.25 0.46 1.33
N LEU B 31 -5.93 1.61 0.75
CA LEU B 31 -4.96 1.69 -0.33
C LEU B 31 -3.56 1.95 0.21
N GLN B 32 -3.49 2.66 1.34
CA GLN B 32 -2.21 2.98 1.96
C GLN B 32 -1.37 1.72 2.14
N LYS B 33 -1.98 0.66 2.65
CA LYS B 33 -1.28 -0.59 2.87
C LYS B 33 -0.52 -1.02 1.62
N TRP B 34 -1.21 -1.04 0.49
CA TRP B 34 -0.60 -1.43 -0.78
C TRP B 34 0.56 -0.51 -1.12
N VAL B 35 0.28 0.77 -1.26
CA VAL B 35 1.31 1.76 -1.59
C VAL B 35 2.50 1.64 -0.64
N ARG B 36 2.21 1.70 0.66
CA ARG B 36 3.26 1.60 1.67
C ARG B 36 4.19 0.42 1.38
N VAL B 37 3.61 -0.71 0.98
CA VAL B 37 4.37 -1.90 0.67
C VAL B 37 5.19 -1.72 -0.61
N TYR B 38 4.62 -0.97 -1.56
CA TYR B 38 5.29 -0.72 -2.83
C TYR B 38 6.58 0.06 -2.62
N LEU B 39 6.53 1.04 -1.73
CA LEU B 39 7.70 1.87 -1.44
C LEU B 39 8.57 1.22 -0.37
N ASP B 40 7.94 0.41 0.49
CA ASP B 40 8.67 -0.27 1.55
C ASP B 40 9.44 -1.47 1.01
N ARG B 41 8.87 -2.13 0.01
CA ARG B 41 9.50 -3.30 -0.60
C ARG B 41 10.73 -2.90 -1.41
N GLY B 42 10.70 -1.67 -1.94
CA GLY B 42 11.82 -1.18 -2.73
C GLY B 42 13.10 -1.10 -1.93
N GLN B 43 13.24 -0.04 -1.15
CA GLN B 43 14.43 0.16 -0.33
C GLN B 43 14.10 0.92 0.95
N GLU B 44 13.91 2.23 0.81
CA GLU B 44 13.60 3.08 1.95
C GLU B 44 12.09 3.29 2.07
N ALA B 45 11.69 4.25 2.89
CA ALA B 45 10.28 4.55 3.09
C ALA B 45 9.99 6.03 2.85
N ILE B 46 8.71 6.36 2.68
CA ILE B 46 8.30 7.73 2.44
C ILE B 46 6.88 7.99 2.93
N LYS B 47 6.66 9.14 3.53
CA LYS B 47 5.35 9.50 4.04
C LYS B 47 4.28 9.34 2.96
N MET A 4 11.96 -21.21 -20.38
CA MET A 4 13.33 -21.70 -20.46
C MET A 4 14.32 -20.53 -20.53
N ASP A 5 13.93 -19.49 -21.25
CA ASP A 5 14.78 -18.31 -21.41
C ASP A 5 14.72 -17.42 -20.17
N ASN A 6 15.69 -16.52 -20.03
CA ASN A 6 15.74 -15.63 -18.89
C ASN A 6 16.68 -14.45 -19.16
N SER A 7 16.51 -13.37 -18.40
CA SER A 7 17.34 -12.18 -18.57
C SER A 7 17.99 -11.79 -17.25
N ALA A 8 18.64 -10.62 -17.24
CA ALA A 8 19.31 -10.13 -16.05
C ALA A 8 19.20 -8.61 -15.95
N SER A 9 19.61 -8.06 -14.81
CA SER A 9 19.55 -6.62 -14.58
C SER A 9 20.44 -6.22 -13.41
N LYS A 10 20.46 -4.93 -13.11
CA LYS A 10 21.26 -4.41 -12.01
C LYS A 10 21.02 -2.92 -11.81
N ASN A 11 20.72 -2.54 -10.57
CA ASN A 11 20.46 -1.13 -10.25
C ASN A 11 20.18 -0.97 -8.75
N SER A 12 20.67 0.13 -8.19
CA SER A 12 20.48 0.42 -6.77
C SER A 12 20.24 1.90 -6.54
N ALA A 13 19.04 2.24 -6.09
CA ALA A 13 18.68 3.63 -5.83
C ALA A 13 17.68 3.73 -4.68
N ILE A 14 18.18 4.09 -3.50
CA ILE A 14 17.33 4.22 -2.32
C ILE A 14 17.68 5.47 -1.53
N SER A 15 16.96 6.56 -1.80
CA SER A 15 17.19 7.83 -1.10
C SER A 15 16.22 8.90 -1.58
N SER A 16 16.07 9.94 -0.78
CA SER A 16 15.16 11.04 -1.11
C SER A 16 15.44 11.56 -2.52
N SER A 17 14.44 11.45 -3.40
CA SER A 17 14.57 11.91 -4.77
C SER A 17 13.21 12.10 -5.41
N ILE A 18 13.21 12.40 -6.71
CA ILE A 18 11.97 12.60 -7.45
C ILE A 18 11.00 11.45 -7.22
N PHE A 19 11.55 10.26 -7.01
CA PHE A 19 10.73 9.07 -6.78
C PHE A 19 9.69 9.33 -5.71
N CYS A 20 10.05 10.15 -4.72
CA CYS A 20 9.14 10.48 -3.63
C CYS A 20 7.81 11.00 -4.16
N GLU A 21 7.87 11.72 -5.27
CA GLU A 21 6.66 12.29 -5.89
C GLU A 21 5.75 11.18 -6.41
N LYS A 22 6.35 10.05 -6.76
CA LYS A 22 5.60 8.91 -7.28
C LYS A 22 4.44 8.56 -6.35
N TYR A 23 4.59 8.90 -5.08
CA TYR A 23 3.56 8.62 -4.09
C TYR A 23 2.18 9.05 -4.59
N LYS A 24 2.17 10.11 -5.39
CA LYS A 24 0.92 10.62 -5.95
C LYS A 24 0.34 9.66 -6.98
N GLN A 25 1.10 9.38 -8.03
CA GLN A 25 0.68 8.47 -9.08
C GLN A 25 0.29 7.12 -8.50
N THR A 26 1.16 6.58 -7.65
CA THR A 26 0.93 5.29 -7.03
C THR A 26 -0.38 5.28 -6.24
N LYS A 27 -0.51 6.23 -5.32
CA LYS A 27 -1.71 6.34 -4.50
C LYS A 27 -2.96 6.37 -5.37
N GLU A 28 -2.92 7.15 -6.44
CA GLU A 28 -4.05 7.25 -7.36
C GLU A 28 -4.37 5.90 -7.99
N GLN A 29 -3.34 5.20 -8.43
CA GLN A 29 -3.51 3.89 -9.05
C GLN A 29 -4.12 2.89 -8.07
N ALA A 30 -3.77 3.03 -6.80
CA ALA A 30 -4.28 2.15 -5.77
C ALA A 30 -5.77 2.37 -5.54
N LEU A 31 -6.13 3.59 -5.14
CA LEU A 31 -7.52 3.94 -4.90
C LEU A 31 -8.39 3.64 -6.12
N THR A 32 -7.84 3.89 -7.31
CA THR A 32 -8.55 3.64 -8.54
C THR A 32 -8.86 2.16 -8.71
N PHE A 33 -7.85 1.32 -8.50
CA PHE A 33 -8.00 -0.13 -8.64
C PHE A 33 -8.85 -0.69 -7.49
N PHE A 34 -8.82 0.00 -6.35
CA PHE A 34 -9.57 -0.43 -5.19
C PHE A 34 -11.04 -0.03 -5.31
N GLN A 35 -11.29 1.12 -5.91
CA GLN A 35 -12.65 1.61 -6.09
C GLN A 35 -13.28 1.02 -7.35
N GLU A 36 -12.47 0.85 -8.38
CA GLU A 36 -12.95 0.28 -9.64
C GLU A 36 -13.19 -1.21 -9.52
N HIS A 37 -12.28 -1.89 -8.81
CA HIS A 37 -12.39 -3.34 -8.61
C HIS A 37 -12.20 -3.70 -7.15
N PRO A 38 -13.15 -3.28 -6.30
CA PRO A 38 -13.11 -3.55 -4.86
C PRO A 38 -13.33 -5.03 -4.54
N GLN A 39 -12.25 -5.80 -4.58
CA GLN A 39 -12.33 -7.23 -4.29
C GLN A 39 -12.76 -7.47 -2.85
N TYR A 40 -12.44 -6.53 -1.97
CA TYR A 40 -12.79 -6.64 -0.56
C TYR A 40 -14.29 -6.47 -0.36
N MET A 41 -14.92 -5.72 -1.26
CA MET A 41 -16.36 -5.47 -1.18
C MET A 41 -17.14 -6.71 -1.60
N ARG A 42 -16.50 -7.57 -2.38
CA ARG A 42 -17.15 -8.79 -2.86
C ARG A 42 -16.72 -9.99 -2.01
N SER A 43 -15.46 -9.99 -1.60
CA SER A 43 -14.92 -11.07 -0.79
C SER A 43 -13.83 -10.57 0.15
N LYS A 44 -13.98 -10.87 1.44
CA LYS A 44 -13.01 -10.44 2.44
C LYS A 44 -11.77 -11.34 2.41
N GLU A 45 -11.98 -12.62 2.16
CA GLU A 45 -10.88 -13.58 2.11
C GLU A 45 -10.00 -13.31 0.90
N ASP A 46 -10.62 -12.97 -0.23
CA ASP A 46 -9.89 -12.69 -1.45
C ASP A 46 -8.87 -11.57 -1.24
N GLU A 47 -9.32 -10.48 -0.62
CA GLU A 47 -8.45 -9.34 -0.36
C GLU A 47 -7.22 -9.77 0.42
N GLU A 48 -7.41 -10.65 1.39
CA GLU A 48 -6.32 -11.15 2.21
C GLU A 48 -5.26 -11.85 1.36
N GLN A 49 -5.68 -12.90 0.67
CA GLN A 49 -4.78 -13.66 -0.19
C GLN A 49 -4.05 -12.73 -1.16
N LEU A 50 -4.77 -11.77 -1.72
CA LEU A 50 -4.20 -10.82 -2.66
C LEU A 50 -3.14 -9.96 -1.99
N MET A 51 -3.40 -9.58 -0.73
CA MET A 51 -2.46 -8.75 0.02
C MET A 51 -1.16 -9.50 0.28
N THR A 52 -1.27 -10.65 0.95
CA THR A 52 -0.10 -11.46 1.26
C THR A 52 0.72 -11.75 0.01
N GLU A 53 0.03 -12.15 -1.06
CA GLU A 53 0.70 -12.46 -2.32
C GLU A 53 1.30 -11.21 -2.94
N PHE A 54 0.56 -10.10 -2.86
CA PHE A 54 1.03 -8.84 -3.42
C PHE A 54 2.31 -8.38 -2.72
N LYS A 55 2.47 -8.77 -1.47
CA LYS A 55 3.65 -8.40 -0.70
C LYS A 55 4.81 -9.34 -0.98
N LYS A 56 4.50 -10.60 -1.23
CA LYS A 56 5.51 -11.61 -1.53
C LYS A 56 6.02 -11.47 -2.97
N VAL A 57 5.13 -11.05 -3.85
CA VAL A 57 5.48 -10.87 -5.26
C VAL A 57 6.33 -9.62 -5.46
N LEU A 58 6.35 -8.77 -4.44
CA LEU A 58 7.13 -7.53 -4.50
C LEU A 58 8.58 -7.78 -4.12
N LEU A 59 8.79 -8.65 -3.14
CA LEU A 59 10.13 -8.98 -2.67
C LEU A 59 10.68 -10.20 -3.41
N GLU A 60 9.78 -11.07 -3.84
CA GLU A 60 10.18 -12.28 -4.57
C GLU A 60 11.18 -11.95 -5.67
N PRO A 61 10.75 -11.09 -6.62
CA PRO A 61 11.59 -10.66 -7.74
C PRO A 61 12.74 -9.76 -7.30
N GLY A 62 13.80 -9.73 -8.11
CA GLY A 62 14.95 -8.90 -7.78
C GLY A 62 14.83 -7.50 -8.36
N SER A 63 13.99 -7.35 -9.37
CA SER A 63 13.80 -6.05 -10.03
C SER A 63 12.76 -5.23 -9.28
N LYS A 64 12.90 -5.14 -7.96
CA LYS A 64 11.98 -4.39 -7.13
C LYS A 64 11.94 -2.93 -7.57
N ASN A 65 12.92 -2.52 -8.37
CA ASN A 65 12.99 -1.14 -8.85
C ASN A 65 11.94 -0.90 -9.94
N LEU A 66 11.22 -1.95 -10.30
CA LEU A 66 10.17 -1.86 -11.31
C LEU A 66 9.05 -0.93 -10.86
N SER A 67 8.28 -0.42 -11.83
CA SER A 67 7.17 0.48 -11.52
C SER A 67 6.16 -0.20 -10.60
N ILE A 68 5.24 0.60 -10.06
CA ILE A 68 4.20 0.08 -9.17
C ILE A 68 3.09 -0.60 -9.96
N TYR A 69 2.99 -0.27 -11.23
CA TYR A 69 1.96 -0.83 -12.10
C TYR A 69 2.19 -2.32 -12.31
N GLN A 70 3.46 -2.70 -12.45
CA GLN A 70 3.81 -4.10 -12.66
C GLN A 70 3.60 -4.92 -11.40
N THR A 71 3.95 -4.32 -10.25
CA THR A 71 3.80 -4.99 -8.97
C THR A 71 2.35 -5.36 -8.71
N LEU A 72 1.47 -4.37 -8.71
CA LEU A 72 0.05 -4.59 -8.47
C LEU A 72 -0.54 -5.49 -9.55
N LEU A 73 -0.20 -5.22 -10.81
CA LEU A 73 -0.69 -6.00 -11.93
C LEU A 73 -0.31 -7.47 -11.77
N ALA A 74 0.97 -7.72 -11.54
CA ALA A 74 1.48 -9.09 -11.38
C ALA A 74 0.73 -9.80 -10.25
N ALA A 75 0.70 -9.18 -9.08
CA ALA A 75 0.03 -9.76 -7.92
C ALA A 75 -1.40 -10.15 -8.27
N HIS A 76 -2.15 -9.21 -8.82
CA HIS A 76 -3.54 -9.46 -9.21
C HIS A 76 -3.65 -10.70 -10.09
N GLU A 77 -2.97 -10.67 -11.23
CA GLU A 77 -2.98 -11.79 -12.16
C GLU A 77 -2.55 -13.08 -11.47
N ARG A 78 -1.59 -12.97 -10.56
CA ARG A 78 -1.09 -14.13 -9.83
C ARG A 78 -2.16 -14.69 -8.91
N LEU A 79 -3.01 -13.83 -8.38
CA LEU A 79 -4.08 -14.24 -7.48
C LEU A 79 -5.10 -15.12 -8.21
N GLN A 80 -5.34 -14.80 -9.48
CA GLN A 80 -6.28 -15.56 -10.29
C GLN A 80 -5.55 -16.46 -11.28
N ALA A 81 -4.40 -16.97 -10.86
CA ALA A 81 -3.60 -17.85 -11.72
C ALA A 81 -3.95 -19.31 -11.48
N LEU A 82 -4.19 -19.66 -10.22
CA LEU A 82 -4.53 -21.03 -9.85
C LEU A 82 -6.04 -21.21 -9.78
N HIS B 3 -41.06 -10.51 5.84
CA HIS B 3 -39.98 -11.14 5.09
C HIS B 3 -38.97 -11.78 6.05
N MET B 4 -38.85 -13.11 5.96
CA MET B 4 -37.92 -13.85 6.82
C MET B 4 -37.15 -14.89 6.01
N ASP B 5 -35.99 -15.28 6.51
CA ASP B 5 -35.15 -16.27 5.84
C ASP B 5 -35.90 -17.58 5.68
N PRO B 6 -35.46 -18.40 4.71
CA PRO B 6 -36.08 -19.70 4.43
C PRO B 6 -35.81 -20.72 5.54
N LEU B 7 -34.55 -20.81 5.94
CA LEU B 7 -34.16 -21.75 7.00
C LEU B 7 -32.70 -21.53 7.41
N THR B 8 -32.24 -22.33 8.36
CA THR B 8 -30.87 -22.22 8.84
C THR B 8 -30.04 -23.43 8.42
N PRO B 9 -29.29 -23.27 7.32
CA PRO B 9 -28.43 -24.35 6.79
C PRO B 9 -27.24 -24.63 7.68
N ASP B 10 -26.33 -25.48 7.21
CA ASP B 10 -25.14 -25.83 7.97
C ASP B 10 -24.36 -24.59 8.38
N ALA B 11 -24.28 -24.35 9.68
CA ALA B 11 -23.57 -23.19 10.21
C ALA B 11 -23.17 -23.40 11.67
N SER B 12 -21.89 -23.69 11.88
CA SER B 12 -21.38 -23.92 13.22
C SER B 12 -22.29 -24.86 14.00
N GLU B 13 -22.11 -26.16 13.79
CA GLU B 13 -22.94 -27.16 14.48
C GLU B 13 -22.22 -27.68 15.73
N SER B 14 -21.19 -28.49 15.52
CA SER B 14 -20.43 -29.07 16.62
C SER B 14 -19.15 -28.28 16.86
N VAL B 15 -19.22 -26.97 16.68
CA VAL B 15 -18.07 -26.10 16.88
C VAL B 15 -18.29 -25.14 18.04
N ASN B 16 -17.23 -24.86 18.78
CA ASN B 16 -17.31 -23.95 19.92
C ASN B 16 -17.27 -22.49 19.46
N ASN B 17 -18.09 -21.67 20.10
CA ASN B 17 -18.14 -20.24 19.76
C ASN B 17 -18.30 -19.39 21.02
N ILE B 18 -18.07 -18.09 20.88
CA ILE B 18 -18.19 -17.17 21.99
C ILE B 18 -18.74 -15.82 21.54
N LEU B 19 -18.82 -14.87 22.47
CA LEU B 19 -19.33 -13.54 22.16
C LEU B 19 -18.62 -12.95 20.95
N LYS B 20 -19.15 -11.84 20.44
CA LYS B 20 -18.56 -11.17 19.29
C LYS B 20 -18.66 -9.66 19.43
N GLN B 21 -17.81 -8.94 18.70
CA GLN B 21 -17.81 -7.49 18.74
C GLN B 21 -17.31 -6.90 17.42
N SER B 22 -17.25 -5.58 17.35
CA SER B 22 -16.80 -4.90 16.14
C SER B 22 -16.70 -3.39 16.37
N GLY B 23 -16.11 -2.70 15.41
CA GLY B 23 -15.96 -1.25 15.52
C GLY B 23 -14.54 -0.79 15.30
N ALA B 24 -14.35 0.04 14.28
CA ALA B 24 -13.02 0.55 13.95
C ALA B 24 -13.11 1.75 13.01
N TRP B 25 -12.02 2.52 12.92
CA TRP B 25 -11.99 3.69 12.06
C TRP B 25 -10.85 3.57 11.05
N SER B 26 -11.16 3.80 9.78
CA SER B 26 -10.17 3.72 8.71
C SER B 26 -10.74 4.24 7.40
N GLY B 27 -9.86 4.53 6.45
CA GLY B 27 -10.30 5.02 5.16
C GLY B 27 -9.18 5.00 4.12
N ASP B 28 -8.02 5.52 4.50
CA ASP B 28 -6.88 5.56 3.60
C ASP B 28 -6.03 4.29 3.73
N ASP B 29 -6.01 3.73 4.93
CA ASP B 29 -5.24 2.51 5.19
C ASP B 29 -5.52 1.46 4.13
N LYS B 30 -6.75 1.45 3.63
CA LYS B 30 -7.16 0.49 2.60
C LYS B 30 -6.13 0.45 1.46
N LEU B 31 -5.82 1.61 0.91
CA LEU B 31 -4.85 1.69 -0.18
C LEU B 31 -3.45 1.92 0.36
N GLN B 32 -3.35 2.58 1.50
CA GLN B 32 -2.06 2.85 2.12
C GLN B 32 -1.23 1.57 2.23
N LYS B 33 -1.84 0.51 2.72
CA LYS B 33 -1.16 -0.77 2.88
C LYS B 33 -0.42 -1.15 1.59
N TRP B 34 -1.15 -1.12 0.48
CA TRP B 34 -0.56 -1.46 -0.82
C TRP B 34 0.60 -0.54 -1.15
N VAL B 35 0.32 0.75 -1.26
CA VAL B 35 1.34 1.74 -1.57
C VAL B 35 2.53 1.61 -0.64
N ARG B 36 2.28 1.69 0.67
CA ARG B 36 3.33 1.59 1.66
C ARG B 36 4.27 0.42 1.34
N VAL B 37 3.68 -0.71 0.96
CA VAL B 37 4.46 -1.89 0.62
C VAL B 37 5.28 -1.67 -0.65
N TYR B 38 4.66 -1.01 -1.63
CA TYR B 38 5.33 -0.74 -2.90
C TYR B 38 6.60 0.09 -2.67
N LEU B 39 6.48 1.13 -1.86
CA LEU B 39 7.61 2.00 -1.57
C LEU B 39 8.54 1.36 -0.54
N ASP B 40 7.98 0.51 0.31
CA ASP B 40 8.75 -0.17 1.34
C ASP B 40 9.63 -1.26 0.73
N ARG B 41 9.13 -1.88 -0.33
CA ARG B 41 9.87 -2.95 -1.00
C ARG B 41 10.76 -2.37 -2.11
N GLY B 42 10.32 -1.27 -2.71
CA GLY B 42 11.09 -0.65 -3.76
C GLY B 42 12.38 -0.03 -3.27
N GLN B 43 12.33 0.55 -2.06
CA GLN B 43 13.50 1.17 -1.48
C GLN B 43 13.32 1.36 0.03
N GLU B 44 12.51 2.34 0.40
CA GLU B 44 12.25 2.62 1.81
C GLU B 44 10.97 3.43 1.98
N ALA B 45 10.69 3.83 3.22
CA ALA B 45 9.50 4.62 3.51
C ALA B 45 9.60 6.02 2.94
N ILE B 46 8.45 6.63 2.66
CA ILE B 46 8.42 7.98 2.12
C ILE B 46 7.12 8.70 2.50
N LYS B 47 7.26 9.92 2.99
CA LYS B 47 6.11 10.72 3.40
C LYS B 47 5.93 11.92 2.48
N MET A 4 3.18 15.96 8.96
CA MET A 4 4.38 16.77 8.85
C MET A 4 5.62 15.98 9.26
N ASP A 5 6.25 15.34 8.29
CA ASP A 5 7.45 14.55 8.55
C ASP A 5 8.58 15.43 9.10
N ASN A 6 9.55 14.80 9.74
CA ASN A 6 10.68 15.52 10.32
C ASN A 6 12.00 14.92 9.84
N SER A 7 12.14 14.75 8.53
CA SER A 7 13.34 14.18 7.95
C SER A 7 14.00 15.17 6.99
N ALA A 8 14.97 15.94 7.51
CA ALA A 8 15.67 16.92 6.70
C ALA A 8 16.52 16.24 5.63
N SER A 9 16.20 16.53 4.37
CA SER A 9 16.93 15.95 3.25
C SER A 9 17.62 17.04 2.42
N LYS A 10 18.94 16.89 2.27
CA LYS A 10 19.72 17.86 1.50
C LYS A 10 19.11 18.08 0.12
N ASN A 11 19.53 19.16 -0.54
CA ASN A 11 19.02 19.49 -1.87
C ASN A 11 20.15 19.96 -2.78
N SER A 12 19.92 19.87 -4.09
CA SER A 12 20.92 20.29 -5.06
C SER A 12 20.28 20.55 -6.43
N ALA A 13 21.06 21.11 -7.34
CA ALA A 13 20.56 21.41 -8.69
C ALA A 13 20.95 20.31 -9.67
N ILE A 14 20.95 19.07 -9.18
CA ILE A 14 21.30 17.93 -10.02
C ILE A 14 20.09 17.02 -10.25
N SER A 15 19.18 17.00 -9.29
CA SER A 15 17.98 16.19 -9.38
C SER A 15 16.94 16.62 -8.35
N SER A 16 15.68 16.60 -8.75
CA SER A 16 14.58 17.01 -7.88
C SER A 16 14.00 15.79 -7.16
N SER A 17 13.09 16.05 -6.22
CA SER A 17 12.46 14.98 -5.46
C SER A 17 11.32 14.35 -6.25
N ILE A 18 11.67 13.65 -7.32
CA ILE A 18 10.67 13.00 -8.16
C ILE A 18 10.40 11.57 -7.68
N PHE A 19 11.44 10.91 -7.18
CA PHE A 19 11.31 9.54 -6.68
C PHE A 19 10.15 9.43 -5.69
N CYS A 20 10.06 10.40 -4.79
CA CYS A 20 9.00 10.41 -3.78
C CYS A 20 7.66 10.82 -4.41
N GLU A 21 7.72 11.72 -5.39
CA GLU A 21 6.53 12.19 -6.06
C GLU A 21 5.68 11.02 -6.56
N LYS A 22 6.34 9.91 -6.86
CA LYS A 22 5.66 8.72 -7.34
C LYS A 22 4.50 8.35 -6.43
N TYR A 23 4.60 8.71 -5.17
CA TYR A 23 3.55 8.43 -4.20
C TYR A 23 2.18 8.82 -4.73
N LYS A 24 2.16 9.85 -5.56
CA LYS A 24 0.91 10.34 -6.15
C LYS A 24 0.35 9.32 -7.14
N GLN A 25 1.14 8.99 -8.15
CA GLN A 25 0.72 8.02 -9.16
C GLN A 25 0.34 6.70 -8.52
N THR A 26 1.20 6.20 -7.66
CA THR A 26 0.96 4.93 -6.97
C THR A 26 -0.34 4.97 -6.18
N LYS A 27 -0.47 5.98 -5.32
CA LYS A 27 -1.67 6.13 -4.51
C LYS A 27 -2.93 6.08 -5.37
N GLU A 28 -2.93 6.86 -6.45
CA GLU A 28 -4.07 6.91 -7.36
C GLU A 28 -4.37 5.52 -7.92
N GLN A 29 -3.34 4.85 -8.40
CA GLN A 29 -3.48 3.51 -8.96
C GLN A 29 -4.11 2.56 -7.96
N ALA A 30 -3.77 2.74 -6.69
CA ALA A 30 -4.30 1.90 -5.62
C ALA A 30 -5.79 2.15 -5.41
N LEU A 31 -6.13 3.38 -5.06
CA LEU A 31 -7.53 3.76 -4.83
C LEU A 31 -8.38 3.45 -6.06
N THR A 32 -7.81 3.66 -7.24
CA THR A 32 -8.52 3.40 -8.49
C THR A 32 -8.86 1.92 -8.63
N PHE A 33 -7.88 1.06 -8.40
CA PHE A 33 -8.07 -0.38 -8.50
C PHE A 33 -8.91 -0.90 -7.34
N PHE A 34 -8.85 -0.20 -6.21
CA PHE A 34 -9.61 -0.59 -5.03
C PHE A 34 -11.07 -0.18 -5.16
N GLN A 35 -11.30 0.98 -5.78
CA GLN A 35 -12.66 1.48 -5.97
C GLN A 35 -13.31 0.86 -7.21
N GLU A 36 -12.52 0.71 -8.27
CA GLU A 36 -13.02 0.13 -9.51
C GLU A 36 -13.26 -1.36 -9.35
N HIS A 37 -12.37 -2.02 -8.60
CA HIS A 37 -12.48 -3.46 -8.37
C HIS A 37 -12.27 -3.79 -6.90
N PRO A 38 -13.25 -3.43 -6.06
CA PRO A 38 -13.19 -3.68 -4.62
C PRO A 38 -13.32 -5.16 -4.29
N GLN A 39 -12.20 -5.88 -4.35
CA GLN A 39 -12.20 -7.31 -4.06
C GLN A 39 -12.66 -7.56 -2.62
N TYR A 40 -12.25 -6.70 -1.71
CA TYR A 40 -12.63 -6.83 -0.30
C TYR A 40 -14.13 -6.79 -0.13
N MET A 41 -14.81 -6.03 -0.99
CA MET A 41 -16.25 -5.90 -0.94
C MET A 41 -16.93 -7.16 -1.49
N ARG A 42 -16.20 -7.90 -2.32
CA ARG A 42 -16.74 -9.12 -2.92
C ARG A 42 -16.46 -10.32 -2.01
N SER A 43 -15.23 -10.42 -1.51
CA SER A 43 -14.84 -11.51 -0.65
C SER A 43 -13.66 -11.12 0.23
N LYS A 44 -13.88 -11.12 1.55
CA LYS A 44 -12.83 -10.76 2.50
C LYS A 44 -11.56 -11.56 2.24
N GLU A 45 -11.73 -12.82 1.83
CA GLU A 45 -10.60 -13.70 1.56
C GLU A 45 -9.86 -13.23 0.31
N ASP A 46 -10.61 -12.84 -0.72
CA ASP A 46 -10.02 -12.38 -1.97
C ASP A 46 -8.99 -11.27 -1.71
N GLU A 47 -9.45 -10.19 -1.09
CA GLU A 47 -8.57 -9.06 -0.79
C GLU A 47 -7.36 -9.51 0.00
N GLU A 48 -7.60 -10.28 1.07
CA GLU A 48 -6.53 -10.78 1.91
C GLU A 48 -5.47 -11.50 1.09
N GLN A 49 -5.88 -12.55 0.39
CA GLN A 49 -4.96 -13.32 -0.44
C GLN A 49 -4.19 -12.41 -1.39
N LEU A 50 -4.88 -11.44 -1.97
CA LEU A 50 -4.25 -10.50 -2.89
C LEU A 50 -3.19 -9.66 -2.18
N MET A 51 -3.50 -9.26 -0.95
CA MET A 51 -2.57 -8.45 -0.16
C MET A 51 -1.29 -9.24 0.13
N THR A 52 -1.44 -10.36 0.83
CA THR A 52 -0.29 -11.19 1.17
C THR A 52 0.56 -11.49 -0.05
N GLU A 53 -0.09 -11.89 -1.14
CA GLU A 53 0.61 -12.21 -2.38
C GLU A 53 1.26 -10.96 -2.98
N PHE A 54 0.53 -9.84 -2.90
CA PHE A 54 1.02 -8.57 -3.44
C PHE A 54 2.30 -8.14 -2.73
N LYS A 55 2.44 -8.56 -1.48
CA LYS A 55 3.61 -8.21 -0.68
C LYS A 55 4.76 -9.18 -0.95
N LYS A 56 4.42 -10.44 -1.20
CA LYS A 56 5.41 -11.46 -1.48
C LYS A 56 5.94 -11.33 -2.90
N VAL A 57 5.08 -10.89 -3.82
CA VAL A 57 5.46 -10.72 -5.21
C VAL A 57 6.33 -9.48 -5.39
N LEU A 58 6.36 -8.63 -4.38
CA LEU A 58 7.15 -7.40 -4.42
C LEU A 58 8.60 -7.68 -4.01
N LEU A 59 8.78 -8.55 -3.03
CA LEU A 59 10.11 -8.91 -2.55
C LEU A 59 10.65 -10.12 -3.28
N GLU A 60 9.75 -11.00 -3.72
CA GLU A 60 10.14 -12.20 -4.44
C GLU A 60 11.15 -11.88 -5.53
N PRO A 61 10.75 -11.03 -6.48
CA PRO A 61 11.60 -10.61 -7.60
C PRO A 61 12.76 -9.72 -7.15
N GLY A 62 13.81 -9.65 -7.96
CA GLY A 62 14.96 -8.83 -7.62
C GLY A 62 14.84 -7.43 -8.18
N SER A 63 14.01 -7.27 -9.21
CA SER A 63 13.82 -5.96 -9.83
C SER A 63 12.74 -5.16 -9.11
N LYS A 64 12.84 -5.11 -7.79
CA LYS A 64 11.88 -4.38 -6.97
C LYS A 64 11.81 -2.91 -7.39
N ASN A 65 12.82 -2.47 -8.13
CA ASN A 65 12.87 -1.09 -8.60
C ASN A 65 11.87 -0.86 -9.73
N LEU A 66 11.16 -1.91 -10.12
CA LEU A 66 10.17 -1.83 -11.18
C LEU A 66 9.03 -0.89 -10.79
N SER A 67 8.26 -0.47 -11.79
CA SER A 67 7.14 0.43 -11.56
C SER A 67 6.04 -0.26 -10.76
N ILE A 68 5.27 0.52 -10.01
CA ILE A 68 4.19 -0.03 -9.20
C ILE A 68 3.10 -0.64 -10.08
N TYR A 69 3.08 -0.23 -11.35
CA TYR A 69 2.09 -0.75 -12.29
C TYR A 69 2.20 -2.26 -12.43
N GLN A 70 3.43 -2.76 -12.53
CA GLN A 70 3.68 -4.19 -12.66
C GLN A 70 3.41 -4.91 -11.35
N THR A 71 3.77 -4.27 -10.25
CA THR A 71 3.58 -4.86 -8.92
C THR A 71 2.14 -5.34 -8.74
N LEU A 72 1.18 -4.45 -9.00
CA LEU A 72 -0.23 -4.79 -8.88
C LEU A 72 -0.68 -5.68 -10.02
N LEU A 73 -0.18 -5.41 -11.21
CA LEU A 73 -0.52 -6.20 -12.40
C LEU A 73 -0.22 -7.67 -12.18
N ALA A 74 0.98 -7.95 -11.67
CA ALA A 74 1.40 -9.33 -11.41
C ALA A 74 0.67 -9.90 -10.20
N ALA A 75 0.64 -9.14 -9.11
CA ALA A 75 -0.02 -9.58 -7.89
C ALA A 75 -1.49 -9.93 -8.16
N HIS A 76 -2.12 -9.15 -9.02
CA HIS A 76 -3.53 -9.36 -9.37
C HIS A 76 -3.67 -10.59 -10.26
N GLU A 77 -2.99 -10.59 -11.39
CA GLU A 77 -3.05 -11.69 -12.34
C GLU A 77 -2.67 -13.01 -11.65
N ARG A 78 -1.73 -12.92 -10.71
CA ARG A 78 -1.27 -14.10 -9.99
C ARG A 78 -2.36 -14.62 -9.04
N LEU A 79 -3.15 -13.70 -8.51
CA LEU A 79 -4.24 -14.06 -7.60
C LEU A 79 -5.27 -14.95 -8.30
N GLN A 80 -5.49 -14.68 -9.58
CA GLN A 80 -6.45 -15.45 -10.37
C GLN A 80 -5.74 -16.42 -11.29
N ALA A 81 -4.60 -16.94 -10.85
CA ALA A 81 -3.83 -17.88 -11.65
C ALA A 81 -3.96 -19.30 -11.10
N LEU A 82 -3.29 -20.25 -11.74
CA LEU A 82 -3.33 -21.64 -11.32
C LEU A 82 -2.55 -21.84 -10.03
N HIS B 3 -37.15 7.60 61.80
CA HIS B 3 -35.76 7.16 61.85
C HIS B 3 -35.17 7.07 60.45
N MET B 4 -35.38 8.12 59.66
CA MET B 4 -34.86 8.16 58.29
C MET B 4 -33.85 9.29 58.12
N ASP B 5 -33.09 9.24 57.05
CA ASP B 5 -32.09 10.27 56.76
C ASP B 5 -32.76 11.58 56.34
N PRO B 6 -32.01 12.68 56.45
CA PRO B 6 -32.51 14.02 56.08
C PRO B 6 -32.69 14.17 54.58
N LEU B 7 -31.67 13.76 53.82
CA LEU B 7 -31.72 13.86 52.36
C LEU B 7 -30.50 13.19 51.74
N THR B 8 -30.47 13.13 50.41
CA THR B 8 -29.36 12.52 49.70
C THR B 8 -28.72 13.51 48.72
N PRO B 9 -27.62 14.14 49.15
CA PRO B 9 -26.90 15.12 48.34
C PRO B 9 -26.17 14.47 47.16
N ASP B 10 -25.82 15.27 46.17
CA ASP B 10 -25.14 14.77 44.99
C ASP B 10 -23.65 14.54 45.28
N ALA B 11 -23.03 13.66 44.50
CA ALA B 11 -21.61 13.35 44.69
C ALA B 11 -20.83 13.57 43.39
N SER B 12 -21.14 14.66 42.70
CA SER B 12 -20.47 14.99 41.45
C SER B 12 -20.73 16.44 41.05
N GLU B 13 -19.66 17.13 40.66
CA GLU B 13 -19.77 18.53 40.26
C GLU B 13 -19.05 18.77 38.93
N SER B 14 -17.72 18.80 38.97
CA SER B 14 -16.93 19.02 37.78
C SER B 14 -16.32 17.71 37.27
N VAL B 15 -17.07 16.62 37.44
CA VAL B 15 -16.61 15.31 37.00
C VAL B 15 -16.65 15.19 35.49
N ASN B 16 -15.68 14.48 34.92
CA ASN B 16 -15.60 14.29 33.48
C ASN B 16 -14.90 12.98 33.13
N ASN B 17 -14.77 12.71 31.84
CA ASN B 17 -14.10 11.49 31.38
C ASN B 17 -13.73 11.60 29.91
N ILE B 18 -12.66 10.92 29.52
CA ILE B 18 -12.20 10.94 28.14
C ILE B 18 -12.19 9.53 27.55
N LEU B 19 -12.88 9.37 26.42
CA LEU B 19 -12.96 8.08 25.75
C LEU B 19 -11.58 7.59 25.35
N LYS B 20 -11.26 6.35 25.70
CA LYS B 20 -9.97 5.77 25.37
C LYS B 20 -10.07 4.86 24.15
N GLN B 21 -9.93 5.45 22.97
CA GLN B 21 -10.02 4.69 21.72
C GLN B 21 -8.73 4.85 20.90
N SER B 22 -7.94 3.79 20.85
CA SER B 22 -6.68 3.82 20.10
C SER B 22 -6.15 2.40 19.89
N GLY B 23 -5.44 2.21 18.79
CA GLY B 23 -4.88 0.90 18.49
C GLY B 23 -5.54 0.25 17.29
N ALA B 24 -5.93 1.07 16.31
CA ALA B 24 -6.58 0.58 15.11
C ALA B 24 -6.42 1.57 13.96
N TRP B 25 -6.76 1.12 12.75
CA TRP B 25 -6.67 1.97 11.57
C TRP B 25 -7.78 1.66 10.58
N SER B 26 -8.11 2.63 9.75
CA SER B 26 -9.17 2.46 8.76
C SER B 26 -9.30 3.70 7.88
N GLY B 27 -9.91 3.54 6.70
CA GLY B 27 -10.09 4.65 5.79
C GLY B 27 -9.02 4.68 4.71
N ASP B 28 -7.82 5.15 5.07
CA ASP B 28 -6.72 5.23 4.13
C ASP B 28 -5.91 3.94 4.13
N ASP B 29 -5.80 3.32 5.29
CA ASP B 29 -5.04 2.08 5.43
C ASP B 29 -5.37 1.12 4.29
N LYS B 30 -6.61 1.18 3.81
CA LYS B 30 -7.05 0.31 2.73
C LYS B 30 -6.03 0.31 1.59
N LEU B 31 -5.75 1.49 1.05
CA LEU B 31 -4.80 1.62 -0.05
C LEU B 31 -3.39 1.90 0.49
N GLN B 32 -3.32 2.59 1.61
CA GLN B 32 -2.03 2.92 2.21
C GLN B 32 -1.15 1.68 2.33
N LYS B 33 -1.74 0.58 2.81
CA LYS B 33 -1.02 -0.67 2.96
C LYS B 33 -0.28 -1.04 1.68
N TRP B 34 -1.00 -1.00 0.57
CA TRP B 34 -0.41 -1.33 -0.73
C TRP B 34 0.75 -0.40 -1.05
N VAL B 35 0.47 0.89 -1.11
CA VAL B 35 1.50 1.89 -1.41
C VAL B 35 2.69 1.75 -0.46
N ARG B 36 2.41 1.79 0.84
CA ARG B 36 3.47 1.67 1.84
C ARG B 36 4.40 0.51 1.51
N VAL B 37 3.83 -0.60 1.08
CA VAL B 37 4.61 -1.79 0.74
C VAL B 37 5.38 -1.57 -0.57
N TYR B 38 4.76 -0.86 -1.50
CA TYR B 38 5.39 -0.59 -2.79
C TYR B 38 6.69 0.18 -2.60
N LEU B 39 6.67 1.19 -1.74
CA LEU B 39 7.85 2.00 -1.47
C LEU B 39 8.75 1.32 -0.46
N ASP B 40 8.16 0.51 0.41
CA ASP B 40 8.92 -0.21 1.42
C ASP B 40 9.75 -1.33 0.79
N ARG B 41 9.22 -1.92 -0.28
CA ARG B 41 9.91 -3.01 -0.97
C ARG B 41 10.83 -2.47 -2.04
N GLY B 42 10.44 -1.34 -2.65
CA GLY B 42 11.25 -0.74 -3.69
C GLY B 42 12.67 -0.44 -3.22
N GLN B 43 12.82 0.59 -2.41
CA GLN B 43 14.12 0.98 -1.90
C GLN B 43 14.05 1.32 -0.42
N GLU B 44 13.07 2.14 -0.05
CA GLU B 44 12.90 2.55 1.34
C GLU B 44 11.64 3.39 1.50
N ALA B 45 11.33 3.76 2.74
CA ALA B 45 10.15 4.57 3.04
C ALA B 45 10.28 5.97 2.44
N ILE B 46 9.15 6.64 2.27
CA ILE B 46 9.13 7.99 1.71
C ILE B 46 7.94 8.79 2.22
N LYS B 47 8.20 10.00 2.68
CA LYS B 47 7.14 10.87 3.18
C LYS B 47 7.43 12.33 2.86
#